data_9FW7
# 
_entry.id   9FW7 
# 
_audit_conform.dict_name       mmcif_pdbx.dic 
_audit_conform.dict_version    5.408 
_audit_conform.dict_location   http://mmcif.pdb.org/dictionaries/ascii/mmcif_pdbx.dic 
# 
loop_
_database_2.database_id 
_database_2.database_code 
_database_2.pdbx_database_accession 
_database_2.pdbx_DOI 
PDB   9FW7         pdb_00009fw7 10.2210/pdb9fw7/pdb 
WWPDB D_1292139841 ?            ?                   
# 
loop_
_pdbx_audit_revision_history.ordinal 
_pdbx_audit_revision_history.data_content_type 
_pdbx_audit_revision_history.major_revision 
_pdbx_audit_revision_history.minor_revision 
_pdbx_audit_revision_history.revision_date 
_pdbx_audit_revision_history.part_number 
1 'Structure model' 1 0 2025-07-09 ? 
2 'Structure model' 1 1 2025-12-10 ? 
3 'Structure model' 1 2 2025-12-17 ? 
# 
_pdbx_audit_revision_details.ordinal             1 
_pdbx_audit_revision_details.revision_ordinal    1 
_pdbx_audit_revision_details.data_content_type   'Structure model' 
_pdbx_audit_revision_details.provider            repository 
_pdbx_audit_revision_details.type                'Initial release' 
_pdbx_audit_revision_details.description         ? 
_pdbx_audit_revision_details.details             ? 
# 
loop_
_pdbx_audit_revision_group.ordinal 
_pdbx_audit_revision_group.revision_ordinal 
_pdbx_audit_revision_group.data_content_type 
_pdbx_audit_revision_group.group 
1 2 'Structure model' 'Database references' 
2 3 'Structure model' 'Database references' 
# 
loop_
_pdbx_audit_revision_category.ordinal 
_pdbx_audit_revision_category.revision_ordinal 
_pdbx_audit_revision_category.data_content_type 
_pdbx_audit_revision_category.category 
1 2 'Structure model' citation        
2 2 'Structure model' citation_author 
3 3 'Structure model' citation        
# 
loop_
_pdbx_audit_revision_item.ordinal 
_pdbx_audit_revision_item.revision_ordinal 
_pdbx_audit_revision_item.data_content_type 
_pdbx_audit_revision_item.item 
1  2 'Structure model' '_citation.country'                 
2  2 'Structure model' '_citation.journal_abbrev'          
3  2 'Structure model' '_citation.journal_id_ASTM'         
4  2 'Structure model' '_citation.journal_id_CSD'          
5  2 'Structure model' '_citation.journal_id_ISSN'         
6  2 'Structure model' '_citation.pdbx_database_id_DOI'    
7  2 'Structure model' '_citation.title'                   
8  2 'Structure model' '_citation.year'                    
9  3 'Structure model' '_citation.pdbx_database_id_PubMed' 
10 3 'Structure model' '_citation.title'                   
# 
_pdbx_database_status.status_code                     REL 
_pdbx_database_status.status_code_sf                  REL 
_pdbx_database_status.status_code_mr                  ? 
_pdbx_database_status.entry_id                        9FW7 
_pdbx_database_status.recvd_initial_deposition_date   2024-06-28 
_pdbx_database_status.SG_entry                        N 
_pdbx_database_status.deposit_site                    PDBE 
_pdbx_database_status.process_site                    PDBE 
_pdbx_database_status.status_code_cs                  ? 
_pdbx_database_status.status_code_nmr_data            ? 
_pdbx_database_status.methods_development_category    ? 
_pdbx_database_status.pdb_format_compatible           Y 
# 
_pdbx_database_related.db_name        PDB 
_pdbx_database_related.details        . 
_pdbx_database_related.db_id          9FW5 
_pdbx_database_related.content_type   unspecified 
# 
_pdbx_contact_author.id                 2 
_pdbx_contact_author.email              gustav.oberdorfer@tugraz.at 
_pdbx_contact_author.name_first         Gustav 
_pdbx_contact_author.name_last          Oberdorfer 
_pdbx_contact_author.name_mi            ? 
_pdbx_contact_author.role               'principal investigator/group leader' 
_pdbx_contact_author.identifier_ORCID   0000-0002-6144-9114 
# 
loop_
_audit_author.name 
_audit_author.pdbx_ordinal 
_audit_author.identifier_ORCID 
'Bijelic, A.'    1 0000-0002-8781-153X 
'Braun, M.'      2 0000-0001-6473-3463 
'Stoll, D.'      3 0009-0007-9431-915X 
'Tripp, A.'      4 0000-0001-5217-2400 
'Chakatok, M.'   5 0009-0002-7346-0350 
'Oberdorfer, G.' 6 0000-0002-6144-9114 
# 
_citation.abstract                  ? 
_citation.abstract_id_CAS           ? 
_citation.book_id_ISBN              ? 
_citation.book_publisher            ? 
_citation.book_publisher_city       ? 
_citation.book_title                ? 
_citation.coordinate_linkage        ? 
_citation.country                   UK 
_citation.database_id_Medline       ? 
_citation.details                   ? 
_citation.id                        primary 
_citation.journal_abbrev            Nature 
_citation.journal_id_ASTM           NATUAS 
_citation.journal_id_CSD            0006 
_citation.journal_id_ISSN           1476-4687 
_citation.journal_full              ? 
_citation.journal_issue             ? 
_citation.journal_volume            ? 
_citation.language                  ? 
_citation.page_first                ? 
_citation.page_last                 ? 
_citation.title                     'Computational enzyme design by catalytic motif scaffolding.' 
_citation.year                      2025 
_citation.database_id_CSD           ? 
_citation.pdbx_database_id_DOI      10.1038/s41586-025-09747-9 
_citation.pdbx_database_id_PubMed   41339546 
_citation.pdbx_database_id_patent   ? 
_citation.unpublished_flag          ? 
# 
loop_
_citation_author.citation_id 
_citation_author.name 
_citation_author.ordinal 
_citation_author.identifier_ORCID 
primary 'Braun, M.'         1  ? 
primary 'Tripp, A.'         2  ? 
primary 'Chakatok, M.'      3  ? 
primary 'Kaltenbrunner, S.' 4  ? 
primary 'Fischer, C.'       5  ? 
primary 'Stoll, D.'         6  ? 
primary 'Bijelic, A.'       7  ? 
primary 'Elaily, W.'        8  ? 
primary 'Totaro, M.G.'      9  ? 
primary 'Moser, M.'         10 ? 
primary 'Hoch, S.Y.'        11 ? 
primary 'Lechner, H.'       12 ? 
primary 'Rossi, F.'         13 ? 
primary 'Aleotti, M.'       14 ? 
primary 'Hall, M.'          15 ? 
primary 'Oberdorfer, G.'    16 ? 
# 
loop_
_entity.id 
_entity.type 
_entity.src_method 
_entity.pdbx_description 
_entity.formula_weight 
_entity.pdbx_number_of_molecules 
_entity.pdbx_ec 
_entity.pdbx_mutation 
_entity.pdbx_fragment 
_entity.details 
1 polymer man 'Retroaldolase 32 (RAD32)' 22922.451 1  ? ? ? ? 
2 water   nat water                      18.015    39 ? ? ? ? 
# 
_entity_poly.entity_id                      1 
_entity_poly.type                           'polypeptide(L)' 
_entity_poly.nstd_linkage                   no 
_entity_poly.nstd_monomer                   no 
_entity_poly.pdbx_seq_one_letter_code       
;MLEKAKEAIKEAIENRDELVEPYVERAKKLAEEIKKYVEGGVEAIVEAIKNGDLEVLAMLLKGIFYHGFYGEREEAIELL
EKLAKAVKNLEQRLMSLLYAELLRYMEEKGISWEEFAPQYLTLITILLPTYEKLKEAGVVTESTSLEELREIIKLVLENL
PEPSELEKEATKEVEPINKKMGEYLSFEELKEVVEGVANG
;
_entity_poly.pdbx_seq_one_letter_code_can   
;MLEKAKEAIKEAIENRDELVEPYVERAKKLAEEIKKYVEGGVEAIVEAIKNGDLEVLAMLLKGIFYHGFYGEREEAIELL
EKLAKAVKNLEQRLMSLLYAELLRYMEEKGISWEEFAPQYLTLITILLPTYEKLKEAGVVTESTSLEELREIIKLVLENL
PEPSELEKEATKEVEPINKKMGEYLSFEELKEVVEGVANG
;
_entity_poly.pdbx_strand_id                 A 
_entity_poly.pdbx_target_identifier         ? 
# 
_pdbx_entity_nonpoly.entity_id   2 
_pdbx_entity_nonpoly.name        water 
_pdbx_entity_nonpoly.comp_id     HOH 
# 
loop_
_entity_poly_seq.entity_id 
_entity_poly_seq.num 
_entity_poly_seq.mon_id 
_entity_poly_seq.hetero 
1 1   MET n 
1 2   LEU n 
1 3   GLU n 
1 4   LYS n 
1 5   ALA n 
1 6   LYS n 
1 7   GLU n 
1 8   ALA n 
1 9   ILE n 
1 10  LYS n 
1 11  GLU n 
1 12  ALA n 
1 13  ILE n 
1 14  GLU n 
1 15  ASN n 
1 16  ARG n 
1 17  ASP n 
1 18  GLU n 
1 19  LEU n 
1 20  VAL n 
1 21  GLU n 
1 22  PRO n 
1 23  TYR n 
1 24  VAL n 
1 25  GLU n 
1 26  ARG n 
1 27  ALA n 
1 28  LYS n 
1 29  LYS n 
1 30  LEU n 
1 31  ALA n 
1 32  GLU n 
1 33  GLU n 
1 34  ILE n 
1 35  LYS n 
1 36  LYS n 
1 37  TYR n 
1 38  VAL n 
1 39  GLU n 
1 40  GLY n 
1 41  GLY n 
1 42  VAL n 
1 43  GLU n 
1 44  ALA n 
1 45  ILE n 
1 46  VAL n 
1 47  GLU n 
1 48  ALA n 
1 49  ILE n 
1 50  LYS n 
1 51  ASN n 
1 52  GLY n 
1 53  ASP n 
1 54  LEU n 
1 55  GLU n 
1 56  VAL n 
1 57  LEU n 
1 58  ALA n 
1 59  MET n 
1 60  LEU n 
1 61  LEU n 
1 62  LYS n 
1 63  GLY n 
1 64  ILE n 
1 65  PHE n 
1 66  TYR n 
1 67  HIS n 
1 68  GLY n 
1 69  PHE n 
1 70  TYR n 
1 71  GLY n 
1 72  GLU n 
1 73  ARG n 
1 74  GLU n 
1 75  GLU n 
1 76  ALA n 
1 77  ILE n 
1 78  GLU n 
1 79  LEU n 
1 80  LEU n 
1 81  GLU n 
1 82  LYS n 
1 83  LEU n 
1 84  ALA n 
1 85  LYS n 
1 86  ALA n 
1 87  VAL n 
1 88  LYS n 
1 89  ASN n 
1 90  LEU n 
1 91  GLU n 
1 92  GLN n 
1 93  ARG n 
1 94  LEU n 
1 95  MET n 
1 96  SER n 
1 97  LEU n 
1 98  LEU n 
1 99  TYR n 
1 100 ALA n 
1 101 GLU n 
1 102 LEU n 
1 103 LEU n 
1 104 ARG n 
1 105 TYR n 
1 106 MET n 
1 107 GLU n 
1 108 GLU n 
1 109 LYS n 
1 110 GLY n 
1 111 ILE n 
1 112 SER n 
1 113 TRP n 
1 114 GLU n 
1 115 GLU n 
1 116 PHE n 
1 117 ALA n 
1 118 PRO n 
1 119 GLN n 
1 120 TYR n 
1 121 LEU n 
1 122 THR n 
1 123 LEU n 
1 124 ILE n 
1 125 THR n 
1 126 ILE n 
1 127 LEU n 
1 128 LEU n 
1 129 PRO n 
1 130 THR n 
1 131 TYR n 
1 132 GLU n 
1 133 LYS n 
1 134 LEU n 
1 135 LYS n 
1 136 GLU n 
1 137 ALA n 
1 138 GLY n 
1 139 VAL n 
1 140 VAL n 
1 141 THR n 
1 142 GLU n 
1 143 SER n 
1 144 THR n 
1 145 SER n 
1 146 LEU n 
1 147 GLU n 
1 148 GLU n 
1 149 LEU n 
1 150 ARG n 
1 151 GLU n 
1 152 ILE n 
1 153 ILE n 
1 154 LYS n 
1 155 LEU n 
1 156 VAL n 
1 157 LEU n 
1 158 GLU n 
1 159 ASN n 
1 160 LEU n 
1 161 PRO n 
1 162 GLU n 
1 163 PRO n 
1 164 SER n 
1 165 GLU n 
1 166 LEU n 
1 167 GLU n 
1 168 LYS n 
1 169 GLU n 
1 170 ALA n 
1 171 THR n 
1 172 LYS n 
1 173 GLU n 
1 174 VAL n 
1 175 GLU n 
1 176 PRO n 
1 177 ILE n 
1 178 ASN n 
1 179 LYS n 
1 180 LYS n 
1 181 MET n 
1 182 GLY n 
1 183 GLU n 
1 184 TYR n 
1 185 LEU n 
1 186 SER n 
1 187 PHE n 
1 188 GLU n 
1 189 GLU n 
1 190 LEU n 
1 191 LYS n 
1 192 GLU n 
1 193 VAL n 
1 194 VAL n 
1 195 GLU n 
1 196 GLY n 
1 197 VAL n 
1 198 ALA n 
1 199 ASN n 
1 200 GLY n 
# 
_entity_src_gen.entity_id                          1 
_entity_src_gen.pdbx_src_id                        1 
_entity_src_gen.pdbx_alt_source_flag               sample 
_entity_src_gen.pdbx_seq_type                      'Biological sequence' 
_entity_src_gen.pdbx_beg_seq_num                   1 
_entity_src_gen.pdbx_end_seq_num                   200 
_entity_src_gen.gene_src_common_name               ? 
_entity_src_gen.gene_src_genus                     ? 
_entity_src_gen.pdbx_gene_src_gene                 ? 
_entity_src_gen.gene_src_species                   ? 
_entity_src_gen.gene_src_strain                    ? 
_entity_src_gen.gene_src_tissue                    ? 
_entity_src_gen.gene_src_tissue_fraction           ? 
_entity_src_gen.gene_src_details                   ? 
_entity_src_gen.pdbx_gene_src_fragment             ? 
_entity_src_gen.pdbx_gene_src_scientific_name      'synthetic construct' 
_entity_src_gen.pdbx_gene_src_ncbi_taxonomy_id     32630 
_entity_src_gen.pdbx_gene_src_variant              ? 
_entity_src_gen.pdbx_gene_src_cell_line            ? 
_entity_src_gen.pdbx_gene_src_atcc                 ? 
_entity_src_gen.pdbx_gene_src_organ                ? 
_entity_src_gen.pdbx_gene_src_organelle            ? 
_entity_src_gen.pdbx_gene_src_cell                 ? 
_entity_src_gen.pdbx_gene_src_cellular_location    ? 
_entity_src_gen.host_org_common_name               ? 
_entity_src_gen.pdbx_host_org_scientific_name      'Escherichia coli' 
_entity_src_gen.pdbx_host_org_ncbi_taxonomy_id     562 
_entity_src_gen.host_org_genus                     ? 
_entity_src_gen.pdbx_host_org_gene                 ? 
_entity_src_gen.pdbx_host_org_organ                ? 
_entity_src_gen.host_org_species                   ? 
_entity_src_gen.pdbx_host_org_tissue               ? 
_entity_src_gen.pdbx_host_org_tissue_fraction      ? 
_entity_src_gen.pdbx_host_org_strain               ? 
_entity_src_gen.pdbx_host_org_variant              ? 
_entity_src_gen.pdbx_host_org_cell_line            ? 
_entity_src_gen.pdbx_host_org_atcc                 ? 
_entity_src_gen.pdbx_host_org_culture_collection   ? 
_entity_src_gen.pdbx_host_org_cell                 ? 
_entity_src_gen.pdbx_host_org_organelle            ? 
_entity_src_gen.pdbx_host_org_cellular_location    ? 
_entity_src_gen.pdbx_host_org_vector_type          ? 
_entity_src_gen.pdbx_host_org_vector               ? 
_entity_src_gen.host_org_details                   ? 
_entity_src_gen.expression_system_id               ? 
_entity_src_gen.plasmid_name                       ? 
_entity_src_gen.plasmid_details                    ? 
_entity_src_gen.pdbx_description                   ? 
# 
loop_
_chem_comp.id 
_chem_comp.type 
_chem_comp.mon_nstd_flag 
_chem_comp.name 
_chem_comp.pdbx_synonyms 
_chem_comp.formula 
_chem_comp.formula_weight 
ALA 'L-peptide linking' y ALANINE         ? 'C3 H7 N O2'     89.093  
ARG 'L-peptide linking' y ARGININE        ? 'C6 H15 N4 O2 1' 175.209 
ASN 'L-peptide linking' y ASPARAGINE      ? 'C4 H8 N2 O3'    132.118 
ASP 'L-peptide linking' y 'ASPARTIC ACID' ? 'C4 H7 N O4'     133.103 
GLN 'L-peptide linking' y GLUTAMINE       ? 'C5 H10 N2 O3'   146.144 
GLU 'L-peptide linking' y 'GLUTAMIC ACID' ? 'C5 H9 N O4'     147.129 
GLY 'peptide linking'   y GLYCINE         ? 'C2 H5 N O2'     75.067  
HIS 'L-peptide linking' y HISTIDINE       ? 'C6 H10 N3 O2 1' 156.162 
HOH non-polymer         . WATER           ? 'H2 O'           18.015  
ILE 'L-peptide linking' y ISOLEUCINE      ? 'C6 H13 N O2'    131.173 
LEU 'L-peptide linking' y LEUCINE         ? 'C6 H13 N O2'    131.173 
LYS 'L-peptide linking' y LYSINE          ? 'C6 H15 N2 O2 1' 147.195 
MET 'L-peptide linking' y METHIONINE      ? 'C5 H11 N O2 S'  149.211 
PHE 'L-peptide linking' y PHENYLALANINE   ? 'C9 H11 N O2'    165.189 
PRO 'L-peptide linking' y PROLINE         ? 'C5 H9 N O2'     115.130 
SER 'L-peptide linking' y SERINE          ? 'C3 H7 N O3'     105.093 
THR 'L-peptide linking' y THREONINE       ? 'C4 H9 N O3'     119.119 
TRP 'L-peptide linking' y TRYPTOPHAN      ? 'C11 H12 N2 O2'  204.225 
TYR 'L-peptide linking' y TYROSINE        ? 'C9 H11 N O3'    181.189 
VAL 'L-peptide linking' y VALINE          ? 'C5 H11 N O2'    117.146 
# 
loop_
_pdbx_poly_seq_scheme.asym_id 
_pdbx_poly_seq_scheme.entity_id 
_pdbx_poly_seq_scheme.seq_id 
_pdbx_poly_seq_scheme.mon_id 
_pdbx_poly_seq_scheme.ndb_seq_num 
_pdbx_poly_seq_scheme.pdb_seq_num 
_pdbx_poly_seq_scheme.auth_seq_num 
_pdbx_poly_seq_scheme.pdb_mon_id 
_pdbx_poly_seq_scheme.auth_mon_id 
_pdbx_poly_seq_scheme.pdb_strand_id 
_pdbx_poly_seq_scheme.pdb_ins_code 
_pdbx_poly_seq_scheme.hetero 
A 1 1   MET 1   1   ?   ?   ?   A . n 
A 1 2   LEU 2   2   2   LEU LEU A . n 
A 1 3   GLU 3   3   3   GLU GLU A . n 
A 1 4   LYS 4   4   4   LYS LYS A . n 
A 1 5   ALA 5   5   5   ALA ALA A . n 
A 1 6   LYS 6   6   6   LYS LYS A . n 
A 1 7   GLU 7   7   7   GLU GLU A . n 
A 1 8   ALA 8   8   8   ALA ALA A . n 
A 1 9   ILE 9   9   9   ILE ILE A . n 
A 1 10  LYS 10  10  10  LYS LYS A . n 
A 1 11  GLU 11  11  11  GLU GLU A . n 
A 1 12  ALA 12  12  12  ALA ALA A . n 
A 1 13  ILE 13  13  13  ILE ILE A . n 
A 1 14  GLU 14  14  14  GLU GLU A . n 
A 1 15  ASN 15  15  15  ASN ASN A . n 
A 1 16  ARG 16  16  16  ARG ARG A . n 
A 1 17  ASP 17  17  17  ASP ASP A . n 
A 1 18  GLU 18  18  18  GLU GLU A . n 
A 1 19  LEU 19  19  19  LEU LEU A . n 
A 1 20  VAL 20  20  20  VAL VAL A . n 
A 1 21  GLU 21  21  21  GLU GLU A . n 
A 1 22  PRO 22  22  22  PRO PRO A . n 
A 1 23  TYR 23  23  23  TYR TYR A . n 
A 1 24  VAL 24  24  24  VAL VAL A . n 
A 1 25  GLU 25  25  25  GLU GLU A . n 
A 1 26  ARG 26  26  26  ARG ARG A . n 
A 1 27  ALA 27  27  27  ALA ALA A . n 
A 1 28  LYS 28  28  28  LYS LYS A . n 
A 1 29  LYS 29  29  29  LYS LYS A . n 
A 1 30  LEU 30  30  30  LEU LEU A . n 
A 1 31  ALA 31  31  31  ALA ALA A . n 
A 1 32  GLU 32  32  32  GLU GLU A . n 
A 1 33  GLU 33  33  33  GLU GLU A . n 
A 1 34  ILE 34  34  34  ILE ILE A . n 
A 1 35  LYS 35  35  35  LYS LYS A . n 
A 1 36  LYS 36  36  36  LYS LYS A . n 
A 1 37  TYR 37  37  37  TYR TYR A . n 
A 1 38  VAL 38  38  38  VAL VAL A . n 
A 1 39  GLU 39  39  39  GLU GLU A . n 
A 1 40  GLY 40  40  40  GLY GLY A . n 
A 1 41  GLY 41  41  41  GLY GLY A . n 
A 1 42  VAL 42  42  42  VAL VAL A . n 
A 1 43  GLU 43  43  43  GLU GLU A . n 
A 1 44  ALA 44  44  44  ALA ALA A . n 
A 1 45  ILE 45  45  45  ILE ILE A . n 
A 1 46  VAL 46  46  46  VAL VAL A . n 
A 1 47  GLU 47  47  47  GLU GLU A . n 
A 1 48  ALA 48  48  48  ALA ALA A . n 
A 1 49  ILE 49  49  49  ILE ILE A . n 
A 1 50  LYS 50  50  50  LYS LYS A . n 
A 1 51  ASN 51  51  51  ASN ASN A . n 
A 1 52  GLY 52  52  52  GLY GLY A . n 
A 1 53  ASP 53  53  53  ASP ASP A . n 
A 1 54  LEU 54  54  54  LEU LEU A . n 
A 1 55  GLU 55  55  55  GLU GLU A . n 
A 1 56  VAL 56  56  56  VAL VAL A . n 
A 1 57  LEU 57  57  57  LEU LEU A . n 
A 1 58  ALA 58  58  58  ALA ALA A . n 
A 1 59  MET 59  59  59  MET MET A . n 
A 1 60  LEU 60  60  60  LEU LEU A . n 
A 1 61  LEU 61  61  61  LEU LEU A . n 
A 1 62  LYS 62  62  62  LYS LYS A . n 
A 1 63  GLY 63  63  63  GLY GLY A . n 
A 1 64  ILE 64  64  64  ILE ILE A . n 
A 1 65  PHE 65  65  65  PHE PHE A . n 
A 1 66  TYR 66  66  66  TYR TYR A . n 
A 1 67  HIS 67  67  67  HIS HIS A . n 
A 1 68  GLY 68  68  68  GLY GLY A . n 
A 1 69  PHE 69  69  69  PHE PHE A . n 
A 1 70  TYR 70  70  70  TYR TYR A . n 
A 1 71  GLY 71  71  71  GLY GLY A . n 
A 1 72  GLU 72  72  72  GLU GLU A . n 
A 1 73  ARG 73  73  73  ARG ARG A . n 
A 1 74  GLU 74  74  74  GLU GLU A . n 
A 1 75  GLU 75  75  75  GLU GLU A . n 
A 1 76  ALA 76  76  76  ALA ALA A . n 
A 1 77  ILE 77  77  77  ILE ILE A . n 
A 1 78  GLU 78  78  78  GLU GLU A . n 
A 1 79  LEU 79  79  79  LEU LEU A . n 
A 1 80  LEU 80  80  80  LEU LEU A . n 
A 1 81  GLU 81  81  81  GLU GLU A . n 
A 1 82  LYS 82  82  82  LYS LYS A . n 
A 1 83  LEU 83  83  83  LEU LEU A . n 
A 1 84  ALA 84  84  84  ALA ALA A . n 
A 1 85  LYS 85  85  85  LYS LYS A . n 
A 1 86  ALA 86  86  86  ALA ALA A . n 
A 1 87  VAL 87  87  87  VAL VAL A . n 
A 1 88  LYS 88  88  88  LYS LYS A . n 
A 1 89  ASN 89  89  89  ASN ASN A . n 
A 1 90  LEU 90  90  90  LEU LEU A . n 
A 1 91  GLU 91  91  91  GLU GLU A . n 
A 1 92  GLN 92  92  92  GLN GLN A . n 
A 1 93  ARG 93  93  93  ARG ARG A . n 
A 1 94  LEU 94  94  94  LEU LEU A . n 
A 1 95  MET 95  95  95  MET MET A . n 
A 1 96  SER 96  96  96  SER SER A . n 
A 1 97  LEU 97  97  97  LEU LEU A . n 
A 1 98  LEU 98  98  98  LEU LEU A . n 
A 1 99  TYR 99  99  99  TYR TYR A . n 
A 1 100 ALA 100 100 100 ALA ALA A . n 
A 1 101 GLU 101 101 101 GLU GLU A . n 
A 1 102 LEU 102 102 102 LEU LEU A . n 
A 1 103 LEU 103 103 103 LEU LEU A . n 
A 1 104 ARG 104 104 104 ARG ARG A . n 
A 1 105 TYR 105 105 105 TYR TYR A . n 
A 1 106 MET 106 106 106 MET MET A . n 
A 1 107 GLU 107 107 107 GLU GLU A . n 
A 1 108 GLU 108 108 108 GLU GLU A . n 
A 1 109 LYS 109 109 109 LYS LYS A . n 
A 1 110 GLY 110 110 110 GLY GLY A . n 
A 1 111 ILE 111 111 111 ILE ILE A . n 
A 1 112 SER 112 112 112 SER SER A . n 
A 1 113 TRP 113 113 113 TRP TRP A . n 
A 1 114 GLU 114 114 114 GLU GLU A . n 
A 1 115 GLU 115 115 115 GLU GLU A . n 
A 1 116 PHE 116 116 116 PHE PHE A . n 
A 1 117 ALA 117 117 117 ALA ALA A . n 
A 1 118 PRO 118 118 118 PRO PRO A . n 
A 1 119 GLN 119 119 119 GLN GLN A . n 
A 1 120 TYR 120 120 120 TYR TYR A . n 
A 1 121 LEU 121 121 121 LEU LEU A . n 
A 1 122 THR 122 122 122 THR THR A . n 
A 1 123 LEU 123 123 123 LEU LEU A . n 
A 1 124 ILE 124 124 124 ILE ILE A . n 
A 1 125 THR 125 125 125 THR THR A . n 
A 1 126 ILE 126 126 126 ILE ILE A . n 
A 1 127 LEU 127 127 127 LEU LEU A . n 
A 1 128 LEU 128 128 128 LEU LEU A . n 
A 1 129 PRO 129 129 129 PRO PRO A . n 
A 1 130 THR 130 130 130 THR THR A . n 
A 1 131 TYR 131 131 131 TYR TYR A . n 
A 1 132 GLU 132 132 132 GLU GLU A . n 
A 1 133 LYS 133 133 133 LYS LYS A . n 
A 1 134 LEU 134 134 134 LEU LEU A . n 
A 1 135 LYS 135 135 135 LYS LYS A . n 
A 1 136 GLU 136 136 136 GLU GLU A . n 
A 1 137 ALA 137 137 137 ALA ALA A . n 
A 1 138 GLY 138 138 138 GLY GLY A . n 
A 1 139 VAL 139 139 139 VAL VAL A . n 
A 1 140 VAL 140 140 140 VAL VAL A . n 
A 1 141 THR 141 141 141 THR THR A . n 
A 1 142 GLU 142 142 142 GLU GLU A . n 
A 1 143 SER 143 143 143 SER SER A . n 
A 1 144 THR 144 144 144 THR THR A . n 
A 1 145 SER 145 145 145 SER SER A . n 
A 1 146 LEU 146 146 146 LEU LEU A . n 
A 1 147 GLU 147 147 147 GLU GLU A . n 
A 1 148 GLU 148 148 148 GLU GLU A . n 
A 1 149 LEU 149 149 149 LEU LEU A . n 
A 1 150 ARG 150 150 150 ARG ARG A . n 
A 1 151 GLU 151 151 151 GLU GLU A . n 
A 1 152 ILE 152 152 152 ILE ILE A . n 
A 1 153 ILE 153 153 153 ILE ILE A . n 
A 1 154 LYS 154 154 154 LYS LYS A . n 
A 1 155 LEU 155 155 155 LEU LEU A . n 
A 1 156 VAL 156 156 156 VAL VAL A . n 
A 1 157 LEU 157 157 157 LEU LEU A . n 
A 1 158 GLU 158 158 158 GLU GLU A . n 
A 1 159 ASN 159 159 159 ASN ASN A . n 
A 1 160 LEU 160 160 160 LEU LEU A . n 
A 1 161 PRO 161 161 161 PRO PRO A . n 
A 1 162 GLU 162 162 162 GLU GLU A . n 
A 1 163 PRO 163 163 163 PRO PRO A . n 
A 1 164 SER 164 164 164 SER SER A . n 
A 1 165 GLU 165 165 165 GLU GLU A . n 
A 1 166 LEU 166 166 166 LEU LEU A . n 
A 1 167 GLU 167 167 167 GLU GLU A . n 
A 1 168 LYS 168 168 168 LYS LYS A . n 
A 1 169 GLU 169 169 169 GLU GLU A . n 
A 1 170 ALA 170 170 170 ALA ALA A . n 
A 1 171 THR 171 171 171 THR THR A . n 
A 1 172 LYS 172 172 172 LYS LYS A . n 
A 1 173 GLU 173 173 173 GLU GLU A . n 
A 1 174 VAL 174 174 174 VAL VAL A . n 
A 1 175 GLU 175 175 175 GLU GLU A . n 
A 1 176 PRO 176 176 176 PRO PRO A . n 
A 1 177 ILE 177 177 177 ILE ILE A . n 
A 1 178 ASN 178 178 178 ASN ASN A . n 
A 1 179 LYS 179 179 179 LYS LYS A . n 
A 1 180 LYS 180 180 180 LYS LYS A . n 
A 1 181 MET 181 181 181 MET MET A . n 
A 1 182 GLY 182 182 182 GLY GLY A . n 
A 1 183 GLU 183 183 183 GLU GLU A . n 
A 1 184 TYR 184 184 184 TYR TYR A . n 
A 1 185 LEU 185 185 185 LEU LEU A . n 
A 1 186 SER 186 186 186 SER SER A . n 
A 1 187 PHE 187 187 187 PHE PHE A . n 
A 1 188 GLU 188 188 188 GLU GLU A . n 
A 1 189 GLU 189 189 189 GLU GLU A . n 
A 1 190 LEU 190 190 190 LEU LEU A . n 
A 1 191 LYS 191 191 191 LYS LYS A . n 
A 1 192 GLU 192 192 192 GLU GLU A . n 
A 1 193 VAL 193 193 193 VAL VAL A . n 
A 1 194 VAL 194 194 194 VAL VAL A . n 
A 1 195 GLU 195 195 195 GLU GLU A . n 
A 1 196 GLY 196 196 196 GLY GLY A . n 
A 1 197 VAL 197 197 197 VAL VAL A . n 
A 1 198 ALA 198 198 198 ALA ALA A . n 
A 1 199 ASN 199 199 199 ASN ASN A . n 
A 1 200 GLY 200 200 200 GLY GLY A . n 
# 
loop_
_pdbx_nonpoly_scheme.asym_id 
_pdbx_nonpoly_scheme.entity_id 
_pdbx_nonpoly_scheme.mon_id 
_pdbx_nonpoly_scheme.ndb_seq_num 
_pdbx_nonpoly_scheme.pdb_seq_num 
_pdbx_nonpoly_scheme.auth_seq_num 
_pdbx_nonpoly_scheme.pdb_mon_id 
_pdbx_nonpoly_scheme.auth_mon_id 
_pdbx_nonpoly_scheme.pdb_strand_id 
_pdbx_nonpoly_scheme.pdb_ins_code 
B 2 HOH 1  301 29 HOH HOH A . 
B 2 HOH 2  302 32 HOH HOH A . 
B 2 HOH 3  303 23 HOH HOH A . 
B 2 HOH 4  304 7  HOH HOH A . 
B 2 HOH 5  305 18 HOH HOH A . 
B 2 HOH 6  306 22 HOH HOH A . 
B 2 HOH 7  307 20 HOH HOH A . 
B 2 HOH 8  308 26 HOH HOH A . 
B 2 HOH 9  309 10 HOH HOH A . 
B 2 HOH 10 310 15 HOH HOH A . 
B 2 HOH 11 311 3  HOH HOH A . 
B 2 HOH 12 312 1  HOH HOH A . 
B 2 HOH 13 313 13 HOH HOH A . 
B 2 HOH 14 314 33 HOH HOH A . 
B 2 HOH 15 315 5  HOH HOH A . 
B 2 HOH 16 316 14 HOH HOH A . 
B 2 HOH 17 317 25 HOH HOH A . 
B 2 HOH 18 318 17 HOH HOH A . 
B 2 HOH 19 319 12 HOH HOH A . 
B 2 HOH 20 320 21 HOH HOH A . 
B 2 HOH 21 321 39 HOH HOH A . 
B 2 HOH 22 322 16 HOH HOH A . 
B 2 HOH 23 323 6  HOH HOH A . 
B 2 HOH 24 324 31 HOH HOH A . 
B 2 HOH 25 325 24 HOH HOH A . 
B 2 HOH 26 326 27 HOH HOH A . 
B 2 HOH 27 327 8  HOH HOH A . 
B 2 HOH 28 328 9  HOH HOH A . 
B 2 HOH 29 329 34 HOH HOH A . 
B 2 HOH 30 330 35 HOH HOH A . 
B 2 HOH 31 331 41 HOH HOH A . 
B 2 HOH 32 332 40 HOH HOH A . 
B 2 HOH 33 333 4  HOH HOH A . 
B 2 HOH 34 334 30 HOH HOH A . 
B 2 HOH 35 335 36 HOH HOH A . 
B 2 HOH 36 336 37 HOH HOH A . 
B 2 HOH 37 337 19 HOH HOH A . 
B 2 HOH 38 338 38 HOH HOH A . 
B 2 HOH 39 339 11 HOH HOH A . 
# 
loop_
_pdbx_unobs_or_zero_occ_atoms.id 
_pdbx_unobs_or_zero_occ_atoms.PDB_model_num 
_pdbx_unobs_or_zero_occ_atoms.polymer_flag 
_pdbx_unobs_or_zero_occ_atoms.occupancy_flag 
_pdbx_unobs_or_zero_occ_atoms.auth_asym_id 
_pdbx_unobs_or_zero_occ_atoms.auth_comp_id 
_pdbx_unobs_or_zero_occ_atoms.auth_seq_id 
_pdbx_unobs_or_zero_occ_atoms.PDB_ins_code 
_pdbx_unobs_or_zero_occ_atoms.auth_atom_id 
_pdbx_unobs_or_zero_occ_atoms.label_alt_id 
_pdbx_unobs_or_zero_occ_atoms.label_asym_id 
_pdbx_unobs_or_zero_occ_atoms.label_comp_id 
_pdbx_unobs_or_zero_occ_atoms.label_seq_id 
_pdbx_unobs_or_zero_occ_atoms.label_atom_id 
1  1 Y 1 A LEU 2   ? CG  ? A LEU 2   CG  
2  1 Y 1 A LEU 2   ? CD1 ? A LEU 2   CD1 
3  1 Y 1 A LEU 2   ? CD2 ? A LEU 2   CD2 
4  1 Y 1 A GLU 3   ? CG  ? A GLU 3   CG  
5  1 Y 1 A GLU 3   ? CD  ? A GLU 3   CD  
6  1 Y 1 A GLU 3   ? OE1 ? A GLU 3   OE1 
7  1 Y 1 A GLU 3   ? OE2 ? A GLU 3   OE2 
8  1 Y 1 A LYS 4   ? CG  ? A LYS 4   CG  
9  1 Y 1 A LYS 4   ? CD  ? A LYS 4   CD  
10 1 Y 1 A LYS 4   ? CE  ? A LYS 4   CE  
11 1 Y 1 A LYS 4   ? NZ  ? A LYS 4   NZ  
12 1 Y 1 A LYS 6   ? CG  ? A LYS 6   CG  
13 1 Y 1 A LYS 6   ? CD  ? A LYS 6   CD  
14 1 Y 1 A LYS 6   ? CE  ? A LYS 6   CE  
15 1 Y 1 A LYS 6   ? NZ  ? A LYS 6   NZ  
16 1 Y 1 A GLU 7   ? CG  ? A GLU 7   CG  
17 1 Y 1 A GLU 7   ? CD  ? A GLU 7   CD  
18 1 Y 1 A GLU 7   ? OE1 ? A GLU 7   OE1 
19 1 Y 1 A GLU 7   ? OE2 ? A GLU 7   OE2 
20 1 Y 1 A GLU 11  ? CG  ? A GLU 11  CG  
21 1 Y 1 A GLU 11  ? CD  ? A GLU 11  CD  
22 1 Y 1 A GLU 11  ? OE1 ? A GLU 11  OE1 
23 1 Y 1 A GLU 11  ? OE2 ? A GLU 11  OE2 
24 1 Y 1 A GLU 18  ? CG  ? A GLU 18  CG  
25 1 Y 1 A GLU 18  ? CD  ? A GLU 18  CD  
26 1 Y 1 A GLU 18  ? OE1 ? A GLU 18  OE1 
27 1 Y 1 A GLU 18  ? OE2 ? A GLU 18  OE2 
28 1 Y 1 A GLU 21  ? CG  ? A GLU 21  CG  
29 1 Y 1 A GLU 21  ? CD  ? A GLU 21  CD  
30 1 Y 1 A GLU 21  ? OE1 ? A GLU 21  OE1 
31 1 Y 1 A GLU 21  ? OE2 ? A GLU 21  OE2 
32 1 Y 1 A LYS 29  ? CG  ? A LYS 29  CG  
33 1 Y 1 A LYS 29  ? CD  ? A LYS 29  CD  
34 1 Y 1 A LYS 29  ? CE  ? A LYS 29  CE  
35 1 Y 1 A LYS 29  ? NZ  ? A LYS 29  NZ  
36 1 Y 1 A GLU 39  ? CG  ? A GLU 39  CG  
37 1 Y 1 A GLU 39  ? CD  ? A GLU 39  CD  
38 1 Y 1 A GLU 39  ? OE1 ? A GLU 39  OE1 
39 1 Y 1 A GLU 39  ? OE2 ? A GLU 39  OE2 
40 1 Y 1 A GLU 43  ? CG  ? A GLU 43  CG  
41 1 Y 1 A GLU 43  ? CD  ? A GLU 43  CD  
42 1 Y 1 A GLU 43  ? OE1 ? A GLU 43  OE1 
43 1 Y 1 A GLU 43  ? OE2 ? A GLU 43  OE2 
44 1 Y 1 A GLU 47  ? CG  ? A GLU 47  CG  
45 1 Y 1 A GLU 47  ? CD  ? A GLU 47  CD  
46 1 Y 1 A GLU 47  ? OE1 ? A GLU 47  OE1 
47 1 Y 1 A GLU 47  ? OE2 ? A GLU 47  OE2 
48 1 Y 1 A LYS 50  ? CG  ? A LYS 50  CG  
49 1 Y 1 A LYS 50  ? CD  ? A LYS 50  CD  
50 1 Y 1 A LYS 50  ? CE  ? A LYS 50  CE  
51 1 Y 1 A LYS 50  ? NZ  ? A LYS 50  NZ  
52 1 Y 1 A GLU 72  ? CG  ? A GLU 72  CG  
53 1 Y 1 A GLU 72  ? CD  ? A GLU 72  CD  
54 1 Y 1 A GLU 72  ? OE1 ? A GLU 72  OE1 
55 1 Y 1 A GLU 72  ? OE2 ? A GLU 72  OE2 
56 1 Y 1 A LYS 88  ? CG  ? A LYS 88  CG  
57 1 Y 1 A LYS 88  ? CD  ? A LYS 88  CD  
58 1 Y 1 A LYS 88  ? CE  ? A LYS 88  CE  
59 1 Y 1 A LYS 88  ? NZ  ? A LYS 88  NZ  
60 1 Y 1 A LEU 90  ? CG  ? A LEU 90  CG  
61 1 Y 1 A LEU 90  ? CD1 ? A LEU 90  CD1 
62 1 Y 1 A LEU 90  ? CD2 ? A LEU 90  CD2 
63 1 Y 1 A GLN 119 ? CG  ? A GLN 119 CG  
64 1 Y 1 A GLN 119 ? CD  ? A GLN 119 CD  
65 1 Y 1 A GLN 119 ? OE1 ? A GLN 119 OE1 
66 1 Y 1 A GLN 119 ? NE2 ? A GLN 119 NE2 
67 1 Y 1 A LYS 133 ? CG  ? A LYS 133 CG  
68 1 Y 1 A LYS 133 ? CD  ? A LYS 133 CD  
69 1 Y 1 A LYS 133 ? CE  ? A LYS 133 CE  
70 1 Y 1 A LYS 133 ? NZ  ? A LYS 133 NZ  
71 1 Y 1 A LYS 135 ? CG  ? A LYS 135 CG  
72 1 Y 1 A LYS 135 ? CD  ? A LYS 135 CD  
73 1 Y 1 A LYS 135 ? CE  ? A LYS 135 CE  
74 1 Y 1 A LYS 135 ? NZ  ? A LYS 135 NZ  
75 1 Y 1 A GLU 142 ? CG  ? A GLU 142 CG  
76 1 Y 1 A GLU 142 ? CD  ? A GLU 142 CD  
77 1 Y 1 A GLU 142 ? OE1 ? A GLU 142 OE1 
78 1 Y 1 A GLU 142 ? OE2 ? A GLU 142 OE2 
79 1 Y 1 A GLU 147 ? CG  ? A GLU 147 CG  
80 1 Y 1 A GLU 147 ? CD  ? A GLU 147 CD  
81 1 Y 1 A GLU 147 ? OE1 ? A GLU 147 OE1 
82 1 Y 1 A GLU 147 ? OE2 ? A GLU 147 OE2 
83 1 Y 1 A GLU 151 ? CG  ? A GLU 151 CG  
84 1 Y 1 A GLU 151 ? CD  ? A GLU 151 CD  
85 1 Y 1 A GLU 151 ? OE1 ? A GLU 151 OE1 
86 1 Y 1 A GLU 151 ? OE2 ? A GLU 151 OE2 
87 1 Y 1 A GLU 158 ? CG  ? A GLU 158 CG  
88 1 Y 1 A GLU 158 ? CD  ? A GLU 158 CD  
89 1 Y 1 A GLU 158 ? OE1 ? A GLU 158 OE1 
90 1 Y 1 A GLU 158 ? OE2 ? A GLU 158 OE2 
91 1 Y 1 A GLU 162 ? CG  ? A GLU 162 CG  
92 1 Y 1 A GLU 162 ? CD  ? A GLU 162 CD  
93 1 Y 1 A GLU 162 ? OE1 ? A GLU 162 OE1 
94 1 Y 1 A GLU 162 ? OE2 ? A GLU 162 OE2 
95 1 Y 1 A GLU 183 ? CG  ? A GLU 183 CG  
96 1 Y 1 A GLU 183 ? CD  ? A GLU 183 CD  
97 1 Y 1 A GLU 183 ? OE1 ? A GLU 183 OE1 
98 1 Y 1 A GLU 183 ? OE2 ? A GLU 183 OE2 
# 
loop_
_software.citation_id 
_software.classification 
_software.compiler_name 
_software.compiler_version 
_software.contact_author 
_software.contact_author_email 
_software.date 
_software.description 
_software.dependencies 
_software.hardware 
_software.language 
_software.location 
_software.mods 
_software.name 
_software.os 
_software.os_version 
_software.type 
_software.version 
_software.pdbx_ordinal 
? refinement       ? ? ? ? ? ? ? ? ? ? ? PHENIX ? ? ? '(1.21_5207: ???)' 1 
? 'data reduction' ? ? ? ? ? ? ? ? ? ? ? xia2   ? ? ? .                  2 
? 'data scaling'   ? ? ? ? ? ? ? ? ? ? ? xia2   ? ? ? .                  3 
? phasing          ? ? ? ? ? ? ? ? ? ? ? PHASER ? ? ? .                  4 
# 
_cell.angle_alpha                  90.00 
_cell.angle_alpha_esd              ? 
_cell.angle_beta                   90.00 
_cell.angle_beta_esd               ? 
_cell.angle_gamma                  120.00 
_cell.angle_gamma_esd              ? 
_cell.entry_id                     9FW7 
_cell.details                      ? 
_cell.formula_units_Z              ? 
_cell.length_a                     60.510 
_cell.length_a_esd                 ? 
_cell.length_b                     60.510 
_cell.length_b_esd                 ? 
_cell.length_c                     41.320 
_cell.length_c_esd                 ? 
_cell.volume                       ? 
_cell.volume_esd                   ? 
_cell.Z_PDB                        3 
_cell.reciprocal_angle_alpha       ? 
_cell.reciprocal_angle_beta        ? 
_cell.reciprocal_angle_gamma       ? 
_cell.reciprocal_angle_alpha_esd   ? 
_cell.reciprocal_angle_beta_esd    ? 
_cell.reciprocal_angle_gamma_esd   ? 
_cell.reciprocal_length_a          ? 
_cell.reciprocal_length_b          ? 
_cell.reciprocal_length_c          ? 
_cell.reciprocal_length_a_esd      ? 
_cell.reciprocal_length_b_esd      ? 
_cell.reciprocal_length_c_esd      ? 
_cell.pdbx_unique_axis             ? 
_cell.pdbx_esd_method              ? 
# 
_symmetry.entry_id                         9FW7 
_symmetry.cell_setting                     ? 
_symmetry.Int_Tables_number                144 
_symmetry.space_group_name_Hall            ? 
_symmetry.space_group_name_H-M             'P 31' 
_symmetry.pdbx_full_space_group_name_H-M   ? 
# 
_exptl.absorpt_coefficient_mu     ? 
_exptl.absorpt_correction_T_max   ? 
_exptl.absorpt_correction_T_min   ? 
_exptl.absorpt_correction_type    ? 
_exptl.absorpt_process_details    ? 
_exptl.entry_id                   9FW7 
_exptl.crystals_number            1 
_exptl.details                    ? 
_exptl.method                     'X-RAY DIFFRACTION' 
_exptl.method_details             ? 
# 
_exptl_crystal.colour                       ? 
_exptl_crystal.density_diffrn               ? 
_exptl_crystal.density_Matthews             1.91 
_exptl_crystal.density_method               ? 
_exptl_crystal.density_percent_sol          35.44 
_exptl_crystal.description                  ? 
_exptl_crystal.F_000                        ? 
_exptl_crystal.id                           1 
_exptl_crystal.preparation                  ? 
_exptl_crystal.size_max                     ? 
_exptl_crystal.size_mid                     ? 
_exptl_crystal.size_min                     ? 
_exptl_crystal.size_rad                     ? 
_exptl_crystal.colour_lustre                ? 
_exptl_crystal.colour_modifier              ? 
_exptl_crystal.colour_primary               ? 
_exptl_crystal.density_meas                 ? 
_exptl_crystal.density_meas_esd             ? 
_exptl_crystal.density_meas_gt              ? 
_exptl_crystal.density_meas_lt              ? 
_exptl_crystal.density_meas_temp            ? 
_exptl_crystal.density_meas_temp_esd        ? 
_exptl_crystal.density_meas_temp_gt         ? 
_exptl_crystal.density_meas_temp_lt         ? 
_exptl_crystal.pdbx_crystal_image_url       ? 
_exptl_crystal.pdbx_crystal_image_format    ? 
_exptl_crystal.pdbx_mosaicity               ? 
_exptl_crystal.pdbx_mosaicity_esd           ? 
_exptl_crystal.pdbx_mosaic_method           ? 
_exptl_crystal.pdbx_mosaic_block_size       ? 
_exptl_crystal.pdbx_mosaic_block_size_esd   ? 
# 
_exptl_crystal_grow.apparatus       ? 
_exptl_crystal_grow.atmosphere      ? 
_exptl_crystal_grow.crystal_id      1 
_exptl_crystal_grow.details         ? 
_exptl_crystal_grow.method          'VAPOR DIFFUSION, SITTING DROP' 
_exptl_crystal_grow.method_ref      ? 
_exptl_crystal_grow.pH              4.0 
_exptl_crystal_grow.pressure        ? 
_exptl_crystal_grow.pressure_esd    ? 
_exptl_crystal_grow.seeding         ? 
_exptl_crystal_grow.seeding_ref     ? 
_exptl_crystal_grow.temp_details    ? 
_exptl_crystal_grow.temp_esd        ? 
_exptl_crystal_grow.time            ? 
_exptl_crystal_grow.pdbx_details    
;0.1 M MIB (sodium malonate dibasic monohydrate,
imidazole, and boric acid), 15% PEG1500
;
_exptl_crystal_grow.pdbx_pH_range   ? 
_exptl_crystal_grow.temp            293 
# 
_diffrn.ambient_environment              ? 
_diffrn.ambient_temp                     100 
_diffrn.ambient_temp_details             ? 
_diffrn.ambient_temp_esd                 ? 
_diffrn.crystal_id                       1 
_diffrn.crystal_support                  ? 
_diffrn.crystal_treatment                ? 
_diffrn.details                          ? 
_diffrn.id                               1 
_diffrn.ambient_pressure                 ? 
_diffrn.ambient_pressure_esd             ? 
_diffrn.ambient_pressure_gt              ? 
_diffrn.ambient_pressure_lt              ? 
_diffrn.ambient_temp_gt                  ? 
_diffrn.ambient_temp_lt                  ? 
_diffrn.pdbx_serial_crystal_experiment   N 
# 
_diffrn_detector.details                      ? 
_diffrn_detector.detector                     PIXEL 
_diffrn_detector.diffrn_id                    1 
_diffrn_detector.type                         'DECTRIS EIGER X 4M' 
_diffrn_detector.area_resol_mean              ? 
_diffrn_detector.dtime                        ? 
_diffrn_detector.pdbx_frames_total            ? 
_diffrn_detector.pdbx_collection_time_total   ? 
_diffrn_detector.pdbx_collection_date         2024-02-28 
_diffrn_detector.pdbx_frequency               ? 
_diffrn_detector.id                           ? 
_diffrn_detector.number_of_axes               ? 
# 
_diffrn_radiation.collimation                      ? 
_diffrn_radiation.diffrn_id                        1 
_diffrn_radiation.filter_edge                      ? 
_diffrn_radiation.inhomogeneity                    ? 
_diffrn_radiation.monochromator                    ? 
_diffrn_radiation.polarisn_norm                    ? 
_diffrn_radiation.polarisn_ratio                   ? 
_diffrn_radiation.probe                            ? 
_diffrn_radiation.type                             ? 
_diffrn_radiation.xray_symbol                      ? 
_diffrn_radiation.wavelength_id                    1 
_diffrn_radiation.pdbx_monochromatic_or_laue_m_l   M 
_diffrn_radiation.pdbx_wavelength_list             ? 
_diffrn_radiation.pdbx_wavelength                  ? 
_diffrn_radiation.pdbx_diffrn_protocol             'SINGLE WAVELENGTH' 
_diffrn_radiation.pdbx_analyzer                    ? 
_diffrn_radiation.pdbx_scattering_type             x-ray 
# 
_diffrn_radiation_wavelength.id           1 
_diffrn_radiation_wavelength.wavelength   0.96770 
_diffrn_radiation_wavelength.wt           1.0 
# 
_diffrn_source.current                     ? 
_diffrn_source.details                     ? 
_diffrn_source.diffrn_id                   1 
_diffrn_source.power                       ? 
_diffrn_source.size                        ? 
_diffrn_source.source                      SYNCHROTRON 
_diffrn_source.target                      ? 
_diffrn_source.type                        'ESRF BEAMLINE MASSIF-3' 
_diffrn_source.voltage                     ? 
_diffrn_source.take-off_angle              ? 
_diffrn_source.pdbx_wavelength_list        0.96770 
_diffrn_source.pdbx_wavelength             ? 
_diffrn_source.pdbx_synchrotron_beamline   MASSIF-3 
_diffrn_source.pdbx_synchrotron_site       ESRF 
# 
_reflns.B_iso_Wilson_estimate                          ? 
_reflns.entry_id                                       9FW7 
_reflns.data_reduction_details                         ? 
_reflns.data_reduction_method                          ? 
_reflns.d_resolution_high                              2.0 
_reflns.d_resolution_low                               32.45 
_reflns.details                                        ? 
_reflns.limit_h_max                                    ? 
_reflns.limit_h_min                                    ? 
_reflns.limit_k_max                                    ? 
_reflns.limit_k_min                                    ? 
_reflns.limit_l_max                                    ? 
_reflns.limit_l_min                                    ? 
_reflns.number_all                                     ? 
_reflns.number_obs                                     15322 
_reflns.observed_criterion                             ? 
_reflns.observed_criterion_F_max                       ? 
_reflns.observed_criterion_F_min                       ? 
_reflns.observed_criterion_I_max                       ? 
_reflns.observed_criterion_I_min                       ? 
_reflns.observed_criterion_sigma_F                     ? 
_reflns.observed_criterion_sigma_I                     ? 
_reflns.percent_possible_obs                           99.89 
_reflns.R_free_details                                 ? 
_reflns.Rmerge_F_all                                   ? 
_reflns.Rmerge_F_obs                                   ? 
_reflns.Friedel_coverage                               ? 
_reflns.number_gt                                      ? 
_reflns.threshold_expression                           ? 
_reflns.pdbx_redundancy                                10.8 
_reflns.pdbx_netI_over_av_sigmaI                       ? 
_reflns.pdbx_netI_over_sigmaI                          5.70 
_reflns.pdbx_res_netI_over_av_sigmaI_2                 ? 
_reflns.pdbx_res_netI_over_sigmaI_2                    ? 
_reflns.pdbx_chi_squared                               ? 
_reflns.pdbx_scaling_rejects                           ? 
_reflns.pdbx_d_res_high_opt                            ? 
_reflns.pdbx_d_res_low_opt                             ? 
_reflns.pdbx_d_res_opt_method                          ? 
_reflns.phase_calculation_details                      ? 
_reflns.pdbx_Rrim_I_all                                ? 
_reflns.pdbx_Rpim_I_all                                ? 
_reflns.pdbx_d_opt                                     ? 
_reflns.pdbx_number_measured_all                       ? 
_reflns.pdbx_diffrn_id                                 1 
_reflns.pdbx_ordinal                                   1 
_reflns.pdbx_CC_half                                   0.996 
_reflns.pdbx_CC_star                                   ? 
_reflns.pdbx_R_split                                   ? 
_reflns.pdbx_Rmerge_I_obs                              ? 
_reflns.pdbx_Rmerge_I_all                              ? 
_reflns.pdbx_Rsym_value                                ? 
_reflns.pdbx_CC_split_method                           ? 
_reflns.pdbx_aniso_diffraction_limit_axis_1_ortho[1]   ? 
_reflns.pdbx_aniso_diffraction_limit_axis_1_ortho[2]   ? 
_reflns.pdbx_aniso_diffraction_limit_axis_1_ortho[3]   ? 
_reflns.pdbx_aniso_diffraction_limit_axis_2_ortho[1]   ? 
_reflns.pdbx_aniso_diffraction_limit_axis_2_ortho[2]   ? 
_reflns.pdbx_aniso_diffraction_limit_axis_2_ortho[3]   ? 
_reflns.pdbx_aniso_diffraction_limit_axis_3_ortho[1]   ? 
_reflns.pdbx_aniso_diffraction_limit_axis_3_ortho[2]   ? 
_reflns.pdbx_aniso_diffraction_limit_axis_3_ortho[3]   ? 
_reflns.pdbx_aniso_diffraction_limit_1                 ? 
_reflns.pdbx_aniso_diffraction_limit_2                 ? 
_reflns.pdbx_aniso_diffraction_limit_3                 ? 
_reflns.pdbx_aniso_B_tensor_eigenvector_1_ortho[1]     ? 
_reflns.pdbx_aniso_B_tensor_eigenvector_1_ortho[2]     ? 
_reflns.pdbx_aniso_B_tensor_eigenvector_1_ortho[3]     ? 
_reflns.pdbx_aniso_B_tensor_eigenvector_2_ortho[1]     ? 
_reflns.pdbx_aniso_B_tensor_eigenvector_2_ortho[2]     ? 
_reflns.pdbx_aniso_B_tensor_eigenvector_2_ortho[3]     ? 
_reflns.pdbx_aniso_B_tensor_eigenvector_3_ortho[1]     ? 
_reflns.pdbx_aniso_B_tensor_eigenvector_3_ortho[2]     ? 
_reflns.pdbx_aniso_B_tensor_eigenvector_3_ortho[3]     ? 
_reflns.pdbx_aniso_B_tensor_eigenvalue_1               ? 
_reflns.pdbx_aniso_B_tensor_eigenvalue_2               ? 
_reflns.pdbx_aniso_B_tensor_eigenvalue_3               ? 
_reflns.pdbx_orthogonalization_convention              ? 
_reflns.pdbx_percent_possible_ellipsoidal              ? 
_reflns.pdbx_percent_possible_spherical                ? 
_reflns.pdbx_percent_possible_ellipsoidal_anomalous    ? 
_reflns.pdbx_percent_possible_spherical_anomalous      ? 
_reflns.pdbx_redundancy_anomalous                      ? 
_reflns.pdbx_CC_half_anomalous                         ? 
_reflns.pdbx_absDiff_over_sigma_anomalous              ? 
_reflns.pdbx_percent_possible_anomalous                ? 
_reflns.pdbx_observed_signal_threshold                 ? 
_reflns.pdbx_signal_type                               ? 
_reflns.pdbx_signal_details                            ? 
_reflns.pdbx_signal_software_id                        ? 
# 
_reflns_shell.d_res_high                                    2.0 
_reflns_shell.d_res_low                                     2.2 
_reflns_shell.meanI_over_sigI_all                           ? 
_reflns_shell.meanI_over_sigI_obs                           ? 
_reflns_shell.number_measured_all                           ? 
_reflns_shell.number_measured_obs                           ? 
_reflns_shell.number_possible                               ? 
_reflns_shell.number_unique_all                             ? 
_reflns_shell.number_unique_obs                             3822 
_reflns_shell.percent_possible_obs                          ? 
_reflns_shell.Rmerge_F_all                                  ? 
_reflns_shell.Rmerge_F_obs                                  ? 
_reflns_shell.meanI_over_sigI_gt                            ? 
_reflns_shell.meanI_over_uI_all                             ? 
_reflns_shell.meanI_over_uI_gt                              ? 
_reflns_shell.number_measured_gt                            ? 
_reflns_shell.number_unique_gt                              ? 
_reflns_shell.percent_possible_gt                           ? 
_reflns_shell.Rmerge_F_gt                                   ? 
_reflns_shell.Rmerge_I_gt                                   ? 
_reflns_shell.pdbx_redundancy                               ? 
_reflns_shell.pdbx_chi_squared                              ? 
_reflns_shell.pdbx_netI_over_sigmaI_all                     ? 
_reflns_shell.pdbx_netI_over_sigmaI_obs                     ? 
_reflns_shell.pdbx_Rrim_I_all                               ? 
_reflns_shell.pdbx_Rpim_I_all                               ? 
_reflns_shell.pdbx_rejects                                  ? 
_reflns_shell.pdbx_ordinal                                  1 
_reflns_shell.pdbx_diffrn_id                                1 
_reflns_shell.pdbx_CC_half                                  0.566 
_reflns_shell.pdbx_CC_star                                  ? 
_reflns_shell.pdbx_R_split                                  ? 
_reflns_shell.percent_possible_all                          ? 
_reflns_shell.Rmerge_I_all                                  ? 
_reflns_shell.Rmerge_I_obs                                  ? 
_reflns_shell.pdbx_Rsym_value                               ? 
_reflns_shell.pdbx_percent_possible_ellipsoidal             ? 
_reflns_shell.pdbx_percent_possible_spherical               ? 
_reflns_shell.pdbx_percent_possible_ellipsoidal_anomalous   ? 
_reflns_shell.pdbx_percent_possible_spherical_anomalous     ? 
_reflns_shell.pdbx_redundancy_anomalous                     ? 
_reflns_shell.pdbx_CC_half_anomalous                        ? 
_reflns_shell.pdbx_absDiff_over_sigma_anomalous             ? 
_reflns_shell.pdbx_percent_possible_anomalous               ? 
# 
_refine.aniso_B[1][1]                            ? 
_refine.aniso_B[1][2]                            ? 
_refine.aniso_B[1][3]                            ? 
_refine.aniso_B[2][2]                            ? 
_refine.aniso_B[2][3]                            ? 
_refine.aniso_B[3][3]                            ? 
_refine.B_iso_max                                ? 
_refine.B_iso_mean                               ? 
_refine.B_iso_min                                ? 
_refine.correlation_coeff_Fo_to_Fc               ? 
_refine.correlation_coeff_Fo_to_Fc_free          ? 
_refine.details                                  ? 
_refine.diff_density_max                         ? 
_refine.diff_density_max_esd                     ? 
_refine.diff_density_min                         ? 
_refine.diff_density_min_esd                     ? 
_refine.diff_density_rms                         ? 
_refine.diff_density_rms_esd                     ? 
_refine.entry_id                                 9FW7 
_refine.pdbx_refine_id                           'X-RAY DIFFRACTION' 
_refine.ls_abs_structure_details                 ? 
_refine.ls_abs_structure_Flack                   ? 
_refine.ls_abs_structure_Flack_esd               ? 
_refine.ls_abs_structure_Rogers                  ? 
_refine.ls_abs_structure_Rogers_esd              ? 
_refine.ls_d_res_high                            2.00 
_refine.ls_d_res_low                             32.45 
_refine.ls_extinction_coef                       ? 
_refine.ls_extinction_coef_esd                   ? 
_refine.ls_extinction_expression                 ? 
_refine.ls_extinction_method                     ? 
_refine.ls_goodness_of_fit_all                   ? 
_refine.ls_goodness_of_fit_all_esd               ? 
_refine.ls_goodness_of_fit_obs                   ? 
_refine.ls_goodness_of_fit_obs_esd               ? 
_refine.ls_hydrogen_treatment                    ? 
_refine.ls_matrix_type                           ? 
_refine.ls_number_constraints                    ? 
_refine.ls_number_parameters                     ? 
_refine.ls_number_reflns_all                     ? 
_refine.ls_number_reflns_obs                     11427 
_refine.ls_number_reflns_R_free                  572 
_refine.ls_number_reflns_R_work                  ? 
_refine.ls_number_restraints                     ? 
_refine.ls_percent_reflns_obs                    99.89 
_refine.ls_percent_reflns_R_free                 5.01 
_refine.ls_R_factor_all                          ? 
_refine.ls_R_factor_obs                          0.2191 
_refine.ls_R_factor_R_free                       0.2719 
_refine.ls_R_factor_R_free_error                 ? 
_refine.ls_R_factor_R_free_error_details         ? 
_refine.ls_R_factor_R_work                       0.2162 
_refine.ls_R_Fsqd_factor_obs                     ? 
_refine.ls_R_I_factor_obs                        ? 
_refine.ls_redundancy_reflns_all                 ? 
_refine.ls_redundancy_reflns_obs                 ? 
_refine.ls_restrained_S_all                      ? 
_refine.ls_restrained_S_obs                      ? 
_refine.ls_shift_over_esd_max                    ? 
_refine.ls_shift_over_esd_mean                   ? 
_refine.ls_structure_factor_coef                 ? 
_refine.ls_weighting_details                     ? 
_refine.ls_weighting_scheme                      ? 
_refine.ls_wR_factor_all                         ? 
_refine.ls_wR_factor_obs                         ? 
_refine.ls_wR_factor_R_free                      ? 
_refine.ls_wR_factor_R_work                      ? 
_refine.occupancy_max                            ? 
_refine.occupancy_min                            ? 
_refine.solvent_model_details                    'FLAT BULK SOLVENT MODEL' 
_refine.solvent_model_param_bsol                 ? 
_refine.solvent_model_param_ksol                 ? 
_refine.pdbx_R_complete                          ? 
_refine.ls_R_factor_gt                           ? 
_refine.ls_goodness_of_fit_gt                    ? 
_refine.ls_goodness_of_fit_ref                   ? 
_refine.ls_shift_over_su_max                     ? 
_refine.ls_shift_over_su_max_lt                  ? 
_refine.ls_shift_over_su_mean                    ? 
_refine.ls_shift_over_su_mean_lt                 ? 
_refine.pdbx_ls_sigma_I                          ? 
_refine.pdbx_ls_sigma_F                          1.99 
_refine.pdbx_ls_sigma_Fsqd                       ? 
_refine.pdbx_data_cutoff_high_absF               ? 
_refine.pdbx_data_cutoff_high_rms_absF           ? 
_refine.pdbx_data_cutoff_low_absF                ? 
_refine.pdbx_isotropic_thermal_model             ? 
_refine.pdbx_ls_cross_valid_method               'FREE R-VALUE' 
_refine.pdbx_method_to_determine_struct          'MOLECULAR REPLACEMENT' 
_refine.pdbx_starting_model                      ? 
_refine.pdbx_stereochemistry_target_values       ML 
_refine.pdbx_R_Free_selection_details            ? 
_refine.pdbx_stereochem_target_val_spec_case     ? 
_refine.pdbx_overall_ESU_R                       ? 
_refine.pdbx_overall_ESU_R_Free                  ? 
_refine.pdbx_solvent_vdw_probe_radii             1.10 
_refine.pdbx_solvent_ion_probe_radii             ? 
_refine.pdbx_solvent_shrinkage_radii             0.90 
_refine.pdbx_real_space_R                        ? 
_refine.pdbx_density_correlation                 ? 
_refine.pdbx_pd_number_of_powder_patterns        ? 
_refine.pdbx_pd_number_of_points                 ? 
_refine.pdbx_pd_meas_number_of_points            ? 
_refine.pdbx_pd_proc_ls_prof_R_factor            ? 
_refine.pdbx_pd_proc_ls_prof_wR_factor           ? 
_refine.pdbx_pd_Marquardt_correlation_coeff      ? 
_refine.pdbx_pd_Fsqrd_R_factor                   ? 
_refine.pdbx_pd_ls_matrix_band_width             ? 
_refine.pdbx_overall_phase_error                 33.46 
_refine.pdbx_overall_SU_R_free_Cruickshank_DPI   ? 
_refine.pdbx_overall_SU_R_free_Blow_DPI          ? 
_refine.pdbx_overall_SU_R_Blow_DPI               ? 
_refine.pdbx_TLS_residual_ADP_flag               ? 
_refine.pdbx_diffrn_id                           1 
_refine.overall_SU_B                             ? 
_refine.overall_SU_ML                            0.21 
_refine.overall_SU_R_Cruickshank_DPI             ? 
_refine.overall_SU_R_free                        ? 
_refine.overall_FOM_free_R_set                   ? 
_refine.overall_FOM_work_R_set                   ? 
_refine.pdbx_average_fsc_overall                 ? 
_refine.pdbx_average_fsc_work                    ? 
_refine.pdbx_average_fsc_free                    ? 
# 
_refine_hist.pdbx_refine_id                   'X-RAY DIFFRACTION' 
_refine_hist.cycle_id                         LAST 
_refine_hist.pdbx_number_atoms_protein        1503 
_refine_hist.pdbx_number_atoms_nucleic_acid   0 
_refine_hist.pdbx_number_atoms_ligand         0 
_refine_hist.number_atoms_solvent             39 
_refine_hist.number_atoms_total               1542 
_refine_hist.d_res_high                       2.00 
_refine_hist.d_res_low                        32.45 
# 
loop_
_refine_ls_restr.pdbx_refine_id 
_refine_ls_restr.criterion 
_refine_ls_restr.dev_ideal 
_refine_ls_restr.dev_ideal_target 
_refine_ls_restr.number 
_refine_ls_restr.rejects 
_refine_ls_restr.type 
_refine_ls_restr.weight 
_refine_ls_restr.pdbx_restraint_function 
'X-RAY DIFFRACTION' ? 0.002  ? 1524 ? f_bond_d           ? ? 
'X-RAY DIFFRACTION' ? 0.517  ? 2065 ? f_angle_d          ? ? 
'X-RAY DIFFRACTION' ? 19.422 ? 559  ? f_dihedral_angle_d ? ? 
'X-RAY DIFFRACTION' ? 0.034  ? 248  ? f_chiral_restr     ? ? 
'X-RAY DIFFRACTION' ? 0.003  ? 261  ? f_plane_restr      ? ? 
# 
loop_
_refine_ls_shell.pdbx_refine_id 
_refine_ls_shell.d_res_high 
_refine_ls_shell.d_res_low 
_refine_ls_shell.number_reflns_all 
_refine_ls_shell.number_reflns_obs 
_refine_ls_shell.number_reflns_R_free 
_refine_ls_shell.number_reflns_R_work 
_refine_ls_shell.percent_reflns_obs 
_refine_ls_shell.percent_reflns_R_free 
_refine_ls_shell.R_factor_all 
_refine_ls_shell.R_factor_obs 
_refine_ls_shell.R_factor_R_free_error 
_refine_ls_shell.R_factor_R_work 
_refine_ls_shell.redundancy_reflns_all 
_refine_ls_shell.redundancy_reflns_obs 
_refine_ls_shell.wR_factor_all 
_refine_ls_shell.wR_factor_obs 
_refine_ls_shell.wR_factor_R_free 
_refine_ls_shell.wR_factor_R_work 
_refine_ls_shell.pdbx_R_complete 
_refine_ls_shell.pdbx_total_number_of_bins_used 
_refine_ls_shell.pdbx_phase_error 
_refine_ls_shell.pdbx_fsc_work 
_refine_ls_shell.pdbx_fsc_free 
_refine_ls_shell.R_factor_R_free 
'X-RAY DIFFRACTION' 2.00 2.20  . . 144 2722 100.00 . . . . 0.2595 . . . . . . . . . . . 0.3376 
'X-RAY DIFFRACTION' 2.20 2.52  . . 143 2718 100.00 . . . . 0.2260 . . . . . . . . . . . 0.2897 
'X-RAY DIFFRACTION' 2.52 3.17  . . 143 2719 100.00 . . . . 0.2366 . . . . . . . . . . . 0.2995 
'X-RAY DIFFRACTION' 3.18 32.45 . . 142 2696 100.00 . . . . 0.1969 . . . . . . . . . . . 0.2439 
# 
_struct.entry_id                     9FW7 
_struct.title                        'Retroaldolase 32 (RAD32)' 
_struct.pdbx_model_details           ? 
_struct.pdbx_formula_weight          ? 
_struct.pdbx_formula_weight_method   ? 
_struct.pdbx_model_type_details      ? 
_struct.pdbx_CASP_flag               N 
# 
_struct_keywords.entry_id        9FW7 
_struct_keywords.text            'Retroaldolase, de novo enzyme, RFdiffusion, DE NOVO PROTEIN' 
_struct_keywords.pdbx_keywords   'DE NOVO PROTEIN' 
# 
loop_
_struct_asym.id 
_struct_asym.pdbx_blank_PDB_chainid_flag 
_struct_asym.pdbx_modified 
_struct_asym.entity_id 
_struct_asym.details 
A N N 1 ? 
B N N 2 ? 
# 
_struct_ref.id                         1 
_struct_ref.db_name                    PDB 
_struct_ref.db_code                    9FW7 
_struct_ref.pdbx_db_accession          9FW7 
_struct_ref.pdbx_db_isoform            ? 
_struct_ref.entity_id                  1 
_struct_ref.pdbx_seq_one_letter_code   ? 
_struct_ref.pdbx_align_begin           1 
# 
_struct_ref_seq.align_id                      1 
_struct_ref_seq.ref_id                        1 
_struct_ref_seq.pdbx_PDB_id_code              9FW7 
_struct_ref_seq.pdbx_strand_id                A 
_struct_ref_seq.seq_align_beg                 1 
_struct_ref_seq.pdbx_seq_align_beg_ins_code   ? 
_struct_ref_seq.seq_align_end                 200 
_struct_ref_seq.pdbx_seq_align_end_ins_code   ? 
_struct_ref_seq.pdbx_db_accession             9FW7 
_struct_ref_seq.db_align_beg                  1 
_struct_ref_seq.pdbx_db_align_beg_ins_code    ? 
_struct_ref_seq.db_align_end                  200 
_struct_ref_seq.pdbx_db_align_end_ins_code    ? 
_struct_ref_seq.pdbx_auth_seq_align_beg       1 
_struct_ref_seq.pdbx_auth_seq_align_end       200 
# 
_pdbx_struct_assembly.id                   1 
_pdbx_struct_assembly.details              author_defined_assembly 
_pdbx_struct_assembly.method_details       ? 
_pdbx_struct_assembly.oligomeric_details   monomeric 
_pdbx_struct_assembly.oligomeric_count     1 
# 
loop_
_pdbx_struct_assembly_prop.biol_id 
_pdbx_struct_assembly_prop.type 
_pdbx_struct_assembly_prop.value 
_pdbx_struct_assembly_prop.details 
1 'ABSA (A^2)' 0    ? 
1 MORE         0    ? 
1 'SSA (A^2)'  9080 ? 
# 
_pdbx_struct_assembly_gen.assembly_id       1 
_pdbx_struct_assembly_gen.oper_expression   1 
_pdbx_struct_assembly_gen.asym_id_list      A,B 
# 
_pdbx_struct_assembly_auth_evidence.id                     1 
_pdbx_struct_assembly_auth_evidence.assembly_id            1 
_pdbx_struct_assembly_auth_evidence.experimental_support   'gel filtration' 
_pdbx_struct_assembly_auth_evidence.details                ? 
# 
_pdbx_struct_oper_list.id                   1 
_pdbx_struct_oper_list.type                 'identity operation' 
_pdbx_struct_oper_list.name                 1_555 
_pdbx_struct_oper_list.symmetry_operation   x,y,z 
_pdbx_struct_oper_list.matrix[1][1]         1.0000000000 
_pdbx_struct_oper_list.matrix[1][2]         0.0000000000 
_pdbx_struct_oper_list.matrix[1][3]         0.0000000000 
_pdbx_struct_oper_list.vector[1]            0.0000000000 
_pdbx_struct_oper_list.matrix[2][1]         0.0000000000 
_pdbx_struct_oper_list.matrix[2][2]         1.0000000000 
_pdbx_struct_oper_list.matrix[2][3]         0.0000000000 
_pdbx_struct_oper_list.vector[2]            0.0000000000 
_pdbx_struct_oper_list.matrix[3][1]         0.0000000000 
_pdbx_struct_oper_list.matrix[3][2]         0.0000000000 
_pdbx_struct_oper_list.matrix[3][3]         1.0000000000 
_pdbx_struct_oper_list.vector[3]            0.0000000000 
# 
loop_
_struct_conf.conf_type_id 
_struct_conf.id 
_struct_conf.pdbx_PDB_helix_id 
_struct_conf.beg_label_comp_id 
_struct_conf.beg_label_asym_id 
_struct_conf.beg_label_seq_id 
_struct_conf.pdbx_beg_PDB_ins_code 
_struct_conf.end_label_comp_id 
_struct_conf.end_label_asym_id 
_struct_conf.end_label_seq_id 
_struct_conf.pdbx_end_PDB_ins_code 
_struct_conf.beg_auth_comp_id 
_struct_conf.beg_auth_asym_id 
_struct_conf.beg_auth_seq_id 
_struct_conf.end_auth_comp_id 
_struct_conf.end_auth_asym_id 
_struct_conf.end_auth_seq_id 
_struct_conf.pdbx_PDB_helix_class 
_struct_conf.details 
_struct_conf.pdbx_PDB_helix_length 
HELX_P HELX_P1  AA1 ALA A 5   ? ASN A 15  ? ALA A 5   ASN A 15  1 ? 11 
HELX_P HELX_P2  AA2 ARG A 16  ? GLU A 18  ? ARG A 16  GLU A 18  5 ? 3  
HELX_P HELX_P3  AA3 LEU A 19  ? GLY A 41  ? LEU A 19  GLY A 41  1 ? 23 
HELX_P HELX_P4  AA4 GLY A 41  ? ASN A 51  ? GLY A 41  ASN A 51  1 ? 11 
HELX_P HELX_P5  AA5 ASP A 53  ? GLY A 68  ? ASP A 53  GLY A 68  1 ? 16 
HELX_P HELX_P6  AA6 PHE A 69  ? GLY A 71  ? PHE A 69  GLY A 71  5 ? 3  
HELX_P HELX_P7  AA7 GLU A 72  ? VAL A 87  ? GLU A 72  VAL A 87  1 ? 16 
HELX_P HELX_P8  AA8 ASN A 89  ? GLY A 110 ? ASN A 89  GLY A 110 1 ? 22 
HELX_P HELX_P9  AA9 SER A 112 ? ALA A 137 ? SER A 112 ALA A 137 1 ? 26 
HELX_P HELX_P10 AB1 SER A 145 ? ASN A 159 ? SER A 145 ASN A 159 1 ? 15 
HELX_P HELX_P11 AB2 SER A 164 ? GLY A 182 ? SER A 164 GLY A 182 1 ? 19 
HELX_P HELX_P12 AB3 SER A 186 ? GLY A 200 ? SER A 186 GLY A 200 1 ? 15 
# 
_struct_conf_type.id          HELX_P 
_struct_conf_type.criteria    ? 
_struct_conf_type.reference   ? 
# 
_pdbx_entry_details.entry_id                   9FW7 
_pdbx_entry_details.compound_details           ? 
_pdbx_entry_details.source_details             ? 
_pdbx_entry_details.nonpolymer_details         ? 
_pdbx_entry_details.sequence_details           ? 
_pdbx_entry_details.has_ligand_of_interest     ? 
_pdbx_entry_details.has_protein_modification   N 
# 
loop_
_pdbx_validate_torsion.id 
_pdbx_validate_torsion.PDB_model_num 
_pdbx_validate_torsion.auth_comp_id 
_pdbx_validate_torsion.auth_asym_id 
_pdbx_validate_torsion.auth_seq_id 
_pdbx_validate_torsion.PDB_ins_code 
_pdbx_validate_torsion.label_alt_id 
_pdbx_validate_torsion.phi 
_pdbx_validate_torsion.psi 
1 1 GLU A 3   ? ? 65.28  -46.89 
2 1 LYS A 4   ? ? -66.39 4.53   
3 1 ASN A 159 ? ? -96.23 46.87  
# 
_pdbx_unobs_or_zero_occ_residues.id               1 
_pdbx_unobs_or_zero_occ_residues.PDB_model_num    1 
_pdbx_unobs_or_zero_occ_residues.polymer_flag     Y 
_pdbx_unobs_or_zero_occ_residues.occupancy_flag   1 
_pdbx_unobs_or_zero_occ_residues.auth_asym_id     A 
_pdbx_unobs_or_zero_occ_residues.auth_comp_id     MET 
_pdbx_unobs_or_zero_occ_residues.auth_seq_id      1 
_pdbx_unobs_or_zero_occ_residues.PDB_ins_code     ? 
_pdbx_unobs_or_zero_occ_residues.label_asym_id    A 
_pdbx_unobs_or_zero_occ_residues.label_comp_id    MET 
_pdbx_unobs_or_zero_occ_residues.label_seq_id     1 
# 
loop_
_chem_comp_atom.comp_id 
_chem_comp_atom.atom_id 
_chem_comp_atom.type_symbol 
_chem_comp_atom.pdbx_aromatic_flag 
_chem_comp_atom.pdbx_stereo_config 
_chem_comp_atom.pdbx_ordinal 
ALA N    N N N 1   
ALA CA   C N S 2   
ALA C    C N N 3   
ALA O    O N N 4   
ALA CB   C N N 5   
ALA OXT  O N N 6   
ALA H    H N N 7   
ALA H2   H N N 8   
ALA HA   H N N 9   
ALA HB1  H N N 10  
ALA HB2  H N N 11  
ALA HB3  H N N 12  
ALA HXT  H N N 13  
ARG N    N N N 14  
ARG CA   C N S 15  
ARG C    C N N 16  
ARG O    O N N 17  
ARG CB   C N N 18  
ARG CG   C N N 19  
ARG CD   C N N 20  
ARG NE   N N N 21  
ARG CZ   C N N 22  
ARG NH1  N N N 23  
ARG NH2  N N N 24  
ARG OXT  O N N 25  
ARG H    H N N 26  
ARG H2   H N N 27  
ARG HA   H N N 28  
ARG HB2  H N N 29  
ARG HB3  H N N 30  
ARG HG2  H N N 31  
ARG HG3  H N N 32  
ARG HD2  H N N 33  
ARG HD3  H N N 34  
ARG HE   H N N 35  
ARG HH11 H N N 36  
ARG HH12 H N N 37  
ARG HH21 H N N 38  
ARG HH22 H N N 39  
ARG HXT  H N N 40  
ASN N    N N N 41  
ASN CA   C N S 42  
ASN C    C N N 43  
ASN O    O N N 44  
ASN CB   C N N 45  
ASN CG   C N N 46  
ASN OD1  O N N 47  
ASN ND2  N N N 48  
ASN OXT  O N N 49  
ASN H    H N N 50  
ASN H2   H N N 51  
ASN HA   H N N 52  
ASN HB2  H N N 53  
ASN HB3  H N N 54  
ASN HD21 H N N 55  
ASN HD22 H N N 56  
ASN HXT  H N N 57  
ASP N    N N N 58  
ASP CA   C N S 59  
ASP C    C N N 60  
ASP O    O N N 61  
ASP CB   C N N 62  
ASP CG   C N N 63  
ASP OD1  O N N 64  
ASP OD2  O N N 65  
ASP OXT  O N N 66  
ASP H    H N N 67  
ASP H2   H N N 68  
ASP HA   H N N 69  
ASP HB2  H N N 70  
ASP HB3  H N N 71  
ASP HD2  H N N 72  
ASP HXT  H N N 73  
GLN N    N N N 74  
GLN CA   C N S 75  
GLN C    C N N 76  
GLN O    O N N 77  
GLN CB   C N N 78  
GLN CG   C N N 79  
GLN CD   C N N 80  
GLN OE1  O N N 81  
GLN NE2  N N N 82  
GLN OXT  O N N 83  
GLN H    H N N 84  
GLN H2   H N N 85  
GLN HA   H N N 86  
GLN HB2  H N N 87  
GLN HB3  H N N 88  
GLN HG2  H N N 89  
GLN HG3  H N N 90  
GLN HE21 H N N 91  
GLN HE22 H N N 92  
GLN HXT  H N N 93  
GLU N    N N N 94  
GLU CA   C N S 95  
GLU C    C N N 96  
GLU O    O N N 97  
GLU CB   C N N 98  
GLU CG   C N N 99  
GLU CD   C N N 100 
GLU OE1  O N N 101 
GLU OE2  O N N 102 
GLU OXT  O N N 103 
GLU H    H N N 104 
GLU H2   H N N 105 
GLU HA   H N N 106 
GLU HB2  H N N 107 
GLU HB3  H N N 108 
GLU HG2  H N N 109 
GLU HG3  H N N 110 
GLU HE2  H N N 111 
GLU HXT  H N N 112 
GLY N    N N N 113 
GLY CA   C N N 114 
GLY C    C N N 115 
GLY O    O N N 116 
GLY OXT  O N N 117 
GLY H    H N N 118 
GLY H2   H N N 119 
GLY HA2  H N N 120 
GLY HA3  H N N 121 
GLY HXT  H N N 122 
HIS N    N N N 123 
HIS CA   C N S 124 
HIS C    C N N 125 
HIS O    O N N 126 
HIS CB   C N N 127 
HIS CG   C Y N 128 
HIS ND1  N Y N 129 
HIS CD2  C Y N 130 
HIS CE1  C Y N 131 
HIS NE2  N Y N 132 
HIS OXT  O N N 133 
HIS H    H N N 134 
HIS H2   H N N 135 
HIS HA   H N N 136 
HIS HB2  H N N 137 
HIS HB3  H N N 138 
HIS HD1  H N N 139 
HIS HD2  H N N 140 
HIS HE1  H N N 141 
HIS HE2  H N N 142 
HIS HXT  H N N 143 
HOH O    O N N 144 
HOH H1   H N N 145 
HOH H2   H N N 146 
ILE N    N N N 147 
ILE CA   C N S 148 
ILE C    C N N 149 
ILE O    O N N 150 
ILE CB   C N S 151 
ILE CG1  C N N 152 
ILE CG2  C N N 153 
ILE CD1  C N N 154 
ILE OXT  O N N 155 
ILE H    H N N 156 
ILE H2   H N N 157 
ILE HA   H N N 158 
ILE HB   H N N 159 
ILE HG12 H N N 160 
ILE HG13 H N N 161 
ILE HG21 H N N 162 
ILE HG22 H N N 163 
ILE HG23 H N N 164 
ILE HD11 H N N 165 
ILE HD12 H N N 166 
ILE HD13 H N N 167 
ILE HXT  H N N 168 
LEU N    N N N 169 
LEU CA   C N S 170 
LEU C    C N N 171 
LEU O    O N N 172 
LEU CB   C N N 173 
LEU CG   C N N 174 
LEU CD1  C N N 175 
LEU CD2  C N N 176 
LEU OXT  O N N 177 
LEU H    H N N 178 
LEU H2   H N N 179 
LEU HA   H N N 180 
LEU HB2  H N N 181 
LEU HB3  H N N 182 
LEU HG   H N N 183 
LEU HD11 H N N 184 
LEU HD12 H N N 185 
LEU HD13 H N N 186 
LEU HD21 H N N 187 
LEU HD22 H N N 188 
LEU HD23 H N N 189 
LEU HXT  H N N 190 
LYS N    N N N 191 
LYS CA   C N S 192 
LYS C    C N N 193 
LYS O    O N N 194 
LYS CB   C N N 195 
LYS CG   C N N 196 
LYS CD   C N N 197 
LYS CE   C N N 198 
LYS NZ   N N N 199 
LYS OXT  O N N 200 
LYS H    H N N 201 
LYS H2   H N N 202 
LYS HA   H N N 203 
LYS HB2  H N N 204 
LYS HB3  H N N 205 
LYS HG2  H N N 206 
LYS HG3  H N N 207 
LYS HD2  H N N 208 
LYS HD3  H N N 209 
LYS HE2  H N N 210 
LYS HE3  H N N 211 
LYS HZ1  H N N 212 
LYS HZ2  H N N 213 
LYS HZ3  H N N 214 
LYS HXT  H N N 215 
MET N    N N N 216 
MET CA   C N S 217 
MET C    C N N 218 
MET O    O N N 219 
MET CB   C N N 220 
MET CG   C N N 221 
MET SD   S N N 222 
MET CE   C N N 223 
MET OXT  O N N 224 
MET H    H N N 225 
MET H2   H N N 226 
MET HA   H N N 227 
MET HB2  H N N 228 
MET HB3  H N N 229 
MET HG2  H N N 230 
MET HG3  H N N 231 
MET HE1  H N N 232 
MET HE2  H N N 233 
MET HE3  H N N 234 
MET HXT  H N N 235 
PHE N    N N N 236 
PHE CA   C N S 237 
PHE C    C N N 238 
PHE O    O N N 239 
PHE CB   C N N 240 
PHE CG   C Y N 241 
PHE CD1  C Y N 242 
PHE CD2  C Y N 243 
PHE CE1  C Y N 244 
PHE CE2  C Y N 245 
PHE CZ   C Y N 246 
PHE OXT  O N N 247 
PHE H    H N N 248 
PHE H2   H N N 249 
PHE HA   H N N 250 
PHE HB2  H N N 251 
PHE HB3  H N N 252 
PHE HD1  H N N 253 
PHE HD2  H N N 254 
PHE HE1  H N N 255 
PHE HE2  H N N 256 
PHE HZ   H N N 257 
PHE HXT  H N N 258 
PRO N    N N N 259 
PRO CA   C N S 260 
PRO C    C N N 261 
PRO O    O N N 262 
PRO CB   C N N 263 
PRO CG   C N N 264 
PRO CD   C N N 265 
PRO OXT  O N N 266 
PRO H    H N N 267 
PRO HA   H N N 268 
PRO HB2  H N N 269 
PRO HB3  H N N 270 
PRO HG2  H N N 271 
PRO HG3  H N N 272 
PRO HD2  H N N 273 
PRO HD3  H N N 274 
PRO HXT  H N N 275 
SER N    N N N 276 
SER CA   C N S 277 
SER C    C N N 278 
SER O    O N N 279 
SER CB   C N N 280 
SER OG   O N N 281 
SER OXT  O N N 282 
SER H    H N N 283 
SER H2   H N N 284 
SER HA   H N N 285 
SER HB2  H N N 286 
SER HB3  H N N 287 
SER HG   H N N 288 
SER HXT  H N N 289 
THR N    N N N 290 
THR CA   C N S 291 
THR C    C N N 292 
THR O    O N N 293 
THR CB   C N R 294 
THR OG1  O N N 295 
THR CG2  C N N 296 
THR OXT  O N N 297 
THR H    H N N 298 
THR H2   H N N 299 
THR HA   H N N 300 
THR HB   H N N 301 
THR HG1  H N N 302 
THR HG21 H N N 303 
THR HG22 H N N 304 
THR HG23 H N N 305 
THR HXT  H N N 306 
TRP N    N N N 307 
TRP CA   C N S 308 
TRP C    C N N 309 
TRP O    O N N 310 
TRP CB   C N N 311 
TRP CG   C Y N 312 
TRP CD1  C Y N 313 
TRP CD2  C Y N 314 
TRP NE1  N Y N 315 
TRP CE2  C Y N 316 
TRP CE3  C Y N 317 
TRP CZ2  C Y N 318 
TRP CZ3  C Y N 319 
TRP CH2  C Y N 320 
TRP OXT  O N N 321 
TRP H    H N N 322 
TRP H2   H N N 323 
TRP HA   H N N 324 
TRP HB2  H N N 325 
TRP HB3  H N N 326 
TRP HD1  H N N 327 
TRP HE1  H N N 328 
TRP HE3  H N N 329 
TRP HZ2  H N N 330 
TRP HZ3  H N N 331 
TRP HH2  H N N 332 
TRP HXT  H N N 333 
TYR N    N N N 334 
TYR CA   C N S 335 
TYR C    C N N 336 
TYR O    O N N 337 
TYR CB   C N N 338 
TYR CG   C Y N 339 
TYR CD1  C Y N 340 
TYR CD2  C Y N 341 
TYR CE1  C Y N 342 
TYR CE2  C Y N 343 
TYR CZ   C Y N 344 
TYR OH   O N N 345 
TYR OXT  O N N 346 
TYR H    H N N 347 
TYR H2   H N N 348 
TYR HA   H N N 349 
TYR HB2  H N N 350 
TYR HB3  H N N 351 
TYR HD1  H N N 352 
TYR HD2  H N N 353 
TYR HE1  H N N 354 
TYR HE2  H N N 355 
TYR HH   H N N 356 
TYR HXT  H N N 357 
VAL N    N N N 358 
VAL CA   C N S 359 
VAL C    C N N 360 
VAL O    O N N 361 
VAL CB   C N N 362 
VAL CG1  C N N 363 
VAL CG2  C N N 364 
VAL OXT  O N N 365 
VAL H    H N N 366 
VAL H2   H N N 367 
VAL HA   H N N 368 
VAL HB   H N N 369 
VAL HG11 H N N 370 
VAL HG12 H N N 371 
VAL HG13 H N N 372 
VAL HG21 H N N 373 
VAL HG22 H N N 374 
VAL HG23 H N N 375 
VAL HXT  H N N 376 
# 
loop_
_chem_comp_bond.comp_id 
_chem_comp_bond.atom_id_1 
_chem_comp_bond.atom_id_2 
_chem_comp_bond.value_order 
_chem_comp_bond.pdbx_aromatic_flag 
_chem_comp_bond.pdbx_stereo_config 
_chem_comp_bond.pdbx_ordinal 
ALA N   CA   sing N N 1   
ALA N   H    sing N N 2   
ALA N   H2   sing N N 3   
ALA CA  C    sing N N 4   
ALA CA  CB   sing N N 5   
ALA CA  HA   sing N N 6   
ALA C   O    doub N N 7   
ALA C   OXT  sing N N 8   
ALA CB  HB1  sing N N 9   
ALA CB  HB2  sing N N 10  
ALA CB  HB3  sing N N 11  
ALA OXT HXT  sing N N 12  
ARG N   CA   sing N N 13  
ARG N   H    sing N N 14  
ARG N   H2   sing N N 15  
ARG CA  C    sing N N 16  
ARG CA  CB   sing N N 17  
ARG CA  HA   sing N N 18  
ARG C   O    doub N N 19  
ARG C   OXT  sing N N 20  
ARG CB  CG   sing N N 21  
ARG CB  HB2  sing N N 22  
ARG CB  HB3  sing N N 23  
ARG CG  CD   sing N N 24  
ARG CG  HG2  sing N N 25  
ARG CG  HG3  sing N N 26  
ARG CD  NE   sing N N 27  
ARG CD  HD2  sing N N 28  
ARG CD  HD3  sing N N 29  
ARG NE  CZ   sing N N 30  
ARG NE  HE   sing N N 31  
ARG CZ  NH1  sing N N 32  
ARG CZ  NH2  doub N N 33  
ARG NH1 HH11 sing N N 34  
ARG NH1 HH12 sing N N 35  
ARG NH2 HH21 sing N N 36  
ARG NH2 HH22 sing N N 37  
ARG OXT HXT  sing N N 38  
ASN N   CA   sing N N 39  
ASN N   H    sing N N 40  
ASN N   H2   sing N N 41  
ASN CA  C    sing N N 42  
ASN CA  CB   sing N N 43  
ASN CA  HA   sing N N 44  
ASN C   O    doub N N 45  
ASN C   OXT  sing N N 46  
ASN CB  CG   sing N N 47  
ASN CB  HB2  sing N N 48  
ASN CB  HB3  sing N N 49  
ASN CG  OD1  doub N N 50  
ASN CG  ND2  sing N N 51  
ASN ND2 HD21 sing N N 52  
ASN ND2 HD22 sing N N 53  
ASN OXT HXT  sing N N 54  
ASP N   CA   sing N N 55  
ASP N   H    sing N N 56  
ASP N   H2   sing N N 57  
ASP CA  C    sing N N 58  
ASP CA  CB   sing N N 59  
ASP CA  HA   sing N N 60  
ASP C   O    doub N N 61  
ASP C   OXT  sing N N 62  
ASP CB  CG   sing N N 63  
ASP CB  HB2  sing N N 64  
ASP CB  HB3  sing N N 65  
ASP CG  OD1  doub N N 66  
ASP CG  OD2  sing N N 67  
ASP OD2 HD2  sing N N 68  
ASP OXT HXT  sing N N 69  
GLN N   CA   sing N N 70  
GLN N   H    sing N N 71  
GLN N   H2   sing N N 72  
GLN CA  C    sing N N 73  
GLN CA  CB   sing N N 74  
GLN CA  HA   sing N N 75  
GLN C   O    doub N N 76  
GLN C   OXT  sing N N 77  
GLN CB  CG   sing N N 78  
GLN CB  HB2  sing N N 79  
GLN CB  HB3  sing N N 80  
GLN CG  CD   sing N N 81  
GLN CG  HG2  sing N N 82  
GLN CG  HG3  sing N N 83  
GLN CD  OE1  doub N N 84  
GLN CD  NE2  sing N N 85  
GLN NE2 HE21 sing N N 86  
GLN NE2 HE22 sing N N 87  
GLN OXT HXT  sing N N 88  
GLU N   CA   sing N N 89  
GLU N   H    sing N N 90  
GLU N   H2   sing N N 91  
GLU CA  C    sing N N 92  
GLU CA  CB   sing N N 93  
GLU CA  HA   sing N N 94  
GLU C   O    doub N N 95  
GLU C   OXT  sing N N 96  
GLU CB  CG   sing N N 97  
GLU CB  HB2  sing N N 98  
GLU CB  HB3  sing N N 99  
GLU CG  CD   sing N N 100 
GLU CG  HG2  sing N N 101 
GLU CG  HG3  sing N N 102 
GLU CD  OE1  doub N N 103 
GLU CD  OE2  sing N N 104 
GLU OE2 HE2  sing N N 105 
GLU OXT HXT  sing N N 106 
GLY N   CA   sing N N 107 
GLY N   H    sing N N 108 
GLY N   H2   sing N N 109 
GLY CA  C    sing N N 110 
GLY CA  HA2  sing N N 111 
GLY CA  HA3  sing N N 112 
GLY C   O    doub N N 113 
GLY C   OXT  sing N N 114 
GLY OXT HXT  sing N N 115 
HIS N   CA   sing N N 116 
HIS N   H    sing N N 117 
HIS N   H2   sing N N 118 
HIS CA  C    sing N N 119 
HIS CA  CB   sing N N 120 
HIS CA  HA   sing N N 121 
HIS C   O    doub N N 122 
HIS C   OXT  sing N N 123 
HIS CB  CG   sing N N 124 
HIS CB  HB2  sing N N 125 
HIS CB  HB3  sing N N 126 
HIS CG  ND1  sing Y N 127 
HIS CG  CD2  doub Y N 128 
HIS ND1 CE1  doub Y N 129 
HIS ND1 HD1  sing N N 130 
HIS CD2 NE2  sing Y N 131 
HIS CD2 HD2  sing N N 132 
HIS CE1 NE2  sing Y N 133 
HIS CE1 HE1  sing N N 134 
HIS NE2 HE2  sing N N 135 
HIS OXT HXT  sing N N 136 
HOH O   H1   sing N N 137 
HOH O   H2   sing N N 138 
ILE N   CA   sing N N 139 
ILE N   H    sing N N 140 
ILE N   H2   sing N N 141 
ILE CA  C    sing N N 142 
ILE CA  CB   sing N N 143 
ILE CA  HA   sing N N 144 
ILE C   O    doub N N 145 
ILE C   OXT  sing N N 146 
ILE CB  CG1  sing N N 147 
ILE CB  CG2  sing N N 148 
ILE CB  HB   sing N N 149 
ILE CG1 CD1  sing N N 150 
ILE CG1 HG12 sing N N 151 
ILE CG1 HG13 sing N N 152 
ILE CG2 HG21 sing N N 153 
ILE CG2 HG22 sing N N 154 
ILE CG2 HG23 sing N N 155 
ILE CD1 HD11 sing N N 156 
ILE CD1 HD12 sing N N 157 
ILE CD1 HD13 sing N N 158 
ILE OXT HXT  sing N N 159 
LEU N   CA   sing N N 160 
LEU N   H    sing N N 161 
LEU N   H2   sing N N 162 
LEU CA  C    sing N N 163 
LEU CA  CB   sing N N 164 
LEU CA  HA   sing N N 165 
LEU C   O    doub N N 166 
LEU C   OXT  sing N N 167 
LEU CB  CG   sing N N 168 
LEU CB  HB2  sing N N 169 
LEU CB  HB3  sing N N 170 
LEU CG  CD1  sing N N 171 
LEU CG  CD2  sing N N 172 
LEU CG  HG   sing N N 173 
LEU CD1 HD11 sing N N 174 
LEU CD1 HD12 sing N N 175 
LEU CD1 HD13 sing N N 176 
LEU CD2 HD21 sing N N 177 
LEU CD2 HD22 sing N N 178 
LEU CD2 HD23 sing N N 179 
LEU OXT HXT  sing N N 180 
LYS N   CA   sing N N 181 
LYS N   H    sing N N 182 
LYS N   H2   sing N N 183 
LYS CA  C    sing N N 184 
LYS CA  CB   sing N N 185 
LYS CA  HA   sing N N 186 
LYS C   O    doub N N 187 
LYS C   OXT  sing N N 188 
LYS CB  CG   sing N N 189 
LYS CB  HB2  sing N N 190 
LYS CB  HB3  sing N N 191 
LYS CG  CD   sing N N 192 
LYS CG  HG2  sing N N 193 
LYS CG  HG3  sing N N 194 
LYS CD  CE   sing N N 195 
LYS CD  HD2  sing N N 196 
LYS CD  HD3  sing N N 197 
LYS CE  NZ   sing N N 198 
LYS CE  HE2  sing N N 199 
LYS CE  HE3  sing N N 200 
LYS NZ  HZ1  sing N N 201 
LYS NZ  HZ2  sing N N 202 
LYS NZ  HZ3  sing N N 203 
LYS OXT HXT  sing N N 204 
MET N   CA   sing N N 205 
MET N   H    sing N N 206 
MET N   H2   sing N N 207 
MET CA  C    sing N N 208 
MET CA  CB   sing N N 209 
MET CA  HA   sing N N 210 
MET C   O    doub N N 211 
MET C   OXT  sing N N 212 
MET CB  CG   sing N N 213 
MET CB  HB2  sing N N 214 
MET CB  HB3  sing N N 215 
MET CG  SD   sing N N 216 
MET CG  HG2  sing N N 217 
MET CG  HG3  sing N N 218 
MET SD  CE   sing N N 219 
MET CE  HE1  sing N N 220 
MET CE  HE2  sing N N 221 
MET CE  HE3  sing N N 222 
MET OXT HXT  sing N N 223 
PHE N   CA   sing N N 224 
PHE N   H    sing N N 225 
PHE N   H2   sing N N 226 
PHE CA  C    sing N N 227 
PHE CA  CB   sing N N 228 
PHE CA  HA   sing N N 229 
PHE C   O    doub N N 230 
PHE C   OXT  sing N N 231 
PHE CB  CG   sing N N 232 
PHE CB  HB2  sing N N 233 
PHE CB  HB3  sing N N 234 
PHE CG  CD1  doub Y N 235 
PHE CG  CD2  sing Y N 236 
PHE CD1 CE1  sing Y N 237 
PHE CD1 HD1  sing N N 238 
PHE CD2 CE2  doub Y N 239 
PHE CD2 HD2  sing N N 240 
PHE CE1 CZ   doub Y N 241 
PHE CE1 HE1  sing N N 242 
PHE CE2 CZ   sing Y N 243 
PHE CE2 HE2  sing N N 244 
PHE CZ  HZ   sing N N 245 
PHE OXT HXT  sing N N 246 
PRO N   CA   sing N N 247 
PRO N   CD   sing N N 248 
PRO N   H    sing N N 249 
PRO CA  C    sing N N 250 
PRO CA  CB   sing N N 251 
PRO CA  HA   sing N N 252 
PRO C   O    doub N N 253 
PRO C   OXT  sing N N 254 
PRO CB  CG   sing N N 255 
PRO CB  HB2  sing N N 256 
PRO CB  HB3  sing N N 257 
PRO CG  CD   sing N N 258 
PRO CG  HG2  sing N N 259 
PRO CG  HG3  sing N N 260 
PRO CD  HD2  sing N N 261 
PRO CD  HD3  sing N N 262 
PRO OXT HXT  sing N N 263 
SER N   CA   sing N N 264 
SER N   H    sing N N 265 
SER N   H2   sing N N 266 
SER CA  C    sing N N 267 
SER CA  CB   sing N N 268 
SER CA  HA   sing N N 269 
SER C   O    doub N N 270 
SER C   OXT  sing N N 271 
SER CB  OG   sing N N 272 
SER CB  HB2  sing N N 273 
SER CB  HB3  sing N N 274 
SER OG  HG   sing N N 275 
SER OXT HXT  sing N N 276 
THR N   CA   sing N N 277 
THR N   H    sing N N 278 
THR N   H2   sing N N 279 
THR CA  C    sing N N 280 
THR CA  CB   sing N N 281 
THR CA  HA   sing N N 282 
THR C   O    doub N N 283 
THR C   OXT  sing N N 284 
THR CB  OG1  sing N N 285 
THR CB  CG2  sing N N 286 
THR CB  HB   sing N N 287 
THR OG1 HG1  sing N N 288 
THR CG2 HG21 sing N N 289 
THR CG2 HG22 sing N N 290 
THR CG2 HG23 sing N N 291 
THR OXT HXT  sing N N 292 
TRP N   CA   sing N N 293 
TRP N   H    sing N N 294 
TRP N   H2   sing N N 295 
TRP CA  C    sing N N 296 
TRP CA  CB   sing N N 297 
TRP CA  HA   sing N N 298 
TRP C   O    doub N N 299 
TRP C   OXT  sing N N 300 
TRP CB  CG   sing N N 301 
TRP CB  HB2  sing N N 302 
TRP CB  HB3  sing N N 303 
TRP CG  CD1  doub Y N 304 
TRP CG  CD2  sing Y N 305 
TRP CD1 NE1  sing Y N 306 
TRP CD1 HD1  sing N N 307 
TRP CD2 CE2  doub Y N 308 
TRP CD2 CE3  sing Y N 309 
TRP NE1 CE2  sing Y N 310 
TRP NE1 HE1  sing N N 311 
TRP CE2 CZ2  sing Y N 312 
TRP CE3 CZ3  doub Y N 313 
TRP CE3 HE3  sing N N 314 
TRP CZ2 CH2  doub Y N 315 
TRP CZ2 HZ2  sing N N 316 
TRP CZ3 CH2  sing Y N 317 
TRP CZ3 HZ3  sing N N 318 
TRP CH2 HH2  sing N N 319 
TRP OXT HXT  sing N N 320 
TYR N   CA   sing N N 321 
TYR N   H    sing N N 322 
TYR N   H2   sing N N 323 
TYR CA  C    sing N N 324 
TYR CA  CB   sing N N 325 
TYR CA  HA   sing N N 326 
TYR C   O    doub N N 327 
TYR C   OXT  sing N N 328 
TYR CB  CG   sing N N 329 
TYR CB  HB2  sing N N 330 
TYR CB  HB3  sing N N 331 
TYR CG  CD1  doub Y N 332 
TYR CG  CD2  sing Y N 333 
TYR CD1 CE1  sing Y N 334 
TYR CD1 HD1  sing N N 335 
TYR CD2 CE2  doub Y N 336 
TYR CD2 HD2  sing N N 337 
TYR CE1 CZ   doub Y N 338 
TYR CE1 HE1  sing N N 339 
TYR CE2 CZ   sing Y N 340 
TYR CE2 HE2  sing N N 341 
TYR CZ  OH   sing N N 342 
TYR OH  HH   sing N N 343 
TYR OXT HXT  sing N N 344 
VAL N   CA   sing N N 345 
VAL N   H    sing N N 346 
VAL N   H2   sing N N 347 
VAL CA  C    sing N N 348 
VAL CA  CB   sing N N 349 
VAL CA  HA   sing N N 350 
VAL C   O    doub N N 351 
VAL C   OXT  sing N N 352 
VAL CB  CG1  sing N N 353 
VAL CB  CG2  sing N N 354 
VAL CB  HB   sing N N 355 
VAL CG1 HG11 sing N N 356 
VAL CG1 HG12 sing N N 357 
VAL CG1 HG13 sing N N 358 
VAL CG2 HG21 sing N N 359 
VAL CG2 HG22 sing N N 360 
VAL CG2 HG23 sing N N 361 
VAL OXT HXT  sing N N 362 
# 
_pdbx_audit_support.funding_organization   'Austrian Science Fund' 
_pdbx_audit_support.country                Austria 
_pdbx_audit_support.grant_number           ? 
_pdbx_audit_support.ordinal                1 
# 
_pdbx_initial_refinement_model.id               1 
_pdbx_initial_refinement_model.entity_id_list   ? 
_pdbx_initial_refinement_model.type             'in silico model' 
_pdbx_initial_refinement_model.source_name      AlphaFold 
_pdbx_initial_refinement_model.accession_code   ? 
_pdbx_initial_refinement_model.details          ? 
# 
_atom_sites.entry_id                    9FW7 
_atom_sites.Cartn_transf_matrix[1][1]   ? 
_atom_sites.Cartn_transf_matrix[1][2]   ? 
_atom_sites.Cartn_transf_matrix[1][3]   ? 
_atom_sites.Cartn_transf_matrix[2][1]   ? 
_atom_sites.Cartn_transf_matrix[2][2]   ? 
_atom_sites.Cartn_transf_matrix[2][3]   ? 
_atom_sites.Cartn_transf_matrix[3][1]   ? 
_atom_sites.Cartn_transf_matrix[3][2]   ? 
_atom_sites.Cartn_transf_matrix[3][3]   ? 
_atom_sites.Cartn_transf_vector[1]      ? 
_atom_sites.Cartn_transf_vector[2]      ? 
_atom_sites.Cartn_transf_vector[3]      ? 
_atom_sites.Cartn_transform_axes        ? 
_atom_sites.fract_transf_matrix[1][1]   0.00586148 
_atom_sites.fract_transf_matrix[1][2]   -0.01702461 
_atom_sites.fract_transf_matrix[1][3]   -0.00632020 
_atom_sites.fract_transf_matrix[2][1]   -0.01259850 
_atom_sites.fract_transf_matrix[2][2]   -0.01230096 
_atom_sites.fract_transf_matrix[2][3]   -0.00735697 
_atom_sites.fract_transf_matrix[3][1]   0.00364551 
_atom_sites.fract_transf_matrix[3][2]   0.00941960 
_atom_sites.fract_transf_matrix[3][3]   -0.02199249 
_atom_sites.fract_transf_vector[1]      0.666517 
_atom_sites.fract_transf_vector[2]      0.778385 
_atom_sites.fract_transf_vector[3]      0.402137 
_atom_sites.solution_primary            ? 
_atom_sites.solution_secondary          ? 
_atom_sites.solution_hydrogens          ? 
_atom_sites.special_details             ? 
# 
loop_
_atom_type.symbol 
C 
N 
O 
S 
# 
loop_
_atom_site.group_PDB 
_atom_site.id 
_atom_site.type_symbol 
_atom_site.label_atom_id 
_atom_site.label_alt_id 
_atom_site.label_comp_id 
_atom_site.label_asym_id 
_atom_site.label_entity_id 
_atom_site.label_seq_id 
_atom_site.pdbx_PDB_ins_code 
_atom_site.Cartn_x 
_atom_site.Cartn_y 
_atom_site.Cartn_z 
_atom_site.occupancy 
_atom_site.B_iso_or_equiv 
_atom_site.pdbx_formal_charge 
_atom_site.auth_seq_id 
_atom_site.auth_comp_id 
_atom_site.auth_asym_id 
_atom_site.auth_atom_id 
_atom_site.pdbx_PDB_model_num 
ATOM   1    N N   . LEU A 1 2   ? 13.053  12.638  -8.657  1.00 61.80 ? 2   LEU A N   1 
ATOM   2    C CA  . LEU A 1 2   ? 14.327  12.680  -7.949  1.00 56.23 ? 2   LEU A CA  1 
ATOM   3    C C   . LEU A 1 2   ? 14.751  14.118  -7.672  1.00 67.78 ? 2   LEU A C   1 
ATOM   4    O O   . LEU A 1 2   ? 14.568  14.999  -8.515  1.00 75.21 ? 2   LEU A O   1 
ATOM   5    C CB  . LEU A 1 2   ? 15.411  11.957  -8.753  1.00 74.76 ? 2   LEU A CB  1 
ATOM   6    N N   . GLU A 1 3   ? 15.299  14.345  -6.476  1.00 61.71 ? 3   GLU A N   1 
ATOM   7    C CA  . GLU A 1 3   ? 15.822  15.641  -6.045  1.00 53.05 ? 3   GLU A CA  1 
ATOM   8    C C   . GLU A 1 3   ? 14.731  16.702  -5.924  1.00 57.73 ? 3   GLU A C   1 
ATOM   9    O O   . GLU A 1 3   ? 14.673  17.422  -4.921  1.00 63.78 ? 3   GLU A O   1 
ATOM   10   C CB  . GLU A 1 3   ? 16.922  16.122  -6.996  1.00 59.89 ? 3   GLU A CB  1 
ATOM   11   N N   . LYS A 1 4   ? 13.862  16.811  -6.934  1.00 59.62 ? 4   LYS A N   1 
ATOM   12   C CA  . LYS A 1 4   ? 12.753  17.769  -6.960  1.00 55.92 ? 4   LYS A CA  1 
ATOM   13   C C   . LYS A 1 4   ? 11.682  17.494  -5.902  1.00 54.21 ? 4   LYS A C   1 
ATOM   14   O O   . LYS A 1 4   ? 10.660  18.196  -5.898  1.00 55.43 ? 4   LYS A O   1 
ATOM   15   C CB  . LYS A 1 4   ? 12.113  17.782  -8.348  1.00 57.60 ? 4   LYS A CB  1 
ATOM   16   N N   . ALA A 1 5   ? 11.854  16.516  -5.011  1.00 51.05 ? 5   ALA A N   1 
ATOM   17   C CA  . ALA A 1 5   ? 10.881  16.233  -3.963  1.00 43.11 ? 5   ALA A CA  1 
ATOM   18   C C   . ALA A 1 5   ? 11.493  16.336  -2.572  1.00 51.31 ? 5   ALA A C   1 
ATOM   19   O O   . ALA A 1 5   ? 10.901  15.851  -1.604  1.00 55.24 ? 5   ALA A O   1 
ATOM   20   C CB  . ALA A 1 5   ? 10.264  14.848  -4.166  1.00 29.72 ? 5   ALA A CB  1 
ATOM   21   N N   . LYS A 1 6   ? 12.667  16.962  -2.453  1.00 54.20 ? 6   LYS A N   1 
ATOM   22   C CA  . LYS A 1 6   ? 13.369  16.992  -1.173  1.00 43.04 ? 6   LYS A CA  1 
ATOM   23   C C   . LYS A 1 6   ? 12.579  17.763  -0.122  1.00 42.86 ? 6   LYS A C   1 
ATOM   24   O O   . LYS A 1 6   ? 12.478  17.327  1.031   1.00 56.01 ? 6   LYS A O   1 
ATOM   25   C CB  . LYS A 1 6   ? 14.759  17.600  -1.358  1.00 54.14 ? 6   LYS A CB  1 
ATOM   26   N N   . GLU A 1 7   ? 12.018  18.914  -0.496  1.00 42.56 ? 7   GLU A N   1 
ATOM   27   C CA  . GLU A 1 7   ? 11.172  19.653  0.434   1.00 45.60 ? 7   GLU A CA  1 
ATOM   28   C C   . GLU A 1 7   ? 9.827   18.973  0.645   1.00 42.67 ? 7   GLU A C   1 
ATOM   29   O O   . GLU A 1 7   ? 9.200   19.174  1.691   1.00 40.87 ? 7   GLU A O   1 
ATOM   30   C CB  . GLU A 1 7   ? 10.962  21.087  -0.060  1.00 38.19 ? 7   GLU A CB  1 
ATOM   31   N N   . ALA A 1 8   ? 9.372   18.173  -0.321  1.00 41.84 ? 8   ALA A N   1 
ATOM   32   C CA  . ALA A 1 8   ? 8.105   17.470  -0.155  1.00 36.34 ? 8   ALA A CA  1 
ATOM   33   C C   . ALA A 1 8   ? 8.212   16.386  0.910   1.00 41.33 ? 8   ALA A C   1 
ATOM   34   O O   . ALA A 1 8   ? 7.324   16.258  1.762   1.00 34.31 ? 8   ALA A O   1 
ATOM   35   C CB  . ALA A 1 8   ? 7.656   16.882  -1.492  1.00 32.19 ? 8   ALA A CB  1 
ATOM   36   N N   . ILE A 1 9   ? 9.292   15.601  0.886   1.00 44.18 ? 9   ILE A N   1 
ATOM   37   C CA  . ILE A 1 9   ? 9.470   14.571  1.905   1.00 40.48 ? 9   ILE A CA  1 
ATOM   38   C C   . ILE A 1 9   ? 9.779   15.205  3.256   1.00 42.38 ? 9   ILE A C   1 
ATOM   39   O O   . ILE A 1 9   ? 9.253   14.772  4.289   1.00 37.11 ? 9   ILE A O   1 
ATOM   40   C CB  . ILE A 1 9   ? 10.559  13.565  1.481   1.00 46.80 ? 9   ILE A CB  1 
ATOM   41   C CG1 . ILE A 1 9   ? 10.908  12.625  2.638   1.00 35.28 ? 9   ILE A CG1 1 
ATOM   42   C CG2 . ILE A 1 9   ? 11.802  14.277  0.974   1.00 58.14 ? 9   ILE A CG2 1 
ATOM   43   C CD1 . ILE A 1 9   ? 12.045  11.677  2.325   1.00 56.39 ? 9   ILE A CD1 1 
ATOM   44   N N   . LYS A 1 10  ? 10.615  16.250  3.268   1.00 45.26 ? 10  LYS A N   1 
ATOM   45   C CA  . LYS A 1 10  ? 10.977  16.894  4.528   1.00 42.79 ? 10  LYS A CA  1 
ATOM   46   C C   . LYS A 1 10  ? 9.743   17.415  5.255   1.00 43.30 ? 10  LYS A C   1 
ATOM   47   O O   . LYS A 1 10  ? 9.583   17.205  6.462   1.00 46.68 ? 10  LYS A O   1 
ATOM   48   C CB  . LYS A 1 10  ? 11.968  18.027  4.272   1.00 44.78 ? 10  LYS A CB  1 
ATOM   49   C CG  . LYS A 1 10  ? 12.236  18.895  5.492   1.00 53.43 ? 10  LYS A CG  1 
ATOM   50   C CD  . LYS A 1 10  ? 13.279  19.965  5.205   1.00 42.68 ? 10  LYS A CD  1 
ATOM   51   C CE  . LYS A 1 10  ? 13.366  20.969  6.343   1.00 41.22 ? 10  LYS A CE  1 
ATOM   52   N NZ  . LYS A 1 10  ? 13.635  20.309  7.650   1.00 56.39 ? 10  LYS A NZ  1 
ATOM   53   N N   . GLU A 1 11  ? 8.851   18.095  4.530   1.00 33.76 ? 11  GLU A N   1 
ATOM   54   C CA  . GLU A 1 11  ? 7.599   18.534  5.136   1.00 38.19 ? 11  GLU A CA  1 
ATOM   55   C C   . GLU A 1 11  ? 6.686   17.357  5.444   1.00 39.07 ? 11  GLU A C   1 
ATOM   56   O O   . GLU A 1 11  ? 5.833   17.452  6.335   1.00 36.22 ? 11  GLU A O   1 
ATOM   57   C CB  . GLU A 1 11  ? 6.890   19.533  4.219   1.00 42.74 ? 11  GLU A CB  1 
ATOM   58   N N   . ALA A 1 12  ? 6.847   16.245  4.725   1.00 42.31 ? 12  ALA A N   1 
ATOM   59   C CA  . ALA A 1 12  ? 6.019   15.072  4.982   1.00 37.14 ? 12  ALA A CA  1 
ATOM   60   C C   . ALA A 1 12  ? 6.379   14.419  6.312   1.00 35.50 ? 12  ALA A C   1 
ATOM   61   O O   . ALA A 1 12  ? 5.497   13.933  7.029   1.00 37.24 ? 12  ALA A O   1 
ATOM   62   C CB  . ALA A 1 12  ? 6.161   14.071  3.838   1.00 45.30 ? 12  ALA A CB  1 
ATOM   63   N N   . ILE A 1 13  ? 7.670   14.395  6.656   1.00 36.16 ? 13  ILE A N   1 
ATOM   64   C CA  . ILE A 1 13  ? 8.076   13.787  7.919   1.00 42.51 ? 13  ILE A CA  1 
ATOM   65   C C   . ILE A 1 13  ? 7.592   14.621  9.098   1.00 43.01 ? 13  ILE A C   1 
ATOM   66   O O   . ILE A 1 13  ? 7.337   14.086  10.183  1.00 35.29 ? 13  ILE A O   1 
ATOM   67   C CB  . ILE A 1 13  ? 9.605   13.596  7.964   1.00 32.20 ? 13  ILE A CB  1 
ATOM   68   C CG1 . ILE A 1 13  ? 10.124  12.964  6.669   1.00 47.20 ? 13  ILE A CG1 1 
ATOM   69   C CG2 . ILE A 1 13  ? 10.005  12.733  9.158   1.00 46.17 ? 13  ILE A CG2 1 
ATOM   70   C CD1 . ILE A 1 13  ? 11.634  12.920  6.592   1.00 41.74 ? 13  ILE A CD1 1 
ATOM   71   N N   . GLU A 1 14  ? 7.452   15.935  8.914   1.00 30.21 ? 14  GLU A N   1 
ATOM   72   C CA  . GLU A 1 14  ? 7.029   16.796  10.013  1.00 36.35 ? 14  GLU A CA  1 
ATOM   73   C C   . GLU A 1 14  ? 5.541   16.669  10.314  1.00 37.92 ? 14  GLU A C   1 
ATOM   74   O O   . GLU A 1 14  ? 5.123   16.973  11.436  1.00 37.06 ? 14  GLU A O   1 
ATOM   75   C CB  . GLU A 1 14  ? 7.376   18.255  9.706   1.00 44.90 ? 14  GLU A CB  1 
ATOM   76   C CG  . GLU A 1 14  ? 8.827   18.474  9.309   1.00 45.84 ? 14  GLU A CG  1 
ATOM   77   C CD  . GLU A 1 14  ? 9.146   19.932  9.040   1.00 61.24 ? 14  GLU A CD  1 
ATOM   78   O OE1 . GLU A 1 14  ? 9.707   20.595  9.938   1.00 60.61 ? 14  GLU A OE1 1 
ATOM   79   O OE2 . GLU A 1 14  ? 8.825   20.417  7.935   1.00 54.76 ? 14  GLU A OE2 1 
ATOM   80   N N   . ASN A 1 15  ? 4.737   16.229  9.346   1.00 31.60 ? 15  ASN A N   1 
ATOM   81   C CA  . ASN A 1 15  ? 3.294   16.111  9.510   1.00 32.88 ? 15  ASN A CA  1 
ATOM   82   C C   . ASN A 1 15  ? 2.819   14.662  9.468   1.00 30.66 ? 15  ASN A C   1 
ATOM   83   O O   . ASN A 1 15  ? 1.621   14.412  9.299   1.00 28.49 ? 15  ASN A O   1 
ATOM   84   C CB  . ASN A 1 15  ? 2.570   16.927  8.438   1.00 37.97 ? 15  ASN A CB  1 
ATOM   85   C CG  . ASN A 1 15  ? 3.053   18.362  8.369   1.00 50.08 ? 15  ASN A CG  1 
ATOM   86   O OD1 . ASN A 1 15  ? 3.361   18.976  9.391   1.00 48.36 ? 15  ASN A OD1 1 
ATOM   87   N ND2 . ASN A 1 15  ? 3.123   18.905  7.160   1.00 48.53 ? 15  ASN A ND2 1 
ATOM   88   N N   . ARG A 1 16  ? 3.734   13.701  9.623   1.00 28.07 ? 16  ARG A N   1 
ATOM   89   C CA  . ARG A 1 16  ? 3.380   12.300  9.420   1.00 30.25 ? 16  ARG A CA  1 
ATOM   90   C C   . ARG A 1 16  ? 2.394   11.806  10.473  1.00 34.03 ? 16  ARG A C   1 
ATOM   91   O O   . ARG A 1 16  ? 1.500   11.010  10.166  1.00 30.55 ? 16  ARG A O   1 
ATOM   92   C CB  . ARG A 1 16  ? 4.640   11.433  9.418   1.00 32.99 ? 16  ARG A CB  1 
ATOM   93   C CG  . ARG A 1 16  ? 5.497   11.571  10.666  1.00 31.83 ? 16  ARG A CG  1 
ATOM   94   C CD  . ARG A 1 16  ? 6.632   10.562  10.681  1.00 33.39 ? 16  ARG A CD  1 
ATOM   95   N NE  . ARG A 1 16  ? 7.537   10.786  11.803  1.00 35.12 ? 16  ARG A NE  1 
ATOM   96   C CZ  . ARG A 1 16  ? 8.482   9.937   12.185  1.00 28.35 ? 16  ARG A CZ  1 
ATOM   97   N NH1 . ARG A 1 16  ? 8.664   8.781   11.567  1.00 45.09 ? 16  ARG A NH1 1 
ATOM   98   N NH2 . ARG A 1 16  ? 9.260   10.255  13.215  1.00 41.91 ? 16  ARG A NH2 1 
ATOM   99   N N   . ASP A 1 17  ? 2.539   12.262  11.719  1.00 25.56 ? 17  ASP A N   1 
ATOM   100  C CA  . ASP A 1 17  ? 1.681   11.763  12.788  1.00 30.26 ? 17  ASP A CA  1 
ATOM   101  C C   . ASP A 1 17  ? 0.248   12.260  12.668  1.00 31.08 ? 17  ASP A C   1 
ATOM   102  O O   . ASP A 1 17  ? -0.641  11.712  13.328  1.00 26.92 ? 17  ASP A O   1 
ATOM   103  C CB  . ASP A 1 17  ? 2.256   12.146  14.150  1.00 30.18 ? 17  ASP A CB  1 
ATOM   104  C CG  . ASP A 1 17  ? 3.347   11.198  14.610  1.00 39.49 ? 17  ASP A CG  1 
ATOM   105  O OD1 . ASP A 1 17  ? 3.614   10.205  13.901  1.00 35.58 ? 17  ASP A OD1 1 
ATOM   106  O OD2 . ASP A 1 17  ? 3.935   11.443  15.686  1.00 29.55 ? 17  ASP A OD2 1 
ATOM   107  N N   . GLU A 1 18  ? 0.001   13.283  11.847  1.00 26.55 ? 18  GLU A N   1 
ATOM   108  C CA  . GLU A 1 18  ? -1.366  13.729  11.612  1.00 38.20 ? 18  GLU A CA  1 
ATOM   109  C C   . GLU A 1 18  ? -2.185  12.692  10.855  1.00 33.28 ? 18  GLU A C   1 
ATOM   110  O O   . GLU A 1 18  ? -3.416  12.698  10.956  1.00 30.80 ? 18  GLU A O   1 
ATOM   111  C CB  . GLU A 1 18  ? -1.364  15.054  10.847  1.00 28.90 ? 18  GLU A CB  1 
ATOM   112  N N   . LEU A 1 19  ? -1.532  11.802  10.109  1.00 31.22 ? 19  LEU A N   1 
ATOM   113  C CA  . LEU A 1 19  ? -2.208  10.767  9.339   1.00 27.87 ? 19  LEU A CA  1 
ATOM   114  C C   . LEU A 1 19  ? -2.329  9.444   10.085  1.00 35.10 ? 19  LEU A C   1 
ATOM   115  O O   . LEU A 1 19  ? -2.806  8.465   9.502   1.00 36.23 ? 19  LEU A O   1 
ATOM   116  C CB  . LEU A 1 19  ? -1.476  10.533  8.013   1.00 35.41 ? 19  LEU A CB  1 
ATOM   117  C CG  . LEU A 1 19  ? -1.618  11.604  6.931   1.00 48.09 ? 19  LEU A CG  1 
ATOM   118  C CD1 . LEU A 1 19  ? -0.783  11.241  5.714   1.00 35.16 ? 19  LEU A CD1 1 
ATOM   119  C CD2 . LEU A 1 19  ? -3.077  11.783  6.546   1.00 38.34 ? 19  LEU A CD2 1 
ATOM   120  N N   . VAL A 1 20  ? -1.912  9.387   11.351  1.00 22.15 ? 20  VAL A N   1 
ATOM   121  C CA  . VAL A 1 20  ? -1.971  8.131   12.094  1.00 34.02 ? 20  VAL A CA  1 
ATOM   122  C C   . VAL A 1 20  ? -3.416  7.765   12.411  1.00 26.19 ? 20  VAL A C   1 
ATOM   123  O O   . VAL A 1 20  ? -3.875  6.658   12.104  1.00 26.53 ? 20  VAL A O   1 
ATOM   124  C CB  . VAL A 1 20  ? -1.119  8.222   13.372  1.00 37.66 ? 20  VAL A CB  1 
ATOM   125  C CG1 . VAL A 1 20  ? -1.392  7.029   14.274  1.00 29.09 ? 20  VAL A CG1 1 
ATOM   126  C CG2 . VAL A 1 20  ? 0.355   8.291   13.015  1.00 30.00 ? 20  VAL A CG2 1 
ATOM   127  N N   . GLU A 1 21  ? -4.151  8.687   13.034  1.00 27.47 ? 21  GLU A N   1 
ATOM   128  C CA  . GLU A 1 21  ? -5.550  8.418   13.364  1.00 32.11 ? 21  GLU A CA  1 
ATOM   129  C C   . GLU A 1 21  ? -6.403  8.123   12.135  1.00 38.61 ? 21  GLU A C   1 
ATOM   130  O O   . GLU A 1 21  ? -7.191  7.162   12.181  1.00 29.08 ? 21  GLU A O   1 
ATOM   131  C CB  . GLU A 1 21  ? -6.120  9.585   14.178  1.00 33.68 ? 21  GLU A CB  1 
ATOM   132  N N   . PRO A 1 22  ? -6.318  8.879   11.029  1.00 29.93 ? 22  PRO A N   1 
ATOM   133  C CA  . PRO A 1 22  ? -7.109  8.496   9.846   1.00 31.63 ? 22  PRO A CA  1 
ATOM   134  C C   . PRO A 1 22  ? -6.751  7.126   9.296   1.00 37.13 ? 22  PRO A C   1 
ATOM   135  O O   . PRO A 1 22  ? -7.640  6.398   8.837   1.00 30.16 ? 22  PRO A O   1 
ATOM   136  C CB  . PRO A 1 22  ? -6.793  9.613   8.840   1.00 31.65 ? 22  PRO A CB  1 
ATOM   137  C CG  . PRO A 1 22  ? -6.400  10.771  9.677   1.00 34.90 ? 22  PRO A CG  1 
ATOM   138  C CD  . PRO A 1 22  ? -5.653  10.181  10.832  1.00 37.73 ? 22  PRO A CD  1 
ATOM   139  N N   . TYR A 1 23  ? -5.468  6.754   9.325   1.00 26.36 ? 23  TYR A N   1 
ATOM   140  C CA  . TYR A 1 23  ? -5.075  5.426   8.864   1.00 27.56 ? 23  TYR A CA  1 
ATOM   141  C C   . TYR A 1 23  ? -5.712  4.336   9.715   1.00 29.58 ? 23  TYR A C   1 
ATOM   142  O O   . TYR A 1 23  ? -6.190  3.325   9.188   1.00 28.87 ? 23  TYR A O   1 
ATOM   143  C CB  . TYR A 1 23  ? -3.552  5.291   8.876   1.00 27.53 ? 23  TYR A CB  1 
ATOM   144  C CG  . TYR A 1 23  ? -3.064  3.862   8.764   1.00 43.92 ? 23  TYR A CG  1 
ATOM   145  C CD1 . TYR A 1 23  ? -2.754  3.121   9.900   1.00 34.24 ? 23  TYR A CD1 1 
ATOM   146  C CD2 . TYR A 1 23  ? -2.916  3.253   7.525   1.00 37.81 ? 23  TYR A CD2 1 
ATOM   147  C CE1 . TYR A 1 23  ? -2.308  1.815   9.803   1.00 39.59 ? 23  TYR A CE1 1 
ATOM   148  C CE2 . TYR A 1 23  ? -2.470  1.948   7.418   1.00 38.03 ? 23  TYR A CE2 1 
ATOM   149  C CZ  . TYR A 1 23  ? -2.169  1.234   8.560   1.00 49.46 ? 23  TYR A CZ  1 
ATOM   150  O OH  . TYR A 1 23  ? -1.726  -0.065  8.458   1.00 49.54 ? 23  TYR A OH  1 
ATOM   151  N N   . VAL A 1 24  ? -5.717  4.520   11.038  1.00 30.32 ? 24  VAL A N   1 
ATOM   152  C CA  . VAL A 1 24  ? -6.308  3.524   11.930  1.00 27.50 ? 24  VAL A CA  1 
ATOM   153  C C   . VAL A 1 24  ? -7.798  3.381   11.651  1.00 23.11 ? 24  VAL A C   1 
ATOM   154  O O   . VAL A 1 24  ? -8.329  2.266   11.576  1.00 26.29 ? 24  VAL A O   1 
ATOM   155  C CB  . VAL A 1 24  ? -6.039  3.896   13.399  1.00 23.78 ? 24  VAL A CB  1 
ATOM   156  C CG1 . VAL A 1 24  ? -6.764  2.940   14.334  1.00 24.59 ? 24  VAL A CG1 1 
ATOM   157  C CG2 . VAL A 1 24  ? -4.545  3.889   13.683  1.00 27.00 ? 24  VAL A CG2 1 
ATOM   158  N N   . GLU A 1 25  ? -8.494  4.509   11.486  1.00 25.21 ? 25  GLU A N   1 
ATOM   159  C CA  . GLU A 1 25  ? -9.926  4.461   11.205  1.00 28.40 ? 25  GLU A CA  1 
ATOM   160  C C   . GLU A 1 25  ? -10.203 3.803   9.861   1.00 27.71 ? 25  GLU A C   1 
ATOM   161  O O   . GLU A 1 25  ? -11.123 2.986   9.738   1.00 28.66 ? 25  GLU A O   1 
ATOM   162  C CB  . GLU A 1 25  ? -10.518 5.869   11.237  1.00 38.02 ? 25  GLU A CB  1 
ATOM   163  C CG  . GLU A 1 25  ? -10.378 6.583   12.568  1.00 36.87 ? 25  GLU A CG  1 
ATOM   164  C CD  . GLU A 1 25  ? -11.054 7.939   12.564  1.00 56.61 ? 25  GLU A CD  1 
ATOM   165  O OE1 . GLU A 1 25  ? -11.882 8.186   11.662  1.00 42.90 ? 25  GLU A OE1 1 
ATOM   166  O OE2 . GLU A 1 25  ? -10.757 8.757   13.459  1.00 59.85 ? 25  GLU A OE2 1 
ATOM   167  N N   . ARG A 1 26  ? -9.418  4.151   8.838   1.00 24.32 ? 26  ARG A N   1 
ATOM   168  C CA  . ARG A 1 26  ? -9.624  3.563   7.521   1.00 31.17 ? 26  ARG A CA  1 
ATOM   169  C C   . ARG A 1 26  ? -9.354  2.064   7.541   1.00 24.13 ? 26  ARG A C   1 
ATOM   170  O O   . ARG A 1 26  ? -10.078 1.287   6.910   1.00 30.39 ? 26  ARG A O   1 
ATOM   171  C CB  . ARG A 1 26  ? -8.736  4.260   6.490   1.00 30.33 ? 26  ARG A CB  1 
ATOM   172  C CG  . ARG A 1 26  ? -8.953  3.783   5.062   1.00 40.88 ? 26  ARG A CG  1 
ATOM   173  C CD  . ARG A 1 26  ? -10.410 3.931   4.652   1.00 40.56 ? 26  ARG A CD  1 
ATOM   174  N NE  . ARG A 1 26  ? -10.852 5.321   4.684   1.00 45.09 ? 26  ARG A NE  1 
ATOM   175  C CZ  . ARG A 1 26  ? -12.106 5.712   4.505   1.00 42.37 ? 26  ARG A CZ  1 
ATOM   176  N NH1 . ARG A 1 26  ? -13.079 4.840   4.290   1.00 30.51 ? 26  ARG A NH1 1 
ATOM   177  N NH2 . ARG A 1 26  ? -12.394 7.010   4.547   1.00 45.49 ? 26  ARG A NH2 1 
ATOM   178  N N   . ALA A 1 27  ? -8.324  1.637   8.276   1.00 24.54 ? 27  ALA A N   1 
ATOM   179  C CA  . ALA A 1 27  ? -7.995  0.217   8.334   1.00 26.55 ? 27  ALA A CA  1 
ATOM   180  C C   . ALA A 1 27  ? -9.088  -0.581  9.035   1.00 25.46 ? 27  ALA A C   1 
ATOM   181  O O   . ALA A 1 27  ? -9.388  -1.713  8.639   1.00 22.49 ? 27  ALA A O   1 
ATOM   182  C CB  . ALA A 1 27  ? -6.653  0.019   9.034   1.00 34.34 ? 27  ALA A CB  1 
ATOM   183  N N   . LYS A 1 28  ? -9.691  -0.011  10.081  1.00 21.83 ? 28  LYS A N   1 
ATOM   184  C CA  . LYS A 1 28  ? -10.779 -0.704  10.764  1.00 23.27 ? 28  LYS A CA  1 
ATOM   185  C C   . LYS A 1 28  ? -12.027 -0.784  9.892   1.00 26.64 ? 28  LYS A C   1 
ATOM   186  O O   . LYS A 1 28  ? -12.780 -1.759  9.981   1.00 22.46 ? 28  LYS A O   1 
ATOM   187  C CB  . LYS A 1 28  ? -11.093 -0.012  12.091  1.00 24.85 ? 28  LYS A CB  1 
ATOM   188  C CG  . LYS A 1 28  ? -10.004 -0.186  13.139  1.00 23.56 ? 28  LYS A CG  1 
ATOM   189  C CD  . LYS A 1 28  ? -10.305 0.599   14.406  1.00 34.25 ? 28  LYS A CD  1 
ATOM   190  C CE  . LYS A 1 28  ? -9.216  0.387   15.448  1.00 29.22 ? 28  LYS A CE  1 
ATOM   191  N NZ  . LYS A 1 28  ? -9.435  1.205   16.672  1.00 43.20 ? 28  LYS A NZ  1 
ATOM   192  N N   . LYS A 1 29  ? -12.258 0.221   9.046   1.00 23.43 ? 29  LYS A N   1 
ATOM   193  C CA  . LYS A 1 29  ? -13.391 0.167   8.128   1.00 22.20 ? 29  LYS A CA  1 
ATOM   194  C C   . LYS A 1 29  ? -13.166 -0.873  7.037   1.00 24.74 ? 29  LYS A C   1 
ATOM   195  O O   . LYS A 1 29  ? -14.083 -1.626  6.692   1.00 24.71 ? 29  LYS A O   1 
ATOM   196  C CB  . LYS A 1 29  ? -13.638 1.543   7.513   1.00 30.69 ? 29  LYS A CB  1 
ATOM   197  N N   . LEU A 1 30  ? -11.950 -0.929  6.484   1.00 29.00 ? 30  LEU A N   1 
ATOM   198  C CA  . LEU A 1 30  ? -11.659 -1.893  5.426   1.00 26.68 ? 30  LEU A CA  1 
ATOM   199  C C   . LEU A 1 30  ? -11.746 -3.326  5.930   1.00 29.89 ? 30  LEU A C   1 
ATOM   200  O O   . LEU A 1 30  ? -12.030 -4.242  5.149   1.00 31.38 ? 30  LEU A O   1 
ATOM   201  C CB  . LEU A 1 30  ? -10.273 -1.627  4.836   1.00 33.63 ? 30  LEU A CB  1 
ATOM   202  C CG  . LEU A 1 30  ? -10.011 -0.259  4.201   1.00 29.61 ? 30  LEU A CG  1 
ATOM   203  C CD1 . LEU A 1 30  ? -8.543  -0.113  3.832   1.00 25.60 ? 30  LEU A CD1 1 
ATOM   204  C CD2 . LEU A 1 30  ? -10.892 -0.037  2.984   1.00 34.92 ? 30  LEU A CD2 1 
ATOM   205  N N   . ALA A 1 31  ? -11.503 -3.542  7.226   1.00 29.05 ? 31  ALA A N   1 
ATOM   206  C CA  . ALA A 1 31  ? -11.540 -4.894  7.773   1.00 28.51 ? 31  ALA A CA  1 
ATOM   207  C C   . ALA A 1 31  ? -12.942 -5.484  7.731   1.00 30.98 ? 31  ALA A C   1 
ATOM   208  O O   . ALA A 1 31  ? -13.095 -6.708  7.659   1.00 31.33 ? 31  ALA A O   1 
ATOM   209  C CB  . ALA A 1 31  ? -11.010 -4.897  9.205   1.00 31.79 ? 31  ALA A CB  1 
ATOM   210  N N   . GLU A 1 32  ? -13.972 -4.640  7.778   1.00 30.28 ? 32  GLU A N   1 
ATOM   211  C CA  . GLU A 1 32  ? -15.346 -5.117  7.691   1.00 40.01 ? 32  GLU A CA  1 
ATOM   212  C C   . GLU A 1 32  ? -15.882 -5.072  6.267   1.00 33.36 ? 32  GLU A C   1 
ATOM   213  O O   . GLU A 1 32  ? -16.654 -5.952  5.869   1.00 31.49 ? 32  GLU A O   1 
ATOM   214  C CB  . GLU A 1 32  ? -16.248 -4.296  8.616   1.00 33.91 ? 32  GLU A CB  1 
ATOM   215  C CG  . GLU A 1 32  ? -15.894 -4.422  10.087  1.00 40.23 ? 32  GLU A CG  1 
ATOM   216  C CD  . GLU A 1 32  ? -15.696 -5.862  10.512  1.00 41.65 ? 32  GLU A CD  1 
ATOM   217  O OE1 . GLU A 1 32  ? -14.604 -6.188  11.024  1.00 56.67 ? 32  GLU A OE1 1 
ATOM   218  O OE2 . GLU A 1 32  ? -16.627 -6.673  10.320  1.00 52.80 ? 32  GLU A OE2 1 
ATOM   219  N N   . GLU A 1 33  ? -15.483 -4.063  5.487   1.00 31.94 ? 33  GLU A N   1 
ATOM   220  C CA  . GLU A 1 33  ? -15.971 -3.955  4.116   1.00 33.90 ? 33  GLU A CA  1 
ATOM   221  C C   . GLU A 1 33  ? -15.457 -5.090  3.241   1.00 28.12 ? 33  GLU A C   1 
ATOM   222  O O   . GLU A 1 33  ? -16.120 -5.464  2.266   1.00 31.00 ? 33  GLU A O   1 
ATOM   223  C CB  . GLU A 1 33  ? -15.569 -2.607  3.514   1.00 29.20 ? 33  GLU A CB  1 
ATOM   224  C CG  . GLU A 1 33  ? -16.148 -1.397  4.226   1.00 43.01 ? 33  GLU A CG  1 
ATOM   225  C CD  . GLU A 1 33  ? -15.728 -0.091  3.581   1.00 43.87 ? 33  GLU A CD  1 
ATOM   226  O OE1 . GLU A 1 33  ? -16.530 0.486   2.817   1.00 48.90 ? 33  GLU A OE1 1 
ATOM   227  O OE2 . GLU A 1 33  ? -14.587 0.353   3.829   1.00 53.17 ? 33  GLU A OE2 1 
ATOM   228  N N   . ILE A 1 34  ? -14.288 -5.649  3.565   1.00 28.51 ? 34  ILE A N   1 
ATOM   229  C CA  . ILE A 1 34  ? -13.728 -6.707  2.731   1.00 23.62 ? 34  ILE A CA  1 
ATOM   230  C C   . ILE A 1 34  ? -14.575 -7.970  2.818   1.00 29.78 ? 34  ILE A C   1 
ATOM   231  O O   . ILE A 1 34  ? -14.643 -8.745  1.856   1.00 30.31 ? 34  ILE A O   1 
ATOM   232  C CB  . ILE A 1 34  ? -12.257 -6.973  3.114   1.00 23.61 ? 34  ILE A CB  1 
ATOM   233  C CG1 . ILE A 1 34  ? -11.601 -7.918  2.103   1.00 23.81 ? 34  ILE A CG1 1 
ATOM   234  C CG2 . ILE A 1 34  ? -12.155 -7.537  4.525   1.00 24.81 ? 34  ILE A CG2 1 
ATOM   235  C CD1 . ILE A 1 34  ? -10.133 -8.177  2.369   1.00 29.71 ? 34  ILE A CD1 1 
ATOM   236  N N   . LYS A 1 35  ? -15.248 -8.192  3.950   1.00 28.88 ? 35  LYS A N   1 
ATOM   237  C CA  . LYS A 1 35  ? -16.109 -9.362  4.079   1.00 28.22 ? 35  LYS A CA  1 
ATOM   238  C C   . LYS A 1 35  ? -17.274 -9.297  3.101   1.00 40.95 ? 35  LYS A C   1 
ATOM   239  O O   . LYS A 1 35  ? -17.706 -10.327 2.567   1.00 34.32 ? 35  LYS A O   1 
ATOM   240  C CB  . LYS A 1 35  ? -16.622 -9.481  5.514   1.00 32.02 ? 35  LYS A CB  1 
ATOM   241  C CG  . LYS A 1 35  ? -15.526 -9.564  6.563   1.00 32.89 ? 35  LYS A CG  1 
ATOM   242  C CD  . LYS A 1 35  ? -16.116 -9.644  7.961   1.00 31.22 ? 35  LYS A CD  1 
ATOM   243  C CE  . LYS A 1 35  ? -15.030 -9.723  9.018   1.00 40.06 ? 35  LYS A CE  1 
ATOM   244  N NZ  . LYS A 1 35  ? -15.606 -9.810  10.389  1.00 45.43 ? 35  LYS A NZ  1 
ATOM   245  N N   . LYS A 1 36  ? -17.796 -8.093  2.853   1.00 29.84 ? 36  LYS A N   1 
ATOM   246  C CA  . LYS A 1 36  ? -18.861 -7.934  1.870   1.00 36.26 ? 36  LYS A CA  1 
ATOM   247  C C   . LYS A 1 36  ? -18.382 -8.309  0.474   1.00 34.00 ? 36  LYS A C   1 
ATOM   248  O O   . LYS A 1 36  ? -19.096 -8.980  -0.280  1.00 29.31 ? 36  LYS A O   1 
ATOM   249  C CB  . LYS A 1 36  ? -19.381 -6.497  1.892   1.00 40.97 ? 36  LYS A CB  1 
ATOM   250  C CG  . LYS A 1 36  ? -20.373 -6.169  0.790   1.00 34.23 ? 36  LYS A CG  1 
ATOM   251  C CD  . LYS A 1 36  ? -20.749 -4.695  0.814   1.00 40.98 ? 36  LYS A CD  1 
ATOM   252  C CE  . LYS A 1 36  ? -21.730 -4.351  -0.294  1.00 54.37 ? 36  LYS A CE  1 
ATOM   253  N NZ  . LYS A 1 36  ? -22.090 -2.906  -0.281  1.00 57.17 ? 36  LYS A NZ  1 
ATOM   254  N N   . TYR A 1 37  ? -17.167 -7.890  0.113   1.00 22.17 ? 37  TYR A N   1 
ATOM   255  C CA  . TYR A 1 37  ? -16.633 -8.191  -1.207  1.00 21.94 ? 37  TYR A CA  1 
ATOM   256  C C   . TYR A 1 37  ? -15.996 -9.570  -1.284  1.00 30.84 ? 37  TYR A C   1 
ATOM   257  O O   . TYR A 1 37  ? -15.795 -10.084 -2.390  1.00 38.43 ? 37  TYR A O   1 
ATOM   258  C CB  . TYR A 1 37  ? -15.629 -7.115  -1.622  1.00 22.16 ? 37  TYR A CB  1 
ATOM   259  C CG  . TYR A 1 37  ? -16.296 -5.813  -1.998  1.00 35.42 ? 37  TYR A CG  1 
ATOM   260  C CD1 . TYR A 1 37  ? -16.650 -5.549  -3.315  1.00 25.34 ? 37  TYR A CD1 1 
ATOM   261  C CD2 . TYR A 1 37  ? -16.592 -4.857  -1.036  1.00 26.54 ? 37  TYR A CD2 1 
ATOM   262  C CE1 . TYR A 1 37  ? -17.269 -4.365  -3.665  1.00 31.64 ? 37  TYR A CE1 1 
ATOM   263  C CE2 . TYR A 1 37  ? -17.212 -3.668  -1.377  1.00 35.67 ? 37  TYR A CE2 1 
ATOM   264  C CZ  . TYR A 1 37  ? -17.549 -3.429  -2.692  1.00 38.43 ? 37  TYR A CZ  1 
ATOM   265  O OH  . TYR A 1 37  ? -18.165 -2.249  -3.042  1.00 34.83 ? 37  TYR A OH  1 
ATOM   266  N N   . VAL A 1 38  ? -15.670 -10.180 -0.142  1.00 31.86 ? 38  VAL A N   1 
ATOM   267  C CA  . VAL A 1 38  ? -15.270 -11.583 -0.150  1.00 38.28 ? 38  VAL A CA  1 
ATOM   268  C C   . VAL A 1 38  ? -16.464 -12.467 -0.485  1.00 39.40 ? 38  VAL A C   1 
ATOM   269  O O   . VAL A 1 38  ? -16.356 -13.406 -1.283  1.00 36.57 ? 38  VAL A O   1 
ATOM   270  C CB  . VAL A 1 38  ? -14.632 -11.968 1.199   1.00 36.06 ? 38  VAL A CB  1 
ATOM   271  C CG1 . VAL A 1 38  ? -14.688 -13.472 1.409   1.00 43.23 ? 38  VAL A CG1 1 
ATOM   272  C CG2 . VAL A 1 38  ? -13.193 -11.483 1.256   1.00 28.39 ? 38  VAL A CG2 1 
ATOM   273  N N   . GLU A 1 39  ? -17.626 -12.173 0.104   1.00 36.00 ? 39  GLU A N   1 
ATOM   274  C CA  . GLU A 1 39  ? -18.836 -12.908 -0.240  1.00 40.85 ? 39  GLU A CA  1 
ATOM   275  C C   . GLU A 1 39  ? -19.327 -12.554 -1.639  1.00 42.37 ? 39  GLU A C   1 
ATOM   276  O O   . GLU A 1 39  ? -19.977 -13.379 -2.292  1.00 39.27 ? 39  GLU A O   1 
ATOM   277  C CB  . GLU A 1 39  ? -19.930 -12.634 0.792   1.00 43.51 ? 39  GLU A CB  1 
ATOM   278  N N   . GLY A 1 40  ? -19.026 -11.343 -2.113  1.00 30.87 ? 40  GLY A N   1 
ATOM   279  C CA  . GLY A 1 40  ? -19.431 -10.958 -3.454  1.00 36.83 ? 40  GLY A CA  1 
ATOM   280  C C   . GLY A 1 40  ? -18.714 -11.731 -4.541  1.00 37.50 ? 40  GLY A C   1 
ATOM   281  O O   . GLY A 1 40  ? -19.247 -11.898 -5.643  1.00 47.59 ? 40  GLY A O   1 
ATOM   282  N N   . GLY A 1 41  ? -17.507 -12.210 -4.257  1.00 26.97 ? 41  GLY A N   1 
ATOM   283  C CA  . GLY A 1 41  ? -16.761 -13.025 -5.196  1.00 32.20 ? 41  GLY A CA  1 
ATOM   284  C C   . GLY A 1 41  ? -15.729 -12.224 -5.967  1.00 30.66 ? 41  GLY A C   1 
ATOM   285  O O   . GLY A 1 41  ? -15.594 -11.004 -5.829  1.00 31.46 ? 41  GLY A O   1 
ATOM   286  N N   . VAL A 1 42  ? -14.988 -12.953 -6.804  1.00 27.81 ? 42  VAL A N   1 
ATOM   287  C CA  . VAL A 1 42  ? -13.934 -12.339 -7.607  1.00 29.46 ? 42  VAL A CA  1 
ATOM   288  C C   . VAL A 1 42  ? -14.524 -11.338 -8.591  1.00 31.70 ? 42  VAL A C   1 
ATOM   289  O O   . VAL A 1 42  ? -13.988 -10.239 -8.780  1.00 28.94 ? 42  VAL A O   1 
ATOM   290  C CB  . VAL A 1 42  ? -13.114 -13.427 -8.327  1.00 21.43 ? 42  VAL A CB  1 
ATOM   291  C CG1 . VAL A 1 42  ? -12.149 -12.803 -9.324  1.00 26.05 ? 42  VAL A CG1 1 
ATOM   292  C CG2 . VAL A 1 42  ? -12.366 -14.282 -7.315  1.00 24.99 ? 42  VAL A CG2 1 
ATOM   293  N N   . GLU A 1 43  ? -15.642 -11.698 -9.229  1.00 29.41 ? 43  GLU A N   1 
ATOM   294  C CA  . GLU A 1 43  ? -16.234 -10.828 -10.241 1.00 31.26 ? 43  GLU A CA  1 
ATOM   295  C C   . GLU A 1 43  ? -16.716 -9.511  -9.646  1.00 28.80 ? 43  GLU A C   1 
ATOM   296  O O   . GLU A 1 43  ? -16.668 -8.474  -10.317 1.00 33.70 ? 43  GLU A O   1 
ATOM   297  C CB  . GLU A 1 43  ? -17.387 -11.547 -10.942 1.00 25.56 ? 43  GLU A CB  1 
ATOM   298  N N   . ALA A 1 44  ? -17.181 -9.528  -8.394  1.00 29.53 ? 44  ALA A N   1 
ATOM   299  C CA  . ALA A 1 44  ? -17.630 -8.292  -7.762  1.00 27.48 ? 44  ALA A CA  1 
ATOM   300  C C   . ALA A 1 44  ? -16.457 -7.364  -7.467  1.00 26.71 ? 44  ALA A C   1 
ATOM   301  O O   . ALA A 1 44  ? -16.581 -6.140  -7.588  1.00 25.83 ? 44  ALA A O   1 
ATOM   302  C CB  . ALA A 1 44  ? -18.403 -8.606  -6.482  1.00 32.34 ? 44  ALA A CB  1 
ATOM   303  N N   . ILE A 1 45  ? -15.313 -7.930  -7.077  1.00 24.41 ? 45  ILE A N   1 
ATOM   304  C CA  . ILE A 1 45  ? -14.135 -7.112  -6.805  1.00 27.00 ? 45  ILE A CA  1 
ATOM   305  C C   . ILE A 1 45  ? -13.583 -6.524  -8.097  1.00 25.31 ? 45  ILE A C   1 
ATOM   306  O O   . ILE A 1 45  ? -13.201 -5.348  -8.147  1.00 24.47 ? 45  ILE A O   1 
ATOM   307  C CB  . ILE A 1 45  ? -13.071 -7.940  -6.062  1.00 21.93 ? 45  ILE A CB  1 
ATOM   308  C CG1 . ILE A 1 45  ? -13.650 -8.531  -4.776  1.00 21.24 ? 45  ILE A CG1 1 
ATOM   309  C CG2 . ILE A 1 45  ? -11.845 -7.087  -5.756  1.00 24.73 ? 45  ILE A CG2 1 
ATOM   310  C CD1 . ILE A 1 45  ? -12.664 -9.372  -3.996  1.00 25.48 ? 45  ILE A CD1 1 
ATOM   311  N N   . VAL A 1 46  ? -13.536 -7.329  -9.161  1.00 22.24 ? 46  VAL A N   1 
ATOM   312  C CA  . VAL A 1 46  ? -12.966 -6.872  -10.427 1.00 23.40 ? 46  VAL A CA  1 
ATOM   313  C C   . VAL A 1 46  ? -13.797 -5.734  -11.007 1.00 25.22 ? 46  VAL A C   1 
ATOM   314  O O   . VAL A 1 46  ? -13.260 -4.709  -11.443 1.00 29.83 ? 46  VAL A O   1 
ATOM   315  C CB  . VAL A 1 46  ? -12.851 -8.047  -11.415 1.00 35.82 ? 46  VAL A CB  1 
ATOM   316  C CG1 . VAL A 1 46  ? -12.577 -7.535  -12.820 1.00 21.58 ? 46  VAL A CG1 1 
ATOM   317  C CG2 . VAL A 1 46  ? -11.758 -9.009  -10.971 1.00 22.86 ? 46  VAL A CG2 1 
ATOM   318  N N   . GLU A 1 47  ? -15.123 -5.898  -11.018 1.00 22.79 ? 47  GLU A N   1 
ATOM   319  C CA  . GLU A 1 47  ? -15.990 -4.877  -11.595 1.00 33.00 ? 47  GLU A CA  1 
ATOM   320  C C   . GLU A 1 47  ? -15.916 -3.575  -10.808 1.00 28.63 ? 47  GLU A C   1 
ATOM   321  O O   . GLU A 1 47  ? -15.956 -2.486  -11.390 1.00 28.65 ? 47  GLU A O   1 
ATOM   322  C CB  . GLU A 1 47  ? -17.430 -5.386  -11.658 1.00 36.44 ? 47  GLU A CB  1 
ATOM   323  N N   . ALA A 1 48  ? -15.805 -3.666  -9.480  1.00 20.91 ? 48  ALA A N   1 
ATOM   324  C CA  . ALA A 1 48  ? -15.716 -2.462  -8.661  1.00 30.27 ? 48  ALA A CA  1 
ATOM   325  C C   . ALA A 1 48  ? -14.426 -1.701  -8.944  1.00 21.00 ? 48  ALA A C   1 
ATOM   326  O O   . ALA A 1 48  ? -14.435 -0.475  -9.106  1.00 23.60 ? 48  ALA A O   1 
ATOM   327  C CB  . ALA A 1 48  ? -15.813 -2.829  -7.180  1.00 23.69 ? 48  ALA A CB  1 
ATOM   328  N N   . ILE A 1 49  ? -13.304 -2.418  -9.018  1.00 22.15 ? 49  ILE A N   1 
ATOM   329  C CA  . ILE A 1 49  ? -12.017 -1.768  -9.245  1.00 18.57 ? 49  ILE A CA  1 
ATOM   330  C C   . ILE A 1 49  ? -11.931 -1.226  -10.666 1.00 26.98 ? 49  ILE A C   1 
ATOM   331  O O   . ILE A 1 49  ? -11.398 -0.134  -10.897 1.00 27.78 ? 49  ILE A O   1 
ATOM   332  C CB  . ILE A 1 49  ? -10.871 -2.746  -8.934  1.00 26.47 ? 49  ILE A CB  1 
ATOM   333  C CG1 . ILE A 1 49  ? -10.866 -3.086  -7.443  1.00 23.97 ? 49  ILE A CG1 1 
ATOM   334  C CG2 . ILE A 1 49  ? -9.531  -2.167  -9.363  1.00 24.39 ? 49  ILE A CG2 1 
ATOM   335  C CD1 . ILE A 1 49  ? -9.880  -4.158  -7.069  1.00 19.46 ? 49  ILE A CD1 1 
ATOM   336  N N   . LYS A 1 50  ? -12.460 -1.973  -11.640 1.00 30.04 ? 50  LYS A N   1 
ATOM   337  C CA  . LYS A 1 50  ? -12.448 -1.501  -13.020 1.00 34.74 ? 50  LYS A CA  1 
ATOM   338  C C   . LYS A 1 50  ? -13.224 -0.201  -13.174 1.00 27.53 ? 50  LYS A C   1 
ATOM   339  O O   . LYS A 1 50  ? -12.893 0.623   -14.035 1.00 42.31 ? 50  LYS A O   1 
ATOM   340  C CB  . LYS A 1 50  ? -13.020 -2.575  -13.948 1.00 26.77 ? 50  LYS A CB  1 
ATOM   341  N N   . ASN A 1 51  ? -14.249 0.007   -12.349 1.00 32.51 ? 51  ASN A N   1 
ATOM   342  C CA  . ASN A 1 51  ? -15.034 1.233   -12.369 1.00 33.49 ? 51  ASN A CA  1 
ATOM   343  C C   . ASN A 1 51  ? -14.490 2.296   -11.422 1.00 30.32 ? 51  ASN A C   1 
ATOM   344  O O   . ASN A 1 51  ? -15.191 3.270   -11.134 1.00 40.49 ? 51  ASN A O   1 
ATOM   345  C CB  . ASN A 1 51  ? -16.495 0.923   -12.035 1.00 23.42 ? 51  ASN A CB  1 
ATOM   346  C CG  . ASN A 1 51  ? -17.174 0.103   -13.113 1.00 38.01 ? 51  ASN A CG  1 
ATOM   347  O OD1 . ASN A 1 51  ? -16.890 0.262   -14.301 1.00 35.79 ? 51  ASN A OD1 1 
ATOM   348  N ND2 . ASN A 1 51  ? -18.073 -0.786  -12.705 1.00 49.58 ? 51  ASN A ND2 1 
ATOM   349  N N   . GLY A 1 52  ? -13.267 2.127   -10.926 1.00 28.85 ? 52  GLY A N   1 
ATOM   350  C CA  . GLY A 1 52  ? -12.615 3.175   -10.166 1.00 30.51 ? 52  GLY A CA  1 
ATOM   351  C C   . GLY A 1 52  ? -13.002 3.284   -8.708  1.00 29.00 ? 52  GLY A C   1 
ATOM   352  O O   . GLY A 1 52  ? -12.978 4.386   -8.152  1.00 37.01 ? 52  GLY A O   1 
ATOM   353  N N   . ASP A 1 53  ? -13.348 2.173   -8.062  1.00 18.14 ? 53  ASP A N   1 
ATOM   354  C CA  . ASP A 1 53  ? -13.665 2.189   -6.635  1.00 25.55 ? 53  ASP A CA  1 
ATOM   355  C C   . ASP A 1 53  ? -12.352 2.152   -5.857  1.00 25.11 ? 53  ASP A C   1 
ATOM   356  O O   . ASP A 1 53  ? -11.718 1.101   -5.734  1.00 29.88 ? 53  ASP A O   1 
ATOM   357  C CB  . ASP A 1 53  ? -14.574 1.018   -6.275  1.00 23.88 ? 53  ASP A CB  1 
ATOM   358  C CG  . ASP A 1 53  ? -15.226 1.178   -4.914  1.00 29.15 ? 53  ASP A CG  1 
ATOM   359  O OD1 . ASP A 1 53  ? -14.527 1.564   -3.955  1.00 24.03 ? 53  ASP A OD1 1 
ATOM   360  O OD2 . ASP A 1 53  ? -16.441 0.913   -4.803  1.00 26.91 ? 53  ASP A OD2 1 
ATOM   361  N N   . LEU A 1 54  ? -11.940 3.314   -5.337  1.00 21.14 ? 54  LEU A N   1 
ATOM   362  C CA  . LEU A 1 54  ? -10.712 3.397   -4.549  1.00 26.05 ? 54  LEU A CA  1 
ATOM   363  C C   . LEU A 1 54  ? -10.766 2.471   -3.343  1.00 27.77 ? 54  LEU A C   1 
ATOM   364  O O   . LEU A 1 54  ? -9.781  1.792   -3.027  1.00 25.60 ? 54  LEU A O   1 
ATOM   365  C CB  . LEU A 1 54  ? -10.483 4.845   -4.102  1.00 29.31 ? 54  LEU A CB  1 
ATOM   366  C CG  . LEU A 1 54  ? -9.217  5.334   -3.385  1.00 43.23 ? 54  LEU A CG  1 
ATOM   367  C CD1 . LEU A 1 54  ? -9.147  6.856   -3.488  1.00 45.19 ? 54  LEU A CD1 1 
ATOM   368  C CD2 . LEU A 1 54  ? -9.152  4.902   -1.916  1.00 46.45 ? 54  LEU A CD2 1 
ATOM   369  N N   . GLU A 1 55  ? -11.908 2.436   -2.653  1.00 24.56 ? 55  GLU A N   1 
ATOM   370  C CA  . GLU A 1 55  ? -12.013 1.677   -1.412  1.00 20.88 ? 55  GLU A CA  1 
ATOM   371  C C   . GLU A 1 55  ? -11.780 0.191   -1.655  1.00 23.46 ? 55  GLU A C   1 
ATOM   372  O O   . GLU A 1 55  ? -11.046 -0.465  -0.907  1.00 21.43 ? 55  GLU A O   1 
ATOM   373  C CB  . GLU A 1 55  ? -13.382 1.916   -0.773  1.00 23.62 ? 55  GLU A CB  1 
ATOM   374  C CG  . GLU A 1 55  ? -13.459 1.547   0.700   1.00 28.43 ? 55  GLU A CG  1 
ATOM   375  C CD  . GLU A 1 55  ? -12.862 2.611   1.608   1.00 44.15 ? 55  GLU A CD  1 
ATOM   376  O OE1 . GLU A 1 55  ? -12.317 3.609   1.091   1.00 49.41 ? 55  GLU A OE1 1 
ATOM   377  O OE2 . GLU A 1 55  ? -12.945 2.453   2.845   1.00 37.96 ? 55  GLU A OE2 1 
ATOM   378  N N   . VAL A 1 56  ? -12.396 -0.356  -2.705  1.00 25.84 ? 56  VAL A N   1 
ATOM   379  C CA  . VAL A 1 56  ? -12.191 -1.764  -3.035  1.00 22.02 ? 56  VAL A CA  1 
ATOM   380  C C   . VAL A 1 56  ? -10.749 -2.006  -3.458  1.00 23.04 ? 56  VAL A C   1 
ATOM   381  O O   . VAL A 1 56  ? -10.144 -3.026  -3.101  1.00 23.91 ? 56  VAL A O   1 
ATOM   382  C CB  . VAL A 1 56  ? -13.186 -2.209  -4.122  1.00 22.21 ? 56  VAL A CB  1 
ATOM   383  C CG1 . VAL A 1 56  ? -12.987 -3.679  -4.467  1.00 17.52 ? 56  VAL A CG1 1 
ATOM   384  C CG2 . VAL A 1 56  ? -14.610 -1.958  -3.664  1.00 23.53 ? 56  VAL A CG2 1 
ATOM   385  N N   . LEU A 1 57  ? -10.175 -1.076  -4.222  1.00 23.35 ? 57  LEU A N   1 
ATOM   386  C CA  . LEU A 1 57  ? -8.773  -1.195  -4.605  1.00 25.52 ? 57  LEU A CA  1 
ATOM   387  C C   . LEU A 1 57  ? -7.866  -1.170  -3.380  1.00 21.19 ? 57  LEU A C   1 
ATOM   388  O O   . LEU A 1 57  ? -6.905  -1.944  -3.296  1.00 23.53 ? 57  LEU A O   1 
ATOM   389  C CB  . LEU A 1 57  ? -8.407  -0.077  -5.581  1.00 28.52 ? 57  LEU A CB  1 
ATOM   390  C CG  . LEU A 1 57  ? -7.035  -0.130  -6.252  1.00 29.79 ? 57  LEU A CG  1 
ATOM   391  C CD1 . LEU A 1 57  ? -6.690  -1.551  -6.661  1.00 34.00 ? 57  LEU A CD1 1 
ATOM   392  C CD2 . LEU A 1 57  ? -7.036  0.780   -7.466  1.00 45.21 ? 57  LEU A CD2 1 
ATOM   393  N N   . ALA A 1 58  ? -8.163  -0.299  -2.414  1.00 20.81 ? 58  ALA A N   1 
ATOM   394  C CA  . ALA A 1 58  ? -7.387  -0.272  -1.177  1.00 23.21 ? 58  ALA A CA  1 
ATOM   395  C C   . ALA A 1 58  ? -7.595  -1.544  -0.366  1.00 19.17 ? 58  ALA A C   1 
ATOM   396  O O   . ALA A 1 58  ? -6.667  -2.024  0.297   1.00 23.15 ? 58  ALA A O   1 
ATOM   397  C CB  . ALA A 1 58  ? -7.757  0.961   -0.353  1.00 27.75 ? 58  ALA A CB  1 
ATOM   398  N N   . MET A 1 59  ? -8.809  -2.100  -0.399  1.00 20.66 ? 59  MET A N   1 
ATOM   399  C CA  . MET A 1 59  ? -9.055  -3.385  0.249   1.00 15.88 ? 59  MET A CA  1 
ATOM   400  C C   . MET A 1 59  ? -8.197  -4.481  -0.371  1.00 23.84 ? 59  MET A C   1 
ATOM   401  O O   . MET A 1 59  ? -7.596  -5.296  0.340   1.00 23.72 ? 59  MET A O   1 
ATOM   402  C CB  . MET A 1 59  ? -10.536 -3.754  0.150   1.00 29.75 ? 59  MET A CB  1 
ATOM   403  C CG  . MET A 1 59  ? -11.432 -3.020  1.127   1.00 39.05 ? 59  MET A CG  1 
ATOM   404  S SD  . MET A 1 59  ? -13.113 -3.667  1.150   1.00 50.55 ? 59  MET A SD  1 
ATOM   405  C CE  . MET A 1 59  ? -13.917 -2.658  -0.086  1.00 41.26 ? 59  MET A CE  1 
ATOM   406  N N   . LEU A 1 60  ? -8.132  -4.515  -1.704  1.00 20.42 ? 60  LEU A N   1 
ATOM   407  C CA  . LEU A 1 60  ? -7.353  -5.541  -2.389  1.00 17.73 ? 60  LEU A CA  1 
ATOM   408  C C   . LEU A 1 60  ? -5.866  -5.402  -2.087  1.00 21.74 ? 60  LEU A C   1 
ATOM   409  O O   . LEU A 1 60  ? -5.156  -6.407  -1.951  1.00 20.94 ? 60  LEU A O   1 
ATOM   410  C CB  . LEU A 1 60  ? -7.605  -5.465  -3.894  1.00 20.29 ? 60  LEU A CB  1 
ATOM   411  C CG  . LEU A 1 60  ? -6.780  -6.398  -4.781  1.00 34.28 ? 60  LEU A CG  1 
ATOM   412  C CD1 . LEU A 1 60  ? -7.146  -7.850  -4.528  1.00 29.33 ? 60  LEU A CD1 1 
ATOM   413  C CD2 . LEU A 1 60  ? -6.965  -6.044  -6.244  1.00 24.83 ? 60  LEU A CD2 1 
ATOM   414  N N   . LEU A 1 61  ? -5.376  -4.165  -1.980  1.00 19.11 ? 61  LEU A N   1 
ATOM   415  C CA  . LEU A 1 61  ? -3.958  -3.949  -1.703  1.00 28.00 ? 61  LEU A CA  1 
ATOM   416  C C   . LEU A 1 61  ? -3.566  -4.539  -0.356  1.00 20.51 ? 61  LEU A C   1 
ATOM   417  O O   . LEU A 1 61  ? -2.570  -5.263  -0.249  1.00 23.50 ? 61  LEU A O   1 
ATOM   418  C CB  . LEU A 1 61  ? -3.631  -2.457  -1.752  1.00 24.88 ? 61  LEU A CB  1 
ATOM   419  C CG  . LEU A 1 61  ? -3.644  -1.803  -3.133  1.00 25.21 ? 61  LEU A CG  1 
ATOM   420  C CD1 . LEU A 1 61  ? -3.127  -0.378  -3.051  1.00 28.41 ? 61  LEU A CD1 1 
ATOM   421  C CD2 . LEU A 1 61  ? -2.817  -2.617  -4.104  1.00 25.13 ? 61  LEU A CD2 1 
ATOM   422  N N   . LYS A 1 62  ? -4.338  -4.234  0.690   1.00 24.86 ? 62  LYS A N   1 
ATOM   423  C CA  . LYS A 1 62  ? -4.056  -4.812  1.998   1.00 31.66 ? 62  LYS A CA  1 
ATOM   424  C C   . LYS A 1 62  ? -4.266  -6.319  2.000   1.00 29.39 ? 62  LYS A C   1 
ATOM   425  O O   . LYS A 1 62  ? -3.581  -7.038  2.737   1.00 30.88 ? 62  LYS A O   1 
ATOM   426  C CB  . LYS A 1 62  ? -4.925  -4.156  3.070   1.00 30.21 ? 62  LYS A CB  1 
ATOM   427  C CG  . LYS A 1 62  ? -4.591  -2.699  3.329   1.00 33.52 ? 62  LYS A CG  1 
ATOM   428  C CD  . LYS A 1 62  ? -5.000  -2.285  4.733   1.00 40.49 ? 62  LYS A CD  1 
ATOM   429  C CE  . LYS A 1 62  ? -4.529  -0.877  5.050   1.00 31.46 ? 62  LYS A CE  1 
ATOM   430  N NZ  . LYS A 1 62  ? -4.649  -0.575  6.501   1.00 39.46 ? 62  LYS A NZ  1 
ATOM   431  N N   . GLY A 1 63  ? -5.205  -6.813  1.190   1.00 25.45 ? 63  GLY A N   1 
ATOM   432  C CA  . GLY A 1 63  ? -5.402  -8.249  1.098   1.00 23.04 ? 63  GLY A CA  1 
ATOM   433  C C   . GLY A 1 63  ? -4.202  -8.963  0.506   1.00 21.46 ? 63  GLY A C   1 
ATOM   434  O O   . GLY A 1 63  ? -3.832  -10.049 0.953   1.00 24.04 ? 63  GLY A O   1 
ATOM   435  N N   . ILE A 1 64  ? -3.575  -8.358  -0.505  1.00 19.53 ? 64  ILE A N   1 
ATOM   436  C CA  . ILE A 1 64  ? -2.389  -8.956  -1.112  1.00 14.08 ? 64  ILE A CA  1 
ATOM   437  C C   . ILE A 1 64  ? -1.195  -8.836  -0.174  1.00 19.05 ? 64  ILE A C   1 
ATOM   438  O O   . ILE A 1 64  ? -0.477  -9.812  0.074   1.00 18.40 ? 64  ILE A O   1 
ATOM   439  C CB  . ILE A 1 64  ? -2.096  -8.304  -2.475  1.00 15.61 ? 64  ILE A CB  1 
ATOM   440  C CG1 . ILE A 1 64  ? -3.260  -8.524  -3.441  1.00 15.22 ? 64  ILE A CG1 1 
ATOM   441  C CG2 . ILE A 1 64  ? -0.805  -8.857  -3.059  1.00 17.44 ? 64  ILE A CG2 1 
ATOM   442  C CD1 . ILE A 1 64  ? -3.124  -7.760  -4.741  1.00 24.41 ? 64  ILE A CD1 1 
ATOM   443  N N   . PHE A 1 65  ? -0.962  -7.632  0.356   1.00 16.20 ? 65  PHE A N   1 
ATOM   444  C CA  . PHE A 1 65  ? 0.219   -7.385  1.176   1.00 17.62 ? 65  PHE A CA  1 
ATOM   445  C C   . PHE A 1 65  ? 0.212   -8.248  2.432   1.00 21.28 ? 65  PHE A C   1 
ATOM   446  O O   . PHE A 1 65  ? 1.196   -8.933  2.736   1.00 17.55 ? 65  PHE A O   1 
ATOM   447  C CB  . PHE A 1 65  ? 0.298   -5.900  1.538   1.00 17.19 ? 65  PHE A CB  1 
ATOM   448  C CG  . PHE A 1 65  ? 1.424   -5.559  2.473   1.00 19.27 ? 65  PHE A CG  1 
ATOM   449  C CD1 . PHE A 1 65  ? 2.733   -5.536  2.023   1.00 18.79 ? 65  PHE A CD1 1 
ATOM   450  C CD2 . PHE A 1 65  ? 1.171   -5.248  3.799   1.00 25.59 ? 65  PHE A CD2 1 
ATOM   451  C CE1 . PHE A 1 65  ? 3.771   -5.218  2.880   1.00 22.02 ? 65  PHE A CE1 1 
ATOM   452  C CE2 . PHE A 1 65  ? 2.206   -4.927  4.661   1.00 21.49 ? 65  PHE A CE2 1 
ATOM   453  C CZ  . PHE A 1 65  ? 3.507   -4.913  4.200   1.00 23.22 ? 65  PHE A CZ  1 
ATOM   454  N N   . TYR A 1 66  ? -0.895  -8.238  3.173   1.00 21.52 ? 66  TYR A N   1 
ATOM   455  C CA  . TYR A 1 66  ? -0.949  -8.980  4.424   1.00 20.53 ? 66  TYR A CA  1 
ATOM   456  C C   . TYR A 1 66  ? -1.183  -10.471 4.225   1.00 18.42 ? 66  TYR A C   1 
ATOM   457  O O   . TYR A 1 66  ? -1.036  -11.234 5.187   1.00 24.29 ? 66  TYR A O   1 
ATOM   458  C CB  . TYR A 1 66  ? -2.017  -8.382  5.338   1.00 23.31 ? 66  TYR A CB  1 
ATOM   459  C CG  . TYR A 1 66  ? -1.550  -7.090  5.963   1.00 22.16 ? 66  TYR A CG  1 
ATOM   460  C CD1 . TYR A 1 66  ? -0.689  -7.101  7.051   1.00 29.56 ? 66  TYR A CD1 1 
ATOM   461  C CD2 . TYR A 1 66  ? -1.937  -5.861  5.445   1.00 30.08 ? 66  TYR A CD2 1 
ATOM   462  C CE1 . TYR A 1 66  ? -0.240  -5.927  7.620   1.00 26.74 ? 66  TYR A CE1 1 
ATOM   463  C CE2 . TYR A 1 66  ? -1.494  -4.679  6.009   1.00 28.59 ? 66  TYR A CE2 1 
ATOM   464  C CZ  . TYR A 1 66  ? -0.645  -4.719  7.095   1.00 26.49 ? 66  TYR A CZ  1 
ATOM   465  O OH  . TYR A 1 66  ? -0.199  -3.550  7.665   1.00 40.72 ? 66  TYR A OH  1 
ATOM   466  N N   . HIS A 1 67  ? -1.531  -10.907 3.013   1.00 22.89 ? 67  HIS A N   1 
ATOM   467  C CA  . HIS A 1 67  ? -1.474  -12.334 2.716   1.00 24.13 ? 67  HIS A CA  1 
ATOM   468  C C   . HIS A 1 67  ? -0.032  -12.817 2.642   1.00 27.05 ? 67  HIS A C   1 
ATOM   469  O O   . HIS A 1 67  ? 0.245   -13.989 2.921   1.00 26.02 ? 67  HIS A O   1 
ATOM   470  C CB  . HIS A 1 67  ? -2.202  -12.638 1.406   1.00 22.78 ? 67  HIS A CB  1 
ATOM   471  C CG  . HIS A 1 67  ? -2.600  -14.073 1.256   1.00 22.98 ? 67  HIS A CG  1 
ATOM   472  N ND1 . HIS A 1 67  ? -3.569  -14.662 2.039   1.00 19.05 ? 67  HIS A ND1 1 
ATOM   473  C CD2 . HIS A 1 67  ? -2.155  -15.040 0.418   1.00 22.33 ? 67  HIS A CD2 1 
ATOM   474  C CE1 . HIS A 1 67  ? -3.708  -15.928 1.687   1.00 24.55 ? 67  HIS A CE1 1 
ATOM   475  N NE2 . HIS A 1 67  ? -2.861  -16.183 0.706   1.00 23.09 ? 67  HIS A NE2 1 
ATOM   476  N N   . GLY A 1 68  ? 0.897   -11.929 2.275   1.00 24.59 ? 68  GLY A N   1 
ATOM   477  C CA  . GLY A 1 68  ? 2.306   -12.275 2.260   1.00 31.07 ? 68  GLY A CA  1 
ATOM   478  C C   . GLY A 1 68  ? 2.893   -12.515 3.635   1.00 28.49 ? 68  GLY A C   1 
ATOM   479  O O   . GLY A 1 68  ? 3.957   -13.132 3.742   1.00 28.46 ? 68  GLY A O   1 
ATOM   480  N N   . PHE A 1 69  ? 2.223   -12.041 4.689   1.00 32.39 ? 69  PHE A N   1 
ATOM   481  C CA  . PHE A 1 69  ? 2.687   -12.317 6.045   1.00 22.81 ? 69  PHE A CA  1 
ATOM   482  C C   . PHE A 1 69  ? 2.691   -13.810 6.342   1.00 27.64 ? 69  PHE A C   1 
ATOM   483  O O   . PHE A 1 69  ? 3.514   -14.284 7.135   1.00 33.66 ? 69  PHE A O   1 
ATOM   484  C CB  . PHE A 1 69  ? 1.814   -11.576 7.058   1.00 31.07 ? 69  PHE A CB  1 
ATOM   485  C CG  . PHE A 1 69  ? 1.980   -12.059 8.472   1.00 32.53 ? 69  PHE A CG  1 
ATOM   486  C CD1 . PHE A 1 69  ? 3.094   -11.704 9.214   1.00 31.54 ? 69  PHE A CD1 1 
ATOM   487  C CD2 . PHE A 1 69  ? 1.019   -12.865 9.060   1.00 30.85 ? 69  PHE A CD2 1 
ATOM   488  C CE1 . PHE A 1 69  ? 3.249   -12.147 10.515  1.00 26.36 ? 69  PHE A CE1 1 
ATOM   489  C CE2 . PHE A 1 69  ? 1.168   -13.312 10.361  1.00 35.96 ? 69  PHE A CE2 1 
ATOM   490  C CZ  . PHE A 1 69  ? 2.284   -12.952 11.088  1.00 34.79 ? 69  PHE A CZ  1 
ATOM   491  N N   . TYR A 1 70  ? 1.793   -14.566 5.717   1.00 31.77 ? 70  TYR A N   1 
ATOM   492  C CA  . TYR A 1 70  ? 1.681   -16.000 5.946   1.00 37.20 ? 70  TYR A CA  1 
ATOM   493  C C   . TYR A 1 70  ? 2.624   -16.819 5.076   1.00 43.43 ? 70  TYR A C   1 
ATOM   494  O O   . TYR A 1 70  ? 2.652   -18.048 5.203   1.00 22.95 ? 70  TYR A O   1 
ATOM   495  C CB  . TYR A 1 70  ? 0.235   -16.453 5.717   1.00 26.38 ? 70  TYR A CB  1 
ATOM   496  C CG  . TYR A 1 70  ? -0.772  -15.701 6.558   1.00 29.23 ? 70  TYR A CG  1 
ATOM   497  C CD1 . TYR A 1 70  ? -1.065  -16.105 7.853   1.00 29.64 ? 70  TYR A CD1 1 
ATOM   498  C CD2 . TYR A 1 70  ? -1.431  -14.585 6.057   1.00 32.22 ? 70  TYR A CD2 1 
ATOM   499  C CE1 . TYR A 1 70  ? -1.983  -15.421 8.627   1.00 39.19 ? 70  TYR A CE1 1 
ATOM   500  C CE2 . TYR A 1 70  ? -2.353  -13.893 6.823   1.00 29.25 ? 70  TYR A CE2 1 
ATOM   501  C CZ  . TYR A 1 70  ? -2.624  -14.315 8.107   1.00 37.25 ? 70  TYR A CZ  1 
ATOM   502  O OH  . TYR A 1 70  ? -3.539  -13.633 8.876   1.00 32.93 ? 70  TYR A OH  1 
ATOM   503  N N   . GLY A 1 71  ? 3.392   -16.179 4.202   1.00 31.14 ? 71  GLY A N   1 
ATOM   504  C CA  . GLY A 1 71  ? 4.370   -16.863 3.381   1.00 32.37 ? 71  GLY A CA  1 
ATOM   505  C C   . GLY A 1 71  ? 4.232   -16.509 1.915   1.00 25.02 ? 71  GLY A C   1 
ATOM   506  O O   . GLY A 1 71  ? 3.248   -15.912 1.474   1.00 28.16 ? 71  GLY A O   1 
ATOM   507  N N   . GLU A 1 72  ? 5.259   -16.895 1.158   1.00 32.80 ? 72  GLU A N   1 
ATOM   508  C CA  . GLU A 1 72  ? 5.321   -16.685 -0.288  1.00 29.43 ? 72  GLU A CA  1 
ATOM   509  C C   . GLU A 1 72  ? 5.154   -15.205 -0.638  1.00 34.56 ? 72  GLU A C   1 
ATOM   510  O O   . GLU A 1 72  ? 4.266   -14.808 -1.394  1.00 31.04 ? 72  GLU A O   1 
ATOM   511  C CB  . GLU A 1 72  ? 4.281   -17.550 -1.010  1.00 32.35 ? 72  GLU A CB  1 
ATOM   512  N N   . ARG A 1 73  ? 6.042   -14.386 -0.068  1.00 17.89 ? 73  ARG A N   1 
ATOM   513  C CA  . ARG A 1 73  ? 6.011   -12.953 -0.336  1.00 22.65 ? 73  ARG A CA  1 
ATOM   514  C C   . ARG A 1 73  ? 6.386   -12.623 -1.774  1.00 24.50 ? 73  ARG A C   1 
ATOM   515  O O   . ARG A 1 73  ? 6.108   -11.510 -2.231  1.00 21.28 ? 73  ARG A O   1 
ATOM   516  C CB  . ARG A 1 73  ? 6.938   -12.218 0.634   1.00 24.65 ? 73  ARG A CB  1 
ATOM   517  C CG  . ARG A 1 73  ? 6.306   -11.979 1.992   1.00 38.18 ? 73  ARG A CG  1 
ATOM   518  C CD  . ARG A 1 73  ? 7.258   -12.277 3.137   1.00 33.66 ? 73  ARG A CD  1 
ATOM   519  N NE  . ARG A 1 73  ? 6.535   -12.405 4.397   1.00 33.78 ? 73  ARG A NE  1 
ATOM   520  C CZ  . ARG A 1 73  ? 7.109   -12.570 5.581   1.00 52.17 ? 73  ARG A CZ  1 
ATOM   521  N NH1 . ARG A 1 73  ? 8.425   -12.615 5.712   1.00 31.92 ? 73  ARG A NH1 1 
ATOM   522  N NH2 . ARG A 1 73  ? 6.342   -12.691 6.661   1.00 44.62 ? 73  ARG A NH2 1 
ATOM   523  N N   . GLU A 1 74  ? 7.008   -13.561 -2.492  1.00 20.34 ? 74  GLU A N   1 
ATOM   524  C CA  . GLU A 1 74  ? 7.303   -13.342 -3.905  1.00 20.27 ? 74  GLU A CA  1 
ATOM   525  C C   . GLU A 1 74  ? 6.028   -13.072 -4.694  1.00 19.94 ? 74  GLU A C   1 
ATOM   526  O O   . GLU A 1 74  ? 5.980   -12.159 -5.526  1.00 20.30 ? 74  GLU A O   1 
ATOM   527  C CB  . GLU A 1 74  ? 8.048   -14.551 -4.476  1.00 24.31 ? 74  GLU A CB  1 
ATOM   528  C CG  . GLU A 1 74  ? 8.336   -14.478 -5.978  1.00 30.92 ? 74  GLU A CG  1 
ATOM   529  C CD  . GLU A 1 74  ? 7.163   -14.925 -6.835  1.00 35.58 ? 74  GLU A CD  1 
ATOM   530  O OE1 . GLU A 1 74  ? 6.283   -15.644 -6.316  1.00 29.93 ? 74  GLU A OE1 1 
ATOM   531  O OE2 . GLU A 1 74  ? 7.119   -14.552 -8.026  1.00 34.47 ? 74  GLU A OE2 1 
ATOM   532  N N   . GLU A 1 75  ? 4.985   -13.871 -4.454  1.00 17.49 ? 75  GLU A N   1 
ATOM   533  C CA  . GLU A 1 75  ? 3.755   -13.726 -5.223  1.00 15.99 ? 75  GLU A CA  1 
ATOM   534  C C   . GLU A 1 75  ? 3.043   -12.416 -4.910  1.00 22.64 ? 75  GLU A C   1 
ATOM   535  O O   . GLU A 1 75  ? 2.408   -11.830 -5.795  1.00 21.14 ? 75  GLU A O   1 
ATOM   536  C CB  . GLU A 1 75  ? 2.829   -14.913 -4.962  1.00 25.49 ? 75  GLU A CB  1 
ATOM   537  C CG  . GLU A 1 75  ? 1.589   -14.926 -5.841  1.00 28.93 ? 75  GLU A CG  1 
ATOM   538  C CD  . GLU A 1 75  ? 1.926   -14.878 -7.319  1.00 38.50 ? 75  GLU A CD  1 
ATOM   539  O OE1 . GLU A 1 75  ? 2.914   -15.523 -7.731  1.00 30.55 ? 75  GLU A OE1 1 
ATOM   540  O OE2 . GLU A 1 75  ? 1.205   -14.190 -8.072  1.00 40.96 ? 75  GLU A OE2 1 
ATOM   541  N N   . ALA A 1 76  ? 3.134   -11.941 -3.667  1.00 19.60 ? 76  ALA A N   1 
ATOM   542  C CA  . ALA A 1 76  ? 2.528   -10.658 -3.329  1.00 15.62 ? 76  ALA A CA  1 
ATOM   543  C C   . ALA A 1 76  ? 3.223   -9.514  -4.056  1.00 20.50 ? 76  ALA A C   1 
ATOM   544  O O   . ALA A 1 76  ? 2.562   -8.582  -4.529  1.00 19.38 ? 76  ALA A O   1 
ATOM   545  C CB  . ALA A 1 76  ? 2.561   -10.442 -1.817  1.00 16.87 ? 76  ALA A CB  1 
ATOM   546  N N   . ILE A 1 77  ? 4.554   -9.570  -4.161  1.00 20.42 ? 77  ILE A N   1 
ATOM   547  C CA  . ILE A 1 77  ? 5.288   -8.555  -4.913  1.00 23.02 ? 77  ILE A CA  1 
ATOM   548  C C   . ILE A 1 77  ? 4.861   -8.564  -6.374  1.00 24.84 ? 77  ILE A C   1 
ATOM   549  O O   . ILE A 1 77  ? 4.645   -7.508  -6.983  1.00 19.58 ? 77  ILE A O   1 
ATOM   550  C CB  . ILE A 1 77  ? 6.807   -8.773  -4.773  1.00 27.47 ? 77  ILE A CB  1 
ATOM   551  C CG1 . ILE A 1 77  ? 7.231   -8.704  -3.305  1.00 25.40 ? 77  ILE A CG1 1 
ATOM   552  C CG2 . ILE A 1 77  ? 7.575   -7.749  -5.596  1.00 21.24 ? 77  ILE A CG2 1 
ATOM   553  C CD1 . ILE A 1 77  ? 8.700   -9.003  -3.088  1.00 18.04 ? 77  ILE A CD1 1 
ATOM   554  N N   . GLU A 1 78  ? 4.731   -9.758  -6.959  1.00 20.23 ? 78  GLU A N   1 
ATOM   555  C CA  . GLU A 1 78  ? 4.333   -9.868  -8.358  1.00 19.06 ? 78  GLU A CA  1 
ATOM   556  C C   . GLU A 1 78  ? 2.941   -9.288  -8.583  1.00 20.56 ? 78  GLU A C   1 
ATOM   557  O O   . GLU A 1 78  ? 2.716   -8.535  -9.539  1.00 21.67 ? 78  GLU A O   1 
ATOM   558  C CB  . GLU A 1 78  ? 4.387   -11.331 -8.799  1.00 20.37 ? 78  GLU A CB  1 
ATOM   559  C CG  . GLU A 1 78  ? 3.795   -11.589 -10.174 1.00 23.82 ? 78  GLU A CG  1 
ATOM   560  C CD  . GLU A 1 78  ? 4.575   -10.911 -11.281 1.00 20.57 ? 78  GLU A CD  1 
ATOM   561  O OE1 . GLU A 1 78  ? 5.812   -10.787 -11.148 1.00 25.45 ? 78  GLU A OE1 1 
ATOM   562  O OE2 . GLU A 1 78  ? 3.952   -10.500 -12.282 1.00 26.21 ? 78  GLU A OE2 1 
ATOM   563  N N   . LEU A 1 79  ? 1.994   -9.622  -7.703  1.00 18.42 ? 79  LEU A N   1 
ATOM   564  C CA  . LEU A 1 79  ? 0.620   -9.161  -7.886  1.00 18.01 ? 79  LEU A CA  1 
ATOM   565  C C   . LEU A 1 79  ? 0.495   -7.661  -7.653  1.00 19.14 ? 79  LEU A C   1 
ATOM   566  O O   . LEU A 1 79  ? -0.231  -6.974  -8.383  1.00 23.33 ? 79  LEU A O   1 
ATOM   567  C CB  . LEU A 1 79  ? -0.319  -9.929  -6.956  1.00 18.36 ? 79  LEU A CB  1 
ATOM   568  C CG  . LEU A 1 79  ? -0.517  -11.409 -7.285  1.00 17.83 ? 79  LEU A CG  1 
ATOM   569  C CD1 . LEU A 1 79  ? -1.410  -12.075 -6.251  1.00 20.50 ? 79  LEU A CD1 1 
ATOM   570  C CD2 . LEU A 1 79  ? -1.098  -11.569 -8.681  1.00 32.80 ? 79  LEU A CD2 1 
ATOM   571  N N   . LEU A 1 80  ? 1.188   -7.134  -6.641  1.00 17.94 ? 80  LEU A N   1 
ATOM   572  C CA  . LEU A 1 80  ? 1.115   -5.702  -6.364  1.00 20.53 ? 80  LEU A CA  1 
ATOM   573  C C   . LEU A 1 80  ? 1.685   -4.885  -7.516  1.00 26.86 ? 80  LEU A C   1 
ATOM   574  O O   . LEU A 1 80  ? 1.155   -3.820  -7.854  1.00 18.62 ? 80  LEU A O   1 
ATOM   575  C CB  . LEU A 1 80  ? 1.851   -5.381  -5.063  1.00 20.10 ? 80  LEU A CB  1 
ATOM   576  C CG  . LEU A 1 80  ? 1.174   -5.854  -3.775  1.00 17.85 ? 80  LEU A CG  1 
ATOM   577  C CD1 . LEU A 1 80  ? 2.166   -5.859  -2.623  1.00 19.01 ? 80  LEU A CD1 1 
ATOM   578  C CD2 . LEU A 1 80  ? -0.028  -4.985  -3.447  1.00 18.83 ? 80  LEU A CD2 1 
ATOM   579  N N   . GLU A 1 81  ? 2.762   -5.370  -8.135  1.00 20.60 ? 81  GLU A N   1 
ATOM   580  C CA  . GLU A 1 81  ? 3.351   -4.651  -9.260  1.00 26.83 ? 81  GLU A CA  1 
ATOM   581  C C   . GLU A 1 81  ? 2.514   -4.814  -10.523 1.00 24.23 ? 81  GLU A C   1 
ATOM   582  O O   . GLU A 1 81  ? 2.372   -3.865  -11.304 1.00 26.45 ? 81  GLU A O   1 
ATOM   583  C CB  . GLU A 1 81  ? 4.779   -5.135  -9.496  1.00 20.81 ? 81  GLU A CB  1 
ATOM   584  C CG  . GLU A 1 81  ? 5.776   -4.699  -8.434  1.00 17.42 ? 81  GLU A CG  1 
ATOM   585  C CD  . GLU A 1 81  ? 6.371   -3.336  -8.723  1.00 25.80 ? 81  GLU A CD  1 
ATOM   586  O OE1 . GLU A 1 81  ? 6.085   -2.782  -9.805  1.00 29.53 ? 81  GLU A OE1 1 
ATOM   587  O OE2 . GLU A 1 81  ? 7.127   -2.822  -7.873  1.00 31.68 ? 81  GLU A OE2 1 
ATOM   588  N N   . LYS A 1 82  ? 1.961   -6.008  -10.745 1.00 23.52 ? 82  LYS A N   1 
ATOM   589  C CA  . LYS A 1 82  ? 1.082   -6.207  -11.894 1.00 18.20 ? 82  LYS A CA  1 
ATOM   590  C C   . LYS A 1 82  ? -0.189  -5.378  -11.760 1.00 31.19 ? 82  LYS A C   1 
ATOM   591  O O   . LYS A 1 82  ? -0.679  -4.815  -12.746 1.00 26.54 ? 82  LYS A O   1 
ATOM   592  C CB  . LYS A 1 82  ? 0.742   -7.688  -12.051 1.00 24.01 ? 82  LYS A CB  1 
ATOM   593  C CG  . LYS A 1 82  ? -0.206  -7.981  -13.204 1.00 24.08 ? 82  LYS A CG  1 
ATOM   594  C CD  . LYS A 1 82  ? -0.557  -9.459  -13.284 1.00 28.43 ? 82  LYS A CD  1 
ATOM   595  C CE  . LYS A 1 82  ? -1.572  -9.722  -14.387 1.00 25.05 ? 82  LYS A CE  1 
ATOM   596  N NZ  . LYS A 1 82  ? -1.952  -11.161 -14.474 1.00 33.41 ? 82  LYS A NZ  1 
ATOM   597  N N   . LEU A 1 83  ? -0.737  -5.295  -10.545 1.00 24.15 ? 83  LEU A N   1 
ATOM   598  C CA  . LEU A 1 83  ? -1.918  -4.471  -10.319 1.00 25.98 ? 83  LEU A CA  1 
ATOM   599  C C   . LEU A 1 83  ? -1.604  -2.990  -10.473 1.00 27.82 ? 83  LEU A C   1 
ATOM   600  O O   . LEU A 1 83  ? -2.457  -2.222  -10.936 1.00 28.23 ? 83  LEU A O   1 
ATOM   601  C CB  . LEU A 1 83  ? -2.491  -4.752  -8.931  1.00 26.54 ? 83  LEU A CB  1 
ATOM   602  C CG  . LEU A 1 83  ? -3.759  -3.997  -8.537  1.00 37.18 ? 83  LEU A CG  1 
ATOM   603  C CD1 . LEU A 1 83  ? -4.941  -4.446  -9.383  1.00 19.98 ? 83  LEU A CD1 1 
ATOM   604  C CD2 . LEU A 1 83  ? -4.040  -4.197  -7.063  1.00 24.13 ? 83  LEU A CD2 1 
ATOM   605  N N   . ALA A 1 84  ? -0.394  -2.571  -10.095 1.00 32.44 ? 84  ALA A N   1 
ATOM   606  C CA  . ALA A 1 84  ? -0.012  -1.172  -10.255 1.00 34.63 ? 84  ALA A CA  1 
ATOM   607  C C   . ALA A 1 84  ? -0.065  -0.752  -11.718 1.00 35.54 ? 84  ALA A C   1 
ATOM   608  O O   . ALA A 1 84  ? -0.559  0.333   -12.043 1.00 34.60 ? 84  ALA A O   1 
ATOM   609  C CB  . ALA A 1 84  ? 1.383   -0.937  -9.677  1.00 22.83 ? 84  ALA A CB  1 
ATOM   610  N N   . LYS A 1 85  ? 0.426   -1.603  -12.619 1.00 24.35 ? 85  LYS A N   1 
ATOM   611  C CA  . LYS A 1 85  ? 0.363   -1.275  -14.039 1.00 33.47 ? 85  LYS A CA  1 
ATOM   612  C C   . LYS A 1 85  ? -1.066  -1.326  -14.567 1.00 36.27 ? 85  LYS A C   1 
ATOM   613  O O   . LYS A 1 85  ? -1.412  -0.576  -15.487 1.00 33.87 ? 85  LYS A O   1 
ATOM   614  C CB  . LYS A 1 85  ? 1.262   -2.224  -14.836 1.00 31.02 ? 85  LYS A CB  1 
ATOM   615  C CG  . LYS A 1 85  ? 1.287   -1.948  -16.331 1.00 33.06 ? 85  LYS A CG  1 
ATOM   616  C CD  . LYS A 1 85  ? 1.748   -0.529  -16.618 1.00 24.69 ? 85  LYS A CD  1 
ATOM   617  C CE  . LYS A 1 85  ? 1.582   -0.182  -18.089 1.00 39.80 ? 85  LYS A CE  1 
ATOM   618  N NZ  . LYS A 1 85  ? 2.322   -1.127  -18.968 1.00 52.45 ? 85  LYS A NZ  1 
ATOM   619  N N   . ALA A 1 86  ? -1.913  -2.185  -13.991 1.00 35.84 ? 86  ALA A N   1 
ATOM   620  C CA  . ALA A 1 86  ? -3.260  -2.367  -14.522 1.00 33.07 ? 86  ALA A CA  1 
ATOM   621  C C   . ALA A 1 86  ? -4.164  -1.186  -14.186 1.00 45.93 ? 86  ALA A C   1 
ATOM   622  O O   . ALA A 1 86  ? -4.952  -0.744  -15.032 1.00 38.99 ? 86  ALA A O   1 
ATOM   623  C CB  . ALA A 1 86  ? -3.860  -3.669  -13.994 1.00 37.49 ? 86  ALA A CB  1 
ATOM   624  N N   . VAL A 1 87  ? -4.074  -0.668  -12.965 1.00 36.57 ? 87  VAL A N   1 
ATOM   625  C CA  . VAL A 1 87  ? -4.941  0.425   -12.541 1.00 35.57 ? 87  VAL A CA  1 
ATOM   626  C C   . VAL A 1 87  ? -4.433  1.738   -13.121 1.00 51.34 ? 87  VAL A C   1 
ATOM   627  O O   . VAL A 1 87  ? -3.246  1.892   -13.432 1.00 48.36 ? 87  VAL A O   1 
ATOM   628  C CB  . VAL A 1 87  ? -5.033  0.483   -11.004 1.00 35.01 ? 87  VAL A CB  1 
ATOM   629  C CG1 . VAL A 1 87  ? -5.601  -0.820  -10.460 1.00 38.66 ? 87  VAL A CG1 1 
ATOM   630  C CG2 . VAL A 1 87  ? -3.669  0.775   -10.396 1.00 34.41 ? 87  VAL A CG2 1 
ATOM   631  N N   . LYS A 1 88  ? -5.346  2.699   -13.271 1.00 29.19 ? 88  LYS A N   1 
ATOM   632  C CA  . LYS A 1 88  ? -5.020  3.990   -13.865 1.00 46.40 ? 88  LYS A CA  1 
ATOM   633  C C   . LYS A 1 88  ? -4.885  5.113   -12.847 1.00 47.05 ? 88  LYS A C   1 
ATOM   634  O O   . LYS A 1 88  ? -4.218  6.111   -13.140 1.00 39.77 ? 88  LYS A O   1 
ATOM   635  C CB  . LYS A 1 88  ? -6.084  4.380   -14.900 1.00 37.38 ? 88  LYS A CB  1 
ATOM   636  N N   . ASN A 1 89  ? -5.500  4.983   -11.674 1.00 39.72 ? 89  ASN A N   1 
ATOM   637  C CA  . ASN A 1 89  ? -5.394  6.022   -10.659 1.00 37.02 ? 89  ASN A CA  1 
ATOM   638  C C   . ASN A 1 89  ? -3.972  6.092   -10.117 1.00 42.65 ? 89  ASN A C   1 
ATOM   639  O O   . ASN A 1 89  ? -3.338  5.066   -9.858  1.00 37.13 ? 89  ASN A O   1 
ATOM   640  C CB  . ASN A 1 89  ? -6.380  5.759   -9.520  1.00 32.51 ? 89  ASN A CB  1 
ATOM   641  C CG  . ASN A 1 89  ? -6.344  6.843   -8.461  1.00 29.55 ? 89  ASN A CG  1 
ATOM   642  O OD1 . ASN A 1 89  ? -5.656  6.716   -7.448  1.00 36.65 ? 89  ASN A OD1 1 
ATOM   643  N ND2 . ASN A 1 89  ? -7.085  7.920   -8.693  1.00 43.58 ? 89  ASN A ND2 1 
ATOM   644  N N   . LEU A 1 90  ? -3.475  7.318   -9.941  1.00 37.03 ? 90  LEU A N   1 
ATOM   645  C CA  . LEU A 1 90  ? -2.084  7.507   -9.540  1.00 36.30 ? 90  LEU A CA  1 
ATOM   646  C C   . LEU A 1 90  ? -1.870  7.219   -8.058  1.00 31.92 ? 90  LEU A C   1 
ATOM   647  O O   . LEU A 1 90  ? -0.828  6.674   -7.678  1.00 40.08 ? 90  LEU A O   1 
ATOM   648  C CB  . LEU A 1 90  ? -1.632  8.930   -9.874  1.00 35.14 ? 90  LEU A CB  1 
ATOM   649  N N   . GLU A 1 91  ? -2.837  7.577   -7.208  1.00 33.10 ? 91  GLU A N   1 
ATOM   650  C CA  . GLU A 1 91  ? -2.661  7.396   -5.769  1.00 36.66 ? 91  GLU A CA  1 
ATOM   651  C C   . GLU A 1 91  ? -2.561  5.920   -5.408  1.00 29.45 ? 91  GLU A C   1 
ATOM   652  O O   . GLU A 1 91  ? -1.671  5.511   -4.651  1.00 28.95 ? 91  GLU A O   1 
ATOM   653  C CB  . GLU A 1 91  ? -3.810  8.056   -5.006  1.00 39.35 ? 91  GLU A CB  1 
ATOM   654  C CG  . GLU A 1 91  ? -3.733  7.844   -3.500  1.00 35.62 ? 91  GLU A CG  1 
ATOM   655  C CD  . GLU A 1 91  ? -4.809  8.597   -2.741  1.00 60.05 ? 91  GLU A CD  1 
ATOM   656  O OE1 . GLU A 1 91  ? -5.878  8.868   -3.326  1.00 44.33 ? 91  GLU A OE1 1 
ATOM   657  O OE2 . GLU A 1 91  ? -4.579  8.921   -1.556  1.00 57.85 ? 91  GLU A OE2 1 
ATOM   658  N N   . GLN A 1 92  ? -3.474  5.102   -5.931  1.00 37.17 ? 92  GLN A N   1 
ATOM   659  C CA  . GLN A 1 92  ? -3.440  3.671   -5.658  1.00 36.62 ? 92  GLN A CA  1 
ATOM   660  C C   . GLN A 1 92  ? -2.364  2.951   -6.456  1.00 30.44 ? 92  GLN A C   1 
ATOM   661  O O   . GLN A 1 92  ? -1.912  1.881   -6.033  1.00 30.14 ? 92  GLN A O   1 
ATOM   662  C CB  . GLN A 1 92  ? -4.807  3.050   -5.941  1.00 33.74 ? 92  GLN A CB  1 
ATOM   663  C CG  . GLN A 1 92  ? -5.900  3.544   -5.012  1.00 45.15 ? 92  GLN A CG  1 
ATOM   664  C CD  . GLN A 1 92  ? -5.612  3.227   -3.558  1.00 51.49 ? 92  GLN A CD  1 
ATOM   665  O OE1 . GLN A 1 92  ? -5.111  2.150   -3.232  1.00 42.84 ? 92  GLN A OE1 1 
ATOM   666  N NE2 . GLN A 1 92  ? -5.921  4.168   -2.675  1.00 55.13 ? 92  GLN A NE2 1 
ATOM   667  N N   . ARG A 1 93  ? -1.958  3.502   -7.603  1.00 32.88 ? 93  ARG A N   1 
ATOM   668  C CA  . ARG A 1 93  ? -0.754  3.019   -8.272  1.00 33.03 ? 93  ARG A CA  1 
ATOM   669  C C   . ARG A 1 93  ? 0.438   3.085   -7.333  1.00 26.46 ? 93  ARG A C   1 
ATOM   670  O O   . ARG A 1 93  ? 1.232   2.140   -7.234  1.00 27.15 ? 93  ARG A O   1 
ATOM   671  C CB  . ARG A 1 93  ? -0.481  3.858   -9.519  1.00 34.18 ? 93  ARG A CB  1 
ATOM   672  C CG  . ARG A 1 93  ? -0.390  3.057   -10.786 1.00 35.76 ? 93  ARG A CG  1 
ATOM   673  C CD  . ARG A 1 93  ? -0.067  3.918   -11.994 1.00 28.11 ? 93  ARG A CD  1 
ATOM   674  N NE  . ARG A 1 93  ? -0.363  3.207   -13.231 1.00 39.49 ? 93  ARG A NE  1 
ATOM   675  C CZ  . ARG A 1 93  ? 0.050   3.581   -14.434 1.00 51.74 ? 93  ARG A CZ  1 
ATOM   676  N NH1 . ARG A 1 93  ? 0.811   4.650   -14.603 1.00 52.15 ? 93  ARG A NH1 1 
ATOM   677  N NH2 . ARG A 1 93  ? -0.307  2.862   -15.496 1.00 50.92 ? 93  ARG A NH2 1 
ATOM   678  N N   . LEU A 1 94  ? 0.566   4.203   -6.625  1.00 20.10 ? 94  LEU A N   1 
ATOM   679  C CA  . LEU A 1 94  ? 1.702   4.418   -5.745  1.00 29.42 ? 94  LEU A CA  1 
ATOM   680  C C   . LEU A 1 94  ? 1.580   3.588   -4.472  1.00 24.79 ? 94  LEU A C   1 
ATOM   681  O O   . LEU A 1 94  ? 2.588   3.119   -3.931  1.00 25.29 ? 94  LEU A O   1 
ATOM   682  C CB  . LEU A 1 94  ? 1.795   5.906   -5.435  1.00 32.14 ? 94  LEU A CB  1 
ATOM   683  C CG  . LEU A 1 94  ? 2.787   6.477   -4.441  1.00 37.39 ? 94  LEU A CG  1 
ATOM   684  C CD1 . LEU A 1 94  ? 4.177   6.525   -5.028  1.00 37.92 ? 94  LEU A CD1 1 
ATOM   685  C CD2 . LEU A 1 94  ? 2.308   7.855   -4.112  1.00 44.41 ? 94  LEU A CD2 1 
ATOM   686  N N   . MET A 1 95  ? 0.353   3.395   -3.982  1.00 26.89 ? 95  MET A N   1 
ATOM   687  C CA  . MET A 1 95  ? 0.154   2.556   -2.804  1.00 25.29 ? 95  MET A CA  1 
ATOM   688  C C   . MET A 1 95  ? 0.490   1.101   -3.100  1.00 23.09 ? 95  MET A C   1 
ATOM   689  O O   . MET A 1 95  ? 1.053   0.403   -2.248  1.00 27.89 ? 95  MET A O   1 
ATOM   690  C CB  . MET A 1 95  ? -1.285  2.679   -2.304  1.00 24.27 ? 95  MET A CB  1 
ATOM   691  C CG  . MET A 1 95  ? -1.579  3.982   -1.589  1.00 25.34 ? 95  MET A CG  1 
ATOM   692  S SD  . MET A 1 95  ? -0.462  4.245   -0.200  1.00 40.77 ? 95  MET A SD  1 
ATOM   693  C CE  . MET A 1 95  ? -0.824  2.808   0.805   1.00 48.38 ? 95  MET A CE  1 
ATOM   694  N N   . SER A 1 96  ? 0.150   0.626   -4.300  1.00 22.83 ? 96  SER A N   1 
ATOM   695  C CA  . SER A 1 96  ? 0.486   -0.743  -4.674  1.00 25.83 ? 96  SER A CA  1 
ATOM   696  C C   . SER A 1 96  ? 1.996   -0.936  -4.739  1.00 26.80 ? 96  SER A C   1 
ATOM   697  O O   . SER A 1 96  ? 2.519   -1.960  -4.283  1.00 24.13 ? 96  SER A O   1 
ATOM   698  C CB  . SER A 1 96  ? -0.160  -1.093  -6.014  1.00 27.28 ? 96  SER A CB  1 
ATOM   699  O OG  . SER A 1 96  ? -0.029  -2.475  -6.297  1.00 44.02 ? 96  SER A OG  1 
ATOM   700  N N   . LEU A 1 97  ? 2.713   0.043   -5.297  1.00 29.45 ? 97  LEU A N   1 
ATOM   701  C CA  . LEU A 1 97  ? 4.168   -0.038  -5.347  1.00 21.47 ? 97  LEU A CA  1 
ATOM   702  C C   . LEU A 1 97  ? 4.786   0.046   -3.958  1.00 22.91 ? 97  LEU A C   1 
ATOM   703  O O   . LEU A 1 97  ? 5.828   -0.570  -3.708  1.00 20.89 ? 97  LEU A O   1 
ATOM   704  C CB  . LEU A 1 97  ? 4.724   1.074   -6.238  1.00 22.67 ? 97  LEU A CB  1 
ATOM   705  C CG  . LEU A 1 97  ? 4.300   1.057   -7.707  1.00 23.59 ? 97  LEU A CG  1 
ATOM   706  C CD1 . LEU A 1 97  ? 4.807   2.295   -8.426  1.00 28.86 ? 97  LEU A CD1 1 
ATOM   707  C CD2 . LEU A 1 97  ? 4.802   -0.201  -8.389  1.00 29.63 ? 97  LEU A CD2 1 
ATOM   708  N N   . LEU A 1 98  ? 4.165   0.803   -3.051  1.00 20.55 ? 98  LEU A N   1 
ATOM   709  C CA  . LEU A 1 98  ? 4.696   0.938   -1.697  1.00 26.25 ? 98  LEU A CA  1 
ATOM   710  C C   . LEU A 1 98  ? 4.690   -0.401  -0.971  1.00 19.93 ? 98  LEU A C   1 
ATOM   711  O O   . LEU A 1 98  ? 5.687   -0.791  -0.351  1.00 21.61 ? 98  LEU A O   1 
ATOM   712  C CB  . LEU A 1 98  ? 3.887   1.981   -0.922  1.00 19.27 ? 98  LEU A CB  1 
ATOM   713  C CG  . LEU A 1 98  ? 4.224   2.224   0.553   1.00 37.99 ? 98  LEU A CG  1 
ATOM   714  C CD1 . LEU A 1 98  ? 4.065   3.690   0.891   1.00 36.90 ? 98  LEU A CD1 1 
ATOM   715  C CD2 . LEU A 1 98  ? 3.338   1.391   1.463   1.00 34.62 ? 98  LEU A CD2 1 
ATOM   716  N N   . TYR A 1 99  ? 3.565   -1.118  -1.028  1.00 20.66 ? 99  TYR A N   1 
ATOM   717  C CA  . TYR A 1 99  ? 3.484   -2.421  -0.376  1.00 25.36 ? 99  TYR A CA  1 
ATOM   718  C C   . TYR A 1 99  ? 4.450   -3.414  -1.008  1.00 17.34 ? 99  TYR A C   1 
ATOM   719  O O   . TYR A 1 99  ? 5.017   -4.268  -0.316  1.00 18.29 ? 99  TYR A O   1 
ATOM   720  C CB  . TYR A 1 99  ? 2.049   -2.946  -0.440  1.00 31.19 ? 99  TYR A CB  1 
ATOM   721  C CG  . TYR A 1 99  ? 1.102   -2.263  0.520   1.00 25.79 ? 99  TYR A CG  1 
ATOM   722  C CD1 . TYR A 1 99  ? 1.415   -2.143  1.868   1.00 32.95 ? 99  TYR A CD1 1 
ATOM   723  C CD2 . TYR A 1 99  ? -0.101  -1.730  0.077   1.00 33.45 ? 99  TYR A CD2 1 
ATOM   724  C CE1 . TYR A 1 99  ? 0.552   -1.519  2.749   1.00 26.38 ? 99  TYR A CE1 1 
ATOM   725  C CE2 . TYR A 1 99  ? -0.969  -1.103  0.950   1.00 29.15 ? 99  TYR A CE2 1 
ATOM   726  C CZ  . TYR A 1 99  ? -0.637  -1.000  2.285   1.00 34.22 ? 99  TYR A CZ  1 
ATOM   727  O OH  . TYR A 1 99  ? -1.499  -0.376  3.158   1.00 32.05 ? 99  TYR A OH  1 
ATOM   728  N N   . ALA A 1 100 ? 4.654   -3.317  -2.324  1.00 21.93 ? 100 ALA A N   1 
ATOM   729  C CA  . ALA A 1 100 ? 5.602   -4.203  -2.993  1.00 19.37 ? 100 ALA A CA  1 
ATOM   730  C C   . ALA A 1 100 ? 7.031   -3.914  -2.554  1.00 19.65 ? 100 ALA A C   1 
ATOM   731  O O   . ALA A 1 100 ? 7.831   -4.841  -2.374  1.00 21.19 ? 100 ALA A O   1 
ATOM   732  C CB  . ALA A 1 100 ? 5.468   -4.068  -4.509  1.00 18.15 ? 100 ALA A CB  1 
ATOM   733  N N   . GLU A 1 101 ? 7.371   -2.635  -2.372  1.00 24.77 ? 101 GLU A N   1 
ATOM   734  C CA  . GLU A 1 101 ? 8.721   -2.282  -1.946  1.00 20.59 ? 101 GLU A CA  1 
ATOM   735  C C   . GLU A 1 101 ? 8.983   -2.700  -0.505  1.00 23.81 ? 101 GLU A C   1 
ATOM   736  O O   . GLU A 1 101 ? 10.108  -3.090  -0.171  1.00 25.61 ? 101 GLU A O   1 
ATOM   737  C CB  . GLU A 1 101 ? 8.951   -0.779  -2.123  1.00 24.97 ? 101 GLU A CB  1 
ATOM   738  C CG  . GLU A 1 101 ? 10.280  -0.273  -1.575  1.00 29.99 ? 101 GLU A CG  1 
ATOM   739  C CD  . GLU A 1 101 ? 11.482  -0.941  -2.221  1.00 37.46 ? 101 GLU A CD  1 
ATOM   740  O OE1 . GLU A 1 101 ? 11.389  -1.339  -3.401  1.00 35.28 ? 101 GLU A OE1 1 
ATOM   741  O OE2 . GLU A 1 101 ? 12.522  -1.069  -1.542  1.00 37.71 ? 101 GLU A OE2 1 
ATOM   742  N N   . LEU A 1 102 ? 7.966   -2.631  0.358   1.00 19.30 ? 102 LEU A N   1 
ATOM   743  C CA  . LEU A 1 102 ? 8.127   -3.107  1.729   1.00 17.63 ? 102 LEU A CA  1 
ATOM   744  C C   . LEU A 1 102 ? 8.490   -4.586  1.757   1.00 22.50 ? 102 LEU A C   1 
ATOM   745  O O   . LEU A 1 102 ? 9.386   -5.000  2.503   1.00 19.61 ? 102 LEU A O   1 
ATOM   746  C CB  . LEU A 1 102 ? 6.848   -2.855  2.529   1.00 15.06 ? 102 LEU A CB  1 
ATOM   747  C CG  . LEU A 1 102 ? 6.540   -1.408  2.914   1.00 28.59 ? 102 LEU A CG  1 
ATOM   748  C CD1 . LEU A 1 102 ? 5.157   -1.306  3.541   1.00 26.51 ? 102 LEU A CD1 1 
ATOM   749  C CD2 . LEU A 1 102 ? 7.599   -0.883  3.866   1.00 32.14 ? 102 LEU A CD2 1 
ATOM   750  N N   . LEU A 1 103 ? 7.807   -5.397  0.947   1.00 20.51 ? 103 LEU A N   1 
ATOM   751  C CA  . LEU A 1 103 ? 8.121   -6.820  0.888   1.00 26.15 ? 103 LEU A CA  1 
ATOM   752  C C   . LEU A 1 103 ? 9.449   -7.064  0.184   1.00 19.99 ? 103 LEU A C   1 
ATOM   753  O O   . LEU A 1 103 ? 10.210  -7.960  0.573   1.00 24.63 ? 103 LEU A O   1 
ATOM   754  C CB  . LEU A 1 103 ? 6.995   -7.573  0.185   1.00 22.94 ? 103 LEU A CB  1 
ATOM   755  C CG  . LEU A 1 103 ? 5.632   -7.482  0.871   1.00 18.87 ? 103 LEU A CG  1 
ATOM   756  C CD1 . LEU A 1 103 ? 4.565   -8.144  0.024   1.00 20.65 ? 103 LEU A CD1 1 
ATOM   757  C CD2 . LEU A 1 103 ? 5.696   -8.118  2.248   1.00 23.36 ? 103 LEU A CD2 1 
ATOM   758  N N   . ARG A 1 104 ? 9.743   -6.279  -0.856  1.00 22.82 ? 104 ARG A N   1 
ATOM   759  C CA  . ARG A 1 104 ? 11.007  -6.436  -1.569  1.00 22.87 ? 104 ARG A CA  1 
ATOM   760  C C   . ARG A 1 104 ? 12.189  -6.060  -0.686  1.00 31.49 ? 104 ARG A C   1 
ATOM   761  O O   . ARG A 1 104 ? 13.227  -6.732  -0.709  1.00 30.50 ? 104 ARG A O   1 
ATOM   762  C CB  . ARG A 1 104 ? 10.996  -5.591  -2.844  1.00 21.15 ? 104 ARG A CB  1 
ATOM   763  C CG  . ARG A 1 104 ? 12.173  -5.845  -3.770  1.00 25.02 ? 104 ARG A CG  1 
ATOM   764  C CD  . ARG A 1 104 ? 12.112  -4.968  -5.015  1.00 23.03 ? 104 ARG A CD  1 
ATOM   765  N NE  . ARG A 1 104 ? 10.876  -5.158  -5.766  1.00 24.58 ? 104 ARG A NE  1 
ATOM   766  C CZ  . ARG A 1 104 ? 9.894   -4.269  -5.832  1.00 34.19 ? 104 ARG A CZ  1 
ATOM   767  N NH1 . ARG A 1 104 ? 9.977   -3.101  -5.216  1.00 29.78 ? 104 ARG A NH1 1 
ATOM   768  N NH2 . ARG A 1 104 ? 8.805   -4.556  -6.538  1.00 24.40 ? 104 ARG A NH2 1 
ATOM   769  N N   . TYR A 1 105 ? 12.048  -4.993  0.106   1.00 23.81 ? 105 TYR A N   1 
ATOM   770  C CA  . TYR A 1 105 ? 13.127  -4.581  0.999   1.00 29.87 ? 105 TYR A CA  1 
ATOM   771  C C   . TYR A 1 105 ? 13.368  -5.620  2.089   1.00 27.28 ? 105 TYR A C   1 
ATOM   772  O O   . TYR A 1 105 ? 14.514  -5.842  2.498   1.00 37.27 ? 105 TYR A O   1 
ATOM   773  C CB  . TYR A 1 105 ? 12.804  -3.220  1.616   1.00 31.90 ? 105 TYR A CB  1 
ATOM   774  C CG  . TYR A 1 105 ? 13.944  -2.597  2.393   1.00 37.98 ? 105 TYR A CG  1 
ATOM   775  C CD1 . TYR A 1 105 ? 14.814  -1.703  1.784   1.00 36.78 ? 105 TYR A CD1 1 
ATOM   776  C CD2 . TYR A 1 105 ? 14.145  -2.897  3.735   1.00 41.71 ? 105 TYR A CD2 1 
ATOM   777  C CE1 . TYR A 1 105 ? 15.856  -1.126  2.489   1.00 53.77 ? 105 TYR A CE1 1 
ATOM   778  C CE2 . TYR A 1 105 ? 15.186  -2.327  4.446   1.00 50.46 ? 105 TYR A CE2 1 
ATOM   779  C CZ  . TYR A 1 105 ? 16.037  -1.443  3.818   1.00 50.77 ? 105 TYR A CZ  1 
ATOM   780  O OH  . TYR A 1 105 ? 17.073  -0.873  4.522   1.00 71.45 ? 105 TYR A OH  1 
ATOM   781  N N   . MET A 1 106 ? 12.302  -6.262  2.572   1.00 32.44 ? 106 MET A N   1 
ATOM   782  C CA  . MET A 1 106 ? 12.456  -7.275  3.611   1.00 31.49 ? 106 MET A CA  1 
ATOM   783  C C   . MET A 1 106 ? 13.203  -8.498  3.092   1.00 34.58 ? 106 MET A C   1 
ATOM   784  O O   . MET A 1 106 ? 14.059  -9.052  3.790   1.00 34.60 ? 106 MET A O   1 
ATOM   785  C CB  . MET A 1 106 ? 11.086  -7.682  4.152   1.00 17.89 ? 106 MET A CB  1 
ATOM   786  C CG  . MET A 1 106 ? 10.470  -6.693  5.127   1.00 41.48 ? 106 MET A CG  1 
ATOM   787  S SD  . MET A 1 106 ? 8.756   -7.113  5.503   1.00 46.34 ? 106 MET A SD  1 
ATOM   788  C CE  . MET A 1 106 ? 8.855   -8.902  5.560   1.00 37.45 ? 106 MET A CE  1 
ATOM   789  N N   . GLU A 1 107 ? 12.889  -8.937  1.870   1.00 31.61 ? 107 GLU A N   1 
ATOM   790  C CA  . GLU A 1 107 ? 13.535  -10.125 1.323   1.00 34.62 ? 107 GLU A CA  1 
ATOM   791  C C   . GLU A 1 107 ? 15.003  -9.867  1.005   1.00 30.19 ? 107 GLU A C   1 
ATOM   792  O O   . GLU A 1 107 ? 15.857  -10.727 1.250   1.00 42.77 ? 107 GLU A O   1 
ATOM   793  C CB  . GLU A 1 107 ? 12.795  -10.599 0.072   1.00 31.89 ? 107 GLU A CB  1 
ATOM   794  C CG  . GLU A 1 107 ? 11.398  -11.140 0.331   1.00 33.98 ? 107 GLU A CG  1 
ATOM   795  C CD  . GLU A 1 107 ? 11.401  -12.348 1.249   1.00 59.78 ? 107 GLU A CD  1 
ATOM   796  O OE1 . GLU A 1 107 ? 10.835  -12.255 2.358   1.00 56.48 ? 107 GLU A OE1 1 
ATOM   797  O OE2 . GLU A 1 107 ? 11.975  -13.389 0.864   1.00 50.48 ? 107 GLU A OE2 1 
ATOM   798  N N   . GLU A 1 108 ? 15.315  -8.691  0.455   1.00 31.17 ? 108 GLU A N   1 
ATOM   799  C CA  . GLU A 1 108 ? 16.694  -8.404  0.074   1.00 43.14 ? 108 GLU A CA  1 
ATOM   800  C C   . GLU A 1 108 ? 17.576  -8.152  1.291   1.00 39.09 ? 108 GLU A C   1 
ATOM   801  O O   . GLU A 1 108 ? 18.769  -8.476  1.266   1.00 39.03 ? 108 GLU A O   1 
ATOM   802  C CB  . GLU A 1 108 ? 16.739  -7.207  -0.878  1.00 37.61 ? 108 GLU A CB  1 
ATOM   803  C CG  . GLU A 1 108 ? 16.333  -5.881  -0.250  1.00 49.46 ? 108 GLU A CG  1 
ATOM   804  C CD  . GLU A 1 108 ? 16.435  -4.722  -1.222  1.00 56.76 ? 108 GLU A CD  1 
ATOM   805  O OE1 . GLU A 1 108 ? 15.393  -4.319  -1.782  1.00 61.53 ? 108 GLU A OE1 1 
ATOM   806  O OE2 . GLU A 1 108 ? 17.559  -4.219  -1.430  1.00 68.69 ? 108 GLU A OE2 1 
ATOM   807  N N   . LYS A 1 109 ? 17.012  -7.590  2.359   1.00 44.64 ? 109 LYS A N   1 
ATOM   808  C CA  . LYS A 1 109 ? 17.765  -7.306  3.573   1.00 38.91 ? 109 LYS A CA  1 
ATOM   809  C C   . LYS A 1 109 ? 17.657  -8.411  4.616   1.00 31.47 ? 109 LYS A C   1 
ATOM   810  O O   . LYS A 1 109 ? 18.458  -8.432  5.556   1.00 49.38 ? 109 LYS A O   1 
ATOM   811  C CB  . LYS A 1 109 ? 17.296  -5.983  4.194   1.00 44.19 ? 109 LYS A CB  1 
ATOM   812  C CG  . LYS A 1 109 ? 17.606  -4.739  3.365   1.00 45.31 ? 109 LYS A CG  1 
ATOM   813  C CD  . LYS A 1 109 ? 19.090  -4.396  3.392   1.00 45.94 ? 109 LYS A CD  1 
ATOM   814  C CE  . LYS A 1 109 ? 19.319  -2.914  3.107   1.00 50.71 ? 109 LYS A CE  1 
ATOM   815  N NZ  . LYS A 1 109 ? 20.028  -2.670  1.821   1.00 63.30 ? 109 LYS A NZ  1 
ATOM   816  N N   . GLY A 1 110 ? 16.699  -9.322  4.475   1.00 32.48 ? 110 GLY A N   1 
ATOM   817  C CA  . GLY A 1 110 ? 16.536  -10.383 5.451   1.00 28.86 ? 110 GLY A CA  1 
ATOM   818  C C   . GLY A 1 110 ? 15.879  -9.946  6.739   1.00 38.80 ? 110 GLY A C   1 
ATOM   819  O O   . GLY A 1 110 ? 16.188  -10.493 7.803   1.00 31.66 ? 110 GLY A O   1 
ATOM   820  N N   . ILE A 1 111 ? 14.980  -8.972  6.675   1.00 37.37 ? 111 ILE A N   1 
ATOM   821  C CA  . ILE A 1 111 ? 14.290  -8.461  7.852   1.00 35.97 ? 111 ILE A CA  1 
ATOM   822  C C   . ILE A 1 111 ? 12.985  -9.224  8.023   1.00 41.69 ? 111 ILE A C   1 
ATOM   823  O O   . ILE A 1 111 ? 12.220  -9.388  7.065   1.00 38.38 ? 111 ILE A O   1 
ATOM   824  C CB  . ILE A 1 111 ? 14.035  -6.951  7.723   1.00 46.46 ? 111 ILE A CB  1 
ATOM   825  C CG1 . ILE A 1 111 ? 15.347  -6.217  7.439   1.00 44.33 ? 111 ILE A CG1 1 
ATOM   826  C CG2 . ILE A 1 111 ? 13.375  -6.408  8.983   1.00 35.98 ? 111 ILE A CG2 1 
ATOM   827  C CD1 . ILE A 1 111 ? 15.162  -4.774  7.033   1.00 42.29 ? 111 ILE A CD1 1 
ATOM   828  N N   . SER A 1 112 ? 12.727  -9.694  9.241   1.00 37.72 ? 112 SER A N   1 
ATOM   829  C CA  . SER A 1 112 ? 11.493  -10.415 9.507   1.00 33.07 ? 112 SER A CA  1 
ATOM   830  C C   . SER A 1 112 ? 10.320  -9.440  9.591   1.00 32.02 ? 112 SER A C   1 
ATOM   831  O O   . SER A 1 112 ? 10.490  -8.220  9.647   1.00 33.99 ? 112 SER A O   1 
ATOM   832  C CB  . SER A 1 112 ? 11.611  -11.233 10.792  1.00 38.36 ? 112 SER A CB  1 
ATOM   833  O OG  . SER A 1 112 ? 11.584  -10.399 11.935  1.00 33.93 ? 112 SER A OG  1 
ATOM   834  N N   . TRP A 1 113 ? 9.110   -10.001 9.606   1.00 29.53 ? 113 TRP A N   1 
ATOM   835  C CA  . TRP A 1 113 ? 7.905   -9.181  9.528   1.00 31.61 ? 113 TRP A CA  1 
ATOM   836  C C   . TRP A 1 113 ? 7.754   -8.296  10.762  1.00 29.72 ? 113 TRP A C   1 
ATOM   837  O O   . TRP A 1 113 ? 7.521   -7.087  10.648  1.00 32.59 ? 113 TRP A O   1 
ATOM   838  C CB  . TRP A 1 113 ? 6.677   -10.074 9.352   1.00 30.71 ? 113 TRP A CB  1 
ATOM   839  C CG  . TRP A 1 113 ? 5.424   -9.318  9.026   1.00 24.59 ? 113 TRP A CG  1 
ATOM   840  C CD1 . TRP A 1 113 ? 4.600   -8.678  9.905   1.00 30.23 ? 113 TRP A CD1 1 
ATOM   841  C CD2 . TRP A 1 113 ? 4.849   -9.132  7.728   1.00 29.40 ? 113 TRP A CD2 1 
ATOM   842  N NE1 . TRP A 1 113 ? 3.549   -8.100  9.234   1.00 35.01 ? 113 TRP A NE1 1 
ATOM   843  C CE2 . TRP A 1 113 ? 3.678   -8.365  7.896   1.00 32.60 ? 113 TRP A CE2 1 
ATOM   844  C CE3 . TRP A 1 113 ? 5.209   -9.538  6.439   1.00 37.07 ? 113 TRP A CE3 1 
ATOM   845  C CZ2 . TRP A 1 113 ? 2.867   -7.997  6.825   1.00 31.74 ? 113 TRP A CZ2 1 
ATOM   846  C CZ3 . TRP A 1 113 ? 4.403   -9.171  5.378   1.00 29.06 ? 113 TRP A CZ3 1 
ATOM   847  C CH2 . TRP A 1 113 ? 3.246   -8.409  5.577   1.00 25.47 ? 113 TRP A CH2 1 
ATOM   848  N N   . GLU A 1 114 ? 7.881   -8.883  11.953  1.00 30.91 ? 114 GLU A N   1 
ATOM   849  C CA  . GLU A 1 114 ? 7.689   -8.115  13.177  1.00 33.97 ? 114 GLU A CA  1 
ATOM   850  C C   . GLU A 1 114 ? 8.814   -7.117  13.421  1.00 36.09 ? 114 GLU A C   1 
ATOM   851  O O   . GLU A 1 114 ? 8.600   -6.122  14.123  1.00 36.61 ? 114 GLU A O   1 
ATOM   852  C CB  . GLU A 1 114 ? 7.552   -9.055  14.377  1.00 34.83 ? 114 GLU A CB  1 
ATOM   853  C CG  . GLU A 1 114 ? 6.485   -10.129 14.207  1.00 30.91 ? 114 GLU A CG  1 
ATOM   854  C CD  . GLU A 1 114 ? 5.110   -9.559  13.899  1.00 37.49 ? 114 GLU A CD  1 
ATOM   855  O OE1 . GLU A 1 114 ? 4.796   -8.450  14.377  1.00 36.56 ? 114 GLU A OE1 1 
ATOM   856  O OE2 . GLU A 1 114 ? 4.342   -10.226 13.174  1.00 48.50 ? 114 GLU A OE2 1 
ATOM   857  N N   . GLU A 1 115 ? 10.002  -7.356  12.862  1.00 29.67 ? 115 GLU A N   1 
ATOM   858  C CA  . GLU A 1 115 ? 11.082  -6.383  12.987  1.00 34.06 ? 115 GLU A CA  1 
ATOM   859  C C   . GLU A 1 115 ? 10.823  -5.147  12.137  1.00 39.29 ? 115 GLU A C   1 
ATOM   860  O O   . GLU A 1 115 ? 11.310  -4.059  12.463  1.00 44.14 ? 115 GLU A O   1 
ATOM   861  C CB  . GLU A 1 115 ? 12.415  -7.020  12.594  1.00 35.89 ? 115 GLU A CB  1 
ATOM   862  C CG  . GLU A 1 115 ? 12.922  -8.075  13.562  1.00 44.67 ? 115 GLU A CG  1 
ATOM   863  C CD  . GLU A 1 115 ? 14.061  -8.892  12.981  1.00 57.51 ? 115 GLU A CD  1 
ATOM   864  O OE1 . GLU A 1 115 ? 14.598  -9.763  13.699  1.00 47.23 ? 115 GLU A OE1 1 
ATOM   865  O OE2 . GLU A 1 115 ? 14.417  -8.667  11.804  1.00 46.25 ? 115 GLU A OE2 1 
ATOM   866  N N   . PHE A 1 116 ? 10.060  -5.292  11.055  1.00 28.93 ? 116 PHE A N   1 
ATOM   867  C CA  . PHE A 1 116 ? 9.815   -4.208  10.116  1.00 34.02 ? 116 PHE A CA  1 
ATOM   868  C C   . PHE A 1 116 ? 8.388   -3.684  10.172  1.00 34.52 ? 116 PHE A C   1 
ATOM   869  O O   . PHE A 1 116 ? 8.055   -2.753  9.429   1.00 33.72 ? 116 PHE A O   1 
ATOM   870  C CB  . PHE A 1 116 ? 10.142  -4.671  8.691   1.00 24.91 ? 116 PHE A CB  1 
ATOM   871  C CG  . PHE A 1 116 ? 10.587  -3.566  7.778   1.00 39.66 ? 116 PHE A CG  1 
ATOM   872  C CD1 . PHE A 1 116 ? 11.809  -2.945  7.969   1.00 44.20 ? 116 PHE A CD1 1 
ATOM   873  C CD2 . PHE A 1 116 ? 9.792   -3.160  6.720   1.00 40.46 ? 116 PHE A CD2 1 
ATOM   874  C CE1 . PHE A 1 116 ? 12.227  -1.931  7.130   1.00 50.38 ? 116 PHE A CE1 1 
ATOM   875  C CE2 . PHE A 1 116 ? 10.206  -2.146  5.876   1.00 40.54 ? 116 PHE A CE2 1 
ATOM   876  C CZ  . PHE A 1 116 ? 11.424  -1.531  6.080   1.00 42.74 ? 116 PHE A CZ  1 
ATOM   877  N N   . ALA A 1 117 ? 7.539   -4.249  11.032  1.00 36.02 ? 117 ALA A N   1 
ATOM   878  C CA  . ALA A 1 117 ? 6.136   -3.839  11.079  1.00 34.19 ? 117 ALA A CA  1 
ATOM   879  C C   . ALA A 1 117 ? 5.947   -2.371  11.446  1.00 37.45 ? 117 ALA A C   1 
ATOM   880  O O   . ALA A 1 117 ? 5.146   -1.695  10.777  1.00 34.89 ? 117 ALA A O   1 
ATOM   881  C CB  . ALA A 1 117 ? 5.363   -4.759  12.030  1.00 35.70 ? 117 ALA A CB  1 
ATOM   882  N N   . PRO A 1 118 ? 6.614   -1.814  12.465  1.00 28.67 ? 118 PRO A N   1 
ATOM   883  C CA  . PRO A 1 118 ? 6.427   -0.380  12.746  1.00 36.62 ? 118 PRO A CA  1 
ATOM   884  C C   . PRO A 1 118 ? 6.843   0.525   11.599  1.00 34.81 ? 118 PRO A C   1 
ATOM   885  O O   . PRO A 1 118 ? 6.342   1.653   11.507  1.00 32.84 ? 118 PRO A O   1 
ATOM   886  C CB  . PRO A 1 118 ? 7.301   -0.145  13.986  1.00 31.28 ? 118 PRO A CB  1 
ATOM   887  C CG  . PRO A 1 118 ? 7.418   -1.480  14.622  1.00 32.25 ? 118 PRO A CG  1 
ATOM   888  C CD  . PRO A 1 118 ? 7.468   -2.451  13.485  1.00 28.57 ? 118 PRO A CD  1 
ATOM   889  N N   . GLN A 1 119 ? 7.737   0.068   10.721  1.00 29.99 ? 119 GLN A N   1 
ATOM   890  C CA  . GLN A 1 119 ? 8.156   0.874   9.581   1.00 25.22 ? 119 GLN A CA  1 
ATOM   891  C C   . GLN A 1 119 ? 7.116   0.904   8.468   1.00 38.70 ? 119 GLN A C   1 
ATOM   892  O O   . GLN A 1 119 ? 7.203   1.765   7.585   1.00 31.17 ? 119 GLN A O   1 
ATOM   893  C CB  . GLN A 1 119 ? 9.487   0.355   9.031   1.00 31.41 ? 119 GLN A CB  1 
ATOM   894  N N   . TYR A 1 120 ? 6.145   -0.014  8.486   1.00 28.22 ? 120 TYR A N   1 
ATOM   895  C CA  . TYR A 1 120 ? 5.062   0.030   7.507   1.00 36.17 ? 120 TYR A CA  1 
ATOM   896  C C   . TYR A 1 120 ? 4.330   1.362   7.574   1.00 36.28 ? 120 TYR A C   1 
ATOM   897  O O   . TYR A 1 120 ? 4.198   2.067   6.567   1.00 27.32 ? 120 TYR A O   1 
ATOM   898  C CB  . TYR A 1 120 ? 4.078   -1.117  7.744   1.00 34.35 ? 120 TYR A CB  1 
ATOM   899  C CG  . TYR A 1 120 ? 4.645   -2.510  7.588   1.00 33.45 ? 120 TYR A CG  1 
ATOM   900  C CD1 . TYR A 1 120 ? 5.813   -2.738  6.872   1.00 33.33 ? 120 TYR A CD1 1 
ATOM   901  C CD2 . TYR A 1 120 ? 4.000   -3.603  8.153   1.00 37.60 ? 120 TYR A CD2 1 
ATOM   902  C CE1 . TYR A 1 120 ? 6.326   -4.016  6.731   1.00 37.96 ? 120 TYR A CE1 1 
ATOM   903  C CE2 . TYR A 1 120 ? 4.504   -4.882  8.017   1.00 33.86 ? 120 TYR A CE2 1 
ATOM   904  C CZ  . TYR A 1 120 ? 5.665   -5.083  7.306   1.00 39.67 ? 120 TYR A CZ  1 
ATOM   905  O OH  . TYR A 1 120 ? 6.166   -6.358  7.172   1.00 32.72 ? 120 TYR A OH  1 
ATOM   906  N N   . LEU A 1 121 ? 3.846   1.723   8.764   1.00 25.30 ? 121 LEU A N   1 
ATOM   907  C CA  . LEU A 1 121 ? 3.098   2.963   8.921   1.00 31.36 ? 121 LEU A CA  1 
ATOM   908  C C   . LEU A 1 121 ? 3.995   4.184   8.775   1.00 27.98 ? 121 LEU A C   1 
ATOM   909  O O   . LEU A 1 121 ? 3.522   5.254   8.374   1.00 33.76 ? 121 LEU A O   1 
ATOM   910  C CB  . LEU A 1 121 ? 2.391   2.973   10.276  1.00 22.66 ? 121 LEU A CB  1 
ATOM   911  C CG  . LEU A 1 121 ? 1.361   4.079   10.486  1.00 35.55 ? 121 LEU A CG  1 
ATOM   912  C CD1 . LEU A 1 121 ? 0.448   4.160   9.279   1.00 42.99 ? 121 LEU A CD1 1 
ATOM   913  C CD2 . LEU A 1 121 ? 0.558   3.827   11.753  1.00 28.70 ? 121 LEU A CD2 1 
ATOM   914  N N   . THR A 1 122 ? 5.285   4.048   9.093   1.00 33.55 ? 122 THR A N   1 
ATOM   915  C CA  . THR A 1 122 ? 6.208   5.163   8.912   1.00 27.52 ? 122 THR A CA  1 
ATOM   916  C C   . THR A 1 122 ? 6.358   5.513   7.437   1.00 40.37 ? 122 THR A C   1 
ATOM   917  O O   . THR A 1 122 ? 6.371   6.694   7.071   1.00 30.76 ? 122 THR A O   1 
ATOM   918  C CB  . THR A 1 122 ? 7.568   4.831   9.525   1.00 36.31 ? 122 THR A CB  1 
ATOM   919  O OG1 . THR A 1 122 ? 7.397   4.450   10.896  1.00 38.12 ? 122 THR A OG1 1 
ATOM   920  C CG2 . THR A 1 122 ? 8.493   6.038   9.458   1.00 28.35 ? 122 THR A CG2 1 
ATOM   921  N N   . LEU A 1 123 ? 6.461   4.502   6.573   1.00 29.85 ? 123 LEU A N   1 
ATOM   922  C CA  . LEU A 1 123 ? 6.566   4.767   5.142   1.00 31.00 ? 123 LEU A CA  1 
ATOM   923  C C   . LEU A 1 123 ? 5.250   5.290   4.580   1.00 29.95 ? 123 LEU A C   1 
ATOM   924  O O   . LEU A 1 123 ? 5.247   6.175   3.717   1.00 30.90 ? 123 LEU A O   1 
ATOM   925  C CB  . LEU A 1 123 ? 7.002   3.504   4.400   1.00 36.84 ? 123 LEU A CB  1 
ATOM   926  C CG  . LEU A 1 123 ? 7.203   3.662   2.889   1.00 31.79 ? 123 LEU A CG  1 
ATOM   927  C CD1 . LEU A 1 123 ? 8.291   4.683   2.592   1.00 31.08 ? 123 LEU A CD1 1 
ATOM   928  C CD2 . LEU A 1 123 ? 7.527   2.328   2.235   1.00 36.66 ? 123 LEU A CD2 1 
ATOM   929  N N   . ILE A 1 124 ? 4.121   4.766   5.065   1.00 30.40 ? 124 ILE A N   1 
ATOM   930  C CA  . ILE A 1 124 ? 2.824   5.173   4.532   1.00 29.02 ? 124 ILE A CA  1 
ATOM   931  C C   . ILE A 1 124 ? 2.534   6.631   4.875   1.00 37.02 ? 124 ILE A C   1 
ATOM   932  O O   . ILE A 1 124 ? 2.105   7.413   4.017   1.00 36.36 ? 124 ILE A O   1 
ATOM   933  C CB  . ILE A 1 124 ? 1.714   4.238   5.048   1.00 32.59 ? 124 ILE A CB  1 
ATOM   934  C CG1 . ILE A 1 124 ? 1.876   2.836   4.458   1.00 32.53 ? 124 ILE A CG1 1 
ATOM   935  C CG2 . ILE A 1 124 ? 0.339   4.799   4.715   1.00 31.40 ? 124 ILE A CG2 1 
ATOM   936  C CD1 . ILE A 1 124 ? 0.791   1.866   4.878   1.00 35.94 ? 124 ILE A CD1 1 
ATOM   937  N N   . THR A 1 125 ? 2.771   7.020   6.129   1.00 32.92 ? 125 THR A N   1 
ATOM   938  C CA  . THR A 1 125 ? 2.426   8.359   6.595   1.00 31.77 ? 125 THR A CA  1 
ATOM   939  C C   . THR A 1 125 ? 3.373   9.443   6.095   1.00 38.79 ? 125 THR A C   1 
ATOM   940  O O   . THR A 1 125 ? 3.061   10.627  6.254   1.00 38.87 ? 125 THR A O   1 
ATOM   941  C CB  . THR A 1 125 ? 2.393   8.397   8.125   1.00 21.93 ? 125 THR A CB  1 
ATOM   942  O OG1 . THR A 1 125 ? 3.610   7.849   8.645   1.00 29.54 ? 125 THR A OG1 1 
ATOM   943  C CG2 . THR A 1 125 ? 1.210   7.604   8.652   1.00 29.10 ? 125 THR A CG2 1 
ATOM   944  N N   . ILE A 1 126 ? 4.515   9.080   5.523   1.00 36.45 ? 126 ILE A N   1 
ATOM   945  C CA  . ILE A 1 126 ? 5.426   10.049  4.926   1.00 33.66 ? 126 ILE A CA  1 
ATOM   946  C C   . ILE A 1 126 ? 5.272   10.099  3.412   1.00 45.71 ? 126 ILE A C   1 
ATOM   947  O O   . ILE A 1 126 ? 5.302   11.176  2.814   1.00 41.40 ? 126 ILE A O   1 
ATOM   948  C CB  . ILE A 1 126 ? 6.883   9.731   5.324   1.00 36.60 ? 126 ILE A CB  1 
ATOM   949  C CG1 . ILE A 1 126 ? 7.051   9.788   6.841   1.00 26.47 ? 126 ILE A CG1 1 
ATOM   950  C CG2 . ILE A 1 126 ? 7.847   10.696  4.650   1.00 34.78 ? 126 ILE A CG2 1 
ATOM   951  C CD1 . ILE A 1 126 ? 8.428   9.380   7.311   1.00 40.00 ? 126 ILE A CD1 1 
ATOM   952  N N   . LEU A 1 127 ? 5.092   8.936   2.785   1.00 35.49 ? 127 LEU A N   1 
ATOM   953  C CA  . LEU A 1 127 ? 4.989   8.864   1.333   1.00 39.42 ? 127 LEU A CA  1 
ATOM   954  C C   . LEU A 1 127 ? 3.672   9.448   0.829   1.00 39.38 ? 127 LEU A C   1 
ATOM   955  O O   . LEU A 1 127 ? 3.645   10.075  -0.238  1.00 27.22 ? 127 LEU A O   1 
ATOM   956  C CB  . LEU A 1 127 ? 5.167   7.406   0.900   1.00 42.09 ? 127 LEU A CB  1 
ATOM   957  C CG  . LEU A 1 127 ? 5.248   6.915   -0.545  1.00 51.06 ? 127 LEU A CG  1 
ATOM   958  C CD1 . LEU A 1 127 ? 3.863   6.587   -1.097  1.00 52.39 ? 127 LEU A CD1 1 
ATOM   959  C CD2 . LEU A 1 127 ? 5.977   7.921   -1.427  1.00 37.65 ? 127 LEU A CD2 1 
ATOM   960  N N   . LEU A 1 128 ? 2.584   9.290   1.588   1.00 36.90 ? 128 LEU A N   1 
ATOM   961  C CA  . LEU A 1 128 ? 1.295   9.835   1.161   1.00 39.07 ? 128 LEU A CA  1 
ATOM   962  C C   . LEU A 1 128 ? 1.281   11.357  1.084   1.00 42.89 ? 128 LEU A C   1 
ATOM   963  O O   . LEU A 1 128 ? 0.830   11.893  0.056   1.00 41.43 ? 128 LEU A O   1 
ATOM   964  C CB  . LEU A 1 128 ? 0.181   9.312   2.073   1.00 43.39 ? 128 LEU A CB  1 
ATOM   965  C CG  . LEU A 1 128 ? -0.303  7.895   1.771   1.00 46.68 ? 128 LEU A CG  1 
ATOM   966  C CD1 . LEU A 1 128 ? -1.535  7.551   2.596   1.00 39.75 ? 128 LEU A CD1 1 
ATOM   967  C CD2 . LEU A 1 128 ? -0.588  7.756   0.287   1.00 46.64 ? 128 LEU A CD2 1 
ATOM   968  N N   . PRO A 1 129 ? 1.718   12.114  2.100   1.00 48.56 ? 129 PRO A N   1 
ATOM   969  C CA  . PRO A 1 129 ? 1.786   13.572  1.920   1.00 41.17 ? 129 PRO A CA  1 
ATOM   970  C C   . PRO A 1 129 ? 2.828   13.993  0.901   1.00 44.88 ? 129 PRO A C   1 
ATOM   971  O O   . PRO A 1 129 ? 2.697   15.072  0.309   1.00 47.19 ? 129 PRO A O   1 
ATOM   972  C CB  . PRO A 1 129 ? 2.122   14.089  3.324   1.00 44.36 ? 129 PRO A CB  1 
ATOM   973  C CG  . PRO A 1 129 ? 2.787   12.949  3.996   1.00 44.09 ? 129 PRO A CG  1 
ATOM   974  C CD  . PRO A 1 129 ? 2.113   11.720  3.466   1.00 46.82 ? 129 PRO A CD  1 
ATOM   975  N N   . THR A 1 130 ? 3.867   13.181  0.686   1.00 36.97 ? 130 THR A N   1 
ATOM   976  C CA  . THR A 1 130 ? 4.818   13.469  -0.382  1.00 35.54 ? 130 THR A CA  1 
ATOM   977  C C   . THR A 1 130 ? 4.135   13.424  -1.743  1.00 40.48 ? 130 THR A C   1 
ATOM   978  O O   . THR A 1 130 ? 4.382   14.279  -2.601  1.00 46.80 ? 130 THR A O   1 
ATOM   979  C CB  . THR A 1 130 ? 5.984   12.478  -0.336  1.00 32.92 ? 130 THR A CB  1 
ATOM   980  O OG1 . THR A 1 130 ? 6.622   12.543  0.945   1.00 27.53 ? 130 THR A OG1 1 
ATOM   981  C CG2 . THR A 1 130 ? 7.004   12.804  -1.418  1.00 35.91 ? 130 THR A CG2 1 
ATOM   982  N N   . TYR A 1 131 ? 3.262   12.437  -1.950  1.00 33.62 ? 131 TYR A N   1 
ATOM   983  C CA  . TYR A 1 131 ? 2.508   12.354  -3.197  1.00 43.25 ? 131 TYR A CA  1 
ATOM   984  C C   . TYR A 1 131 ? 1.580   13.548  -3.359  1.00 40.47 ? 131 TYR A C   1 
ATOM   985  O O   . TYR A 1 131 ? 1.510   14.155  -4.434  1.00 37.25 ? 131 TYR A O   1 
ATOM   986  C CB  . TYR A 1 131 ? 1.708   11.054  -3.232  1.00 36.05 ? 131 TYR A CB  1 
ATOM   987  C CG  . TYR A 1 131 ? 0.544   11.068  -4.199  1.00 33.16 ? 131 TYR A CG  1 
ATOM   988  C CD1 . TYR A 1 131 ? 0.745   10.921  -5.564  1.00 26.29 ? 131 TYR A CD1 1 
ATOM   989  C CD2 . TYR A 1 131 ? -0.759  11.222  -3.741  1.00 35.77 ? 131 TYR A CD2 1 
ATOM   990  C CE1 . TYR A 1 131 ? -0.318  10.933  -6.448  1.00 43.43 ? 131 TYR A CE1 1 
ATOM   991  C CE2 . TYR A 1 131 ? -1.828  11.236  -4.617  1.00 39.78 ? 131 TYR A CE2 1 
ATOM   992  C CZ  . TYR A 1 131 ? -1.601  11.090  -5.970  1.00 41.39 ? 131 TYR A CZ  1 
ATOM   993  O OH  . TYR A 1 131 ? -2.662  11.102  -6.847  1.00 47.53 ? 131 TYR A OH  1 
ATOM   994  N N   . GLU A 1 132 ? 0.847   13.892  -2.297  1.00 42.99 ? 132 GLU A N   1 
ATOM   995  C CA  . GLU A 1 132 ? -0.086  15.010  -2.375  1.00 41.57 ? 132 GLU A CA  1 
ATOM   996  C C   . GLU A 1 132 ? 0.646   16.317  -2.651  1.00 34.32 ? 132 GLU A C   1 
ATOM   997  O O   . GLU A 1 132 ? 0.162   17.156  -3.418  1.00 42.47 ? 132 GLU A O   1 
ATOM   998  C CB  . GLU A 1 132 ? -0.895  15.105  -1.082  1.00 44.18 ? 132 GLU A CB  1 
ATOM   999  C CG  . GLU A 1 132 ? -2.098  16.029  -1.168  1.00 52.97 ? 132 GLU A CG  1 
ATOM   1000 C CD  . GLU A 1 132 ? -3.156  15.521  -2.130  1.00 57.34 ? 132 GLU A CD  1 
ATOM   1001 O OE1 . GLU A 1 132 ? -3.259  14.289  -2.308  1.00 68.29 ? 132 GLU A OE1 1 
ATOM   1002 O OE2 . GLU A 1 132 ? -3.883  16.354  -2.710  1.00 71.83 ? 132 GLU A OE2 1 
ATOM   1003 N N   . LYS A 1 133 ? 1.823   16.498  -2.048  1.00 32.54 ? 133 LYS A N   1 
ATOM   1004 C CA  . LYS A 1 133 ? 2.597   17.713  -2.283  1.00 39.54 ? 133 LYS A CA  1 
ATOM   1005 C C   . LYS A 1 133 ? 3.087   17.782  -3.725  1.00 42.86 ? 133 LYS A C   1 
ATOM   1006 O O   . LYS A 1 133 ? 2.977   18.826  -4.379  1.00 38.01 ? 133 LYS A O   1 
ATOM   1007 C CB  . LYS A 1 133 ? 3.773   17.782  -1.309  1.00 36.59 ? 133 LYS A CB  1 
ATOM   1008 N N   . LEU A 1 134 ? 3.630   16.676  -4.239  1.00 39.29 ? 134 LEU A N   1 
ATOM   1009 C CA  . LEU A 1 134 ? 4.104   16.662  -5.619  1.00 34.60 ? 134 LEU A CA  1 
ATOM   1010 C C   . LEU A 1 134 ? 2.952   16.772  -6.610  1.00 40.13 ? 134 LEU A C   1 
ATOM   1011 O O   . LEU A 1 134 ? 3.126   17.334  -7.697  1.00 37.48 ? 134 LEU A O   1 
ATOM   1012 C CB  . LEU A 1 134 ? 4.916   15.394  -5.886  1.00 38.30 ? 134 LEU A CB  1 
ATOM   1013 C CG  . LEU A 1 134 ? 6.193   15.225  -5.061  1.00 41.72 ? 134 LEU A CG  1 
ATOM   1014 C CD1 . LEU A 1 134 ? 6.913   13.940  -5.442  1.00 41.34 ? 134 LEU A CD1 1 
ATOM   1015 C CD2 . LEU A 1 134 ? 7.110   16.429  -5.227  1.00 32.91 ? 134 LEU A CD2 1 
ATOM   1016 N N   . LYS A 1 135 ? 1.777   16.244  -6.258  1.00 28.04 ? 135 LYS A N   1 
ATOM   1017 C CA  . LYS A 1 135 ? 0.616   16.390  -7.129  1.00 34.15 ? 135 LYS A CA  1 
ATOM   1018 C C   . LYS A 1 135 ? 0.104   17.826  -7.123  1.00 38.35 ? 135 LYS A C   1 
ATOM   1019 O O   . LYS A 1 135 ? -0.313  18.346  -8.165  1.00 40.47 ? 135 LYS A O   1 
ATOM   1020 C CB  . LYS A 1 135 ? -0.489  15.424  -6.702  1.00 33.98 ? 135 LYS A CB  1 
ATOM   1021 N N   . GLU A 1 136 ? 0.127   18.481  -5.960  1.00 36.42 ? 136 GLU A N   1 
ATOM   1022 C CA  . GLU A 1 136 ? -0.260  19.884  -5.883  1.00 37.39 ? 136 GLU A CA  1 
ATOM   1023 C C   . GLU A 1 136 ? 0.701   20.791  -6.638  1.00 34.09 ? 136 GLU A C   1 
ATOM   1024 O O   . GLU A 1 136 ? 0.315   21.899  -7.022  1.00 31.47 ? 136 GLU A O   1 
ATOM   1025 C CB  . GLU A 1 136 ? -0.350  20.332  -4.423  1.00 34.60 ? 136 GLU A CB  1 
ATOM   1026 C CG  . GLU A 1 136 ? -1.520  19.742  -3.653  1.00 30.49 ? 136 GLU A CG  1 
ATOM   1027 C CD  . GLU A 1 136 ? -1.425  20.009  -2.162  1.00 48.52 ? 136 GLU A CD  1 
ATOM   1028 O OE1 . GLU A 1 136 ? -0.670  20.923  -1.768  1.00 54.63 ? 136 GLU A OE1 1 
ATOM   1029 O OE2 . GLU A 1 136 ? -2.099  19.302  -1.384  1.00 45.76 ? 136 GLU A OE2 1 
ATOM   1030 N N   . ALA A 1 137 ? 1.939   20.351  -6.855  1.00 36.71 ? 137 ALA A N   1 
ATOM   1031 C CA  . ALA A 1 137 ? 2.927   21.120  -7.597  1.00 36.79 ? 137 ALA A CA  1 
ATOM   1032 C C   . ALA A 1 137 ? 3.071   20.660  -9.041  1.00 39.01 ? 137 ALA A C   1 
ATOM   1033 O O   . ALA A 1 137 ? 3.881   21.228  -9.779  1.00 39.68 ? 137 ALA A O   1 
ATOM   1034 C CB  . ALA A 1 137 ? 4.286   21.052  -6.893  1.00 32.86 ? 137 ALA A CB  1 
ATOM   1035 N N   . GLY A 1 138 ? 2.312   19.650  -9.458  1.00 44.01 ? 138 GLY A N   1 
ATOM   1036 C CA  . GLY A 1 138 ? 2.396   19.168  -10.821 1.00 49.38 ? 138 GLY A CA  1 
ATOM   1037 C C   . GLY A 1 138 ? 3.638   18.375  -11.152 1.00 39.63 ? 138 GLY A C   1 
ATOM   1038 O O   . GLY A 1 138 ? 3.911   18.148  -12.335 1.00 44.23 ? 138 GLY A O   1 
ATOM   1039 N N   . VAL A 1 139 ? 4.404   17.945  -10.148 1.00 35.27 ? 139 VAL A N   1 
ATOM   1040 C CA  . VAL A 1 139 ? 5.593   17.143  -10.416 1.00 37.75 ? 139 VAL A CA  1 
ATOM   1041 C C   . VAL A 1 139 ? 5.201   15.739  -10.857 1.00 52.85 ? 139 VAL A C   1 
ATOM   1042 O O   . VAL A 1 139 ? 5.772   15.189  -11.808 1.00 41.00 ? 139 VAL A O   1 
ATOM   1043 C CB  . VAL A 1 139 ? 6.509   17.117  -9.179  1.00 34.19 ? 139 VAL A CB  1 
ATOM   1044 C CG1 . VAL A 1 139 ? 7.755   16.290  -9.456  1.00 36.80 ? 139 VAL A CG1 1 
ATOM   1045 C CG2 . VAL A 1 139 ? 6.886   18.534  -8.772  1.00 41.70 ? 139 VAL A CG2 1 
ATOM   1046 N N   . VAL A 1 140 ? 4.228   15.136  -10.179 1.00 47.60 ? 140 VAL A N   1 
ATOM   1047 C CA  . VAL A 1 140 ? 3.704   13.829  -10.554 1.00 36.11 ? 140 VAL A CA  1 
ATOM   1048 C C   . VAL A 1 140 ? 2.310   14.016  -11.136 1.00 30.53 ? 140 VAL A C   1 
ATOM   1049 O O   . VAL A 1 140 ? 1.579   14.943  -10.770 1.00 51.28 ? 140 VAL A O   1 
ATOM   1050 C CB  . VAL A 1 140 ? 3.678   12.850  -9.361  1.00 40.12 ? 140 VAL A CB  1 
ATOM   1051 C CG1 . VAL A 1 140 ? 5.082   12.645  -8.813  1.00 35.67 ? 140 VAL A CG1 1 
ATOM   1052 C CG2 . VAL A 1 140 ? 2.746   13.358  -8.271  1.00 39.67 ? 140 VAL A CG2 1 
ATOM   1053 N N   . THR A 1 141 ? 1.947   13.130  -12.059 1.00 38.38 ? 141 THR A N   1 
ATOM   1054 C CA  . THR A 1 141 ? 0.656   13.201  -12.728 1.00 32.79 ? 141 THR A CA  1 
ATOM   1055 C C   . THR A 1 141 ? 0.252   11.797  -13.162 1.00 33.71 ? 141 THR A C   1 
ATOM   1056 O O   . THR A 1 141 ? 0.940   10.813  -12.876 1.00 51.64 ? 141 THR A O   1 
ATOM   1057 C CB  . THR A 1 141 ? 0.702   14.157  -13.924 1.00 49.53 ? 141 THR A CB  1 
ATOM   1058 O OG1 . THR A 1 141 ? -0.606  14.276  -14.496 1.00 58.47 ? 141 THR A OG1 1 
ATOM   1059 C CG2 . THR A 1 141 ? 1.662   13.637  -14.980 1.00 45.41 ? 141 THR A CG2 1 
ATOM   1060 N N   . GLU A 1 142 ? -0.882  11.713  -13.862 1.00 48.93 ? 142 GLU A N   1 
ATOM   1061 C CA  . GLU A 1 142 ? -1.357  10.428  -14.361 1.00 49.46 ? 142 GLU A CA  1 
ATOM   1062 C C   . GLU A 1 142 ? -0.425  9.832   -15.408 1.00 51.79 ? 142 GLU A C   1 
ATOM   1063 O O   . GLU A 1 142 ? -0.432  8.612   -15.603 1.00 46.22 ? 142 GLU A O   1 
ATOM   1064 C CB  . GLU A 1 142 ? -2.765  10.576  -14.941 1.00 60.06 ? 142 GLU A CB  1 
ATOM   1065 N N   . SER A 1 143 ? 0.373   10.658  -16.079 1.00 57.24 ? 143 SER A N   1 
ATOM   1066 C CA  . SER A 1 143 ? 1.330   10.186  -17.069 1.00 44.98 ? 143 SER A CA  1 
ATOM   1067 C C   . SER A 1 143 ? 2.690   9.854   -16.469 1.00 38.75 ? 143 SER A C   1 
ATOM   1068 O O   . SER A 1 143 ? 3.577   9.402   -17.200 1.00 35.63 ? 143 SER A O   1 
ATOM   1069 C CB  . SER A 1 143 ? 1.500   11.228  -18.181 1.00 41.26 ? 143 SER A CB  1 
ATOM   1070 O OG  . SER A 1 143 ? 0.283   11.429  -18.879 1.00 36.53 ? 143 SER A OG  1 
ATOM   1071 N N   . THR A 1 144 ? 2.876   10.072  -15.168 1.00 33.02 ? 144 THR A N   1 
ATOM   1072 C CA  . THR A 1 144 ? 4.139   9.731   -14.526 1.00 35.12 ? 144 THR A CA  1 
ATOM   1073 C C   . THR A 1 144 ? 4.364   8.225   -14.576 1.00 46.80 ? 144 THR A C   1 
ATOM   1074 O O   . THR A 1 144 ? 3.475   7.440   -14.234 1.00 41.07 ? 144 THR A O   1 
ATOM   1075 C CB  . THR A 1 144 ? 4.147   10.221  -13.078 1.00 41.01 ? 144 THR A CB  1 
ATOM   1076 O OG1 . THR A 1 144 ? 4.002   11.647  -13.054 1.00 43.28 ? 144 THR A OG1 1 
ATOM   1077 C CG2 . THR A 1 144 ? 5.448   9.837   -12.390 1.00 32.17 ? 144 THR A CG2 1 
ATOM   1078 N N   . SER A 1 145 ? 5.555   7.825   -15.011 1.00 43.75 ? 145 SER A N   1 
ATOM   1079 C CA  . SER A 1 145 ? 5.863   6.413   -15.166 1.00 45.24 ? 145 SER A CA  1 
ATOM   1080 C C   . SER A 1 145 ? 5.987   5.731   -13.806 1.00 39.44 ? 145 SER A C   1 
ATOM   1081 O O   . SER A 1 145 ? 6.233   6.368   -12.777 1.00 38.66 ? 145 SER A O   1 
ATOM   1082 C CB  . SER A 1 145 ? 7.156   6.231   -15.961 1.00 33.64 ? 145 SER A CB  1 
ATOM   1083 O OG  . SER A 1 145 ? 8.259   6.791   -15.270 1.00 42.61 ? 145 SER A OG  1 
ATOM   1084 N N   . LEU A 1 146 ? 5.812   4.407   -13.816 1.00 40.40 ? 146 LEU A N   1 
ATOM   1085 C CA  . LEU A 1 146 ? 5.964   3.631   -12.589 1.00 42.21 ? 146 LEU A CA  1 
ATOM   1086 C C   . LEU A 1 146 ? 7.400   3.656   -12.083 1.00 28.29 ? 146 LEU A C   1 
ATOM   1087 O O   . LEU A 1 146 ? 7.634   3.534   -10.877 1.00 34.54 ? 146 LEU A O   1 
ATOM   1088 C CB  . LEU A 1 146 ? 5.512   2.187   -12.818 1.00 30.91 ? 146 LEU A CB  1 
ATOM   1089 C CG  . LEU A 1 146 ? 4.023   1.948   -13.066 1.00 38.08 ? 146 LEU A CG  1 
ATOM   1090 C CD1 . LEU A 1 146 ? 3.760   0.478   -13.356 1.00 33.97 ? 146 LEU A CD1 1 
ATOM   1091 C CD2 . LEU A 1 146 ? 3.211   2.411   -11.869 1.00 35.80 ? 146 LEU A CD2 1 
ATOM   1092 N N   . GLU A 1 147 ? 8.370   3.812   -12.988 1.00 32.24 ? 147 GLU A N   1 
ATOM   1093 C CA  . GLU A 1 147 ? 9.769   3.827   -12.576 1.00 25.51 ? 147 GLU A CA  1 
ATOM   1094 C C   . GLU A 1 147 ? 10.085  5.055   -11.730 1.00 38.24 ? 147 GLU A C   1 
ATOM   1095 O O   . GLU A 1 147 ? 10.889  4.981   -10.794 1.00 36.75 ? 147 GLU A O   1 
ATOM   1096 C CB  . GLU A 1 147 ? 10.678  3.773   -13.804 1.00 43.55 ? 147 GLU A CB  1 
ATOM   1097 N N   . GLU A 1 148 ? 9.463   6.193   -12.044 1.00 35.68 ? 148 GLU A N   1 
ATOM   1098 C CA  . GLU A 1 148 ? 9.679   7.395   -11.248 1.00 43.24 ? 148 GLU A CA  1 
ATOM   1099 C C   . GLU A 1 148 ? 8.913   7.352   -9.933  1.00 33.61 ? 148 GLU A C   1 
ATOM   1100 O O   . GLU A 1 148 ? 9.333   7.984   -8.958  1.00 45.70 ? 148 GLU A O   1 
ATOM   1101 C CB  . GLU A 1 148 ? 9.289   8.636   -12.053 1.00 47.44 ? 148 GLU A CB  1 
ATOM   1102 C CG  . GLU A 1 148 ? 10.478  9.357   -12.669 1.00 49.60 ? 148 GLU A CG  1 
ATOM   1103 C CD  . GLU A 1 148 ? 10.171  9.931   -14.036 1.00 55.39 ? 148 GLU A CD  1 
ATOM   1104 O OE1 . GLU A 1 148 ? 11.040  9.832   -14.929 1.00 77.96 ? 148 GLU A OE1 1 
ATOM   1105 O OE2 . GLU A 1 148 ? 9.062   10.473  -14.222 1.00 68.49 ? 148 GLU A OE2 1 
ATOM   1106 N N   . LEU A 1 149 ? 7.800   6.616   -9.882  1.00 43.54 ? 149 LEU A N   1 
ATOM   1107 C CA  . LEU A 1 149 ? 7.093   6.444   -8.619  1.00 34.22 ? 149 LEU A CA  1 
ATOM   1108 C C   . LEU A 1 149 ? 7.908   5.602   -7.645  1.00 42.28 ? 149 LEU A C   1 
ATOM   1109 O O   . LEU A 1 149 ? 7.950   5.898   -6.446  1.00 39.98 ? 149 LEU A O   1 
ATOM   1110 C CB  . LEU A 1 149 ? 5.724   5.810   -8.863  1.00 30.52 ? 149 LEU A CB  1 
ATOM   1111 C CG  . LEU A 1 149 ? 4.712   6.627   -9.668  1.00 27.22 ? 149 LEU A CG  1 
ATOM   1112 C CD1 . LEU A 1 149 ? 3.444   5.823   -9.901  1.00 34.81 ? 149 LEU A CD1 1 
ATOM   1113 C CD2 . LEU A 1 149 ? 4.394   7.935   -8.961  1.00 33.68 ? 149 LEU A CD2 1 
ATOM   1114 N N   . ARG A 1 150 ? 8.565   4.549   -8.142  1.00 35.53 ? 150 ARG A N   1 
ATOM   1115 C CA  . ARG A 1 150 ? 9.419   3.740   -7.278  1.00 33.36 ? 150 ARG A CA  1 
ATOM   1116 C C   . ARG A 1 150 ? 10.629  4.524   -6.789  1.00 28.86 ? 150 ARG A C   1 
ATOM   1117 O O   . ARG A 1 150 ? 11.119  4.273   -5.683  1.00 31.07 ? 150 ARG A O   1 
ATOM   1118 C CB  . ARG A 1 150 ? 9.879   2.477   -8.006  1.00 30.90 ? 150 ARG A CB  1 
ATOM   1119 C CG  . ARG A 1 150 ? 8.768   1.503   -8.342  1.00 39.62 ? 150 ARG A CG  1 
ATOM   1120 C CD  . ARG A 1 150 ? 9.339   0.148   -8.721  1.00 36.62 ? 150 ARG A CD  1 
ATOM   1121 N NE  . ARG A 1 150 ? 8.411   -0.618  -9.543  1.00 27.34 ? 150 ARG A NE  1 
ATOM   1122 C CZ  . ARG A 1 150 ? 8.365   -0.554  -10.866 1.00 27.04 ? 150 ARG A CZ  1 
ATOM   1123 N NH1 . ARG A 1 150 ? 9.186   0.226   -11.548 1.00 29.26 ? 150 ARG A NH1 1 
ATOM   1124 N NH2 . ARG A 1 150 ? 7.474   -1.292  -11.521 1.00 26.56 ? 150 ARG A NH2 1 
ATOM   1125 N N   . GLU A 1 151 ? 11.128  5.464   -7.596  1.00 37.03 ? 151 GLU A N   1 
ATOM   1126 C CA  . GLU A 1 151 ? 12.245  6.293   -7.155  1.00 45.19 ? 151 GLU A CA  1 
ATOM   1127 C C   . GLU A 1 151 ? 11.852  7.173   -5.977  1.00 31.72 ? 151 GLU A C   1 
ATOM   1128 O O   . GLU A 1 151 ? 12.675  7.434   -5.094  1.00 41.99 ? 151 GLU A O   1 
ATOM   1129 C CB  . GLU A 1 151 ? 12.756  7.148   -8.314  1.00 44.17 ? 151 GLU A CB  1 
ATOM   1130 N N   . ILE A 1 152 ? 10.602  7.639   -5.947  1.00 37.24 ? 152 ILE A N   1 
ATOM   1131 C CA  . ILE A 1 152 ? 10.124  8.412   -4.807  1.00 37.46 ? 152 ILE A CA  1 
ATOM   1132 C C   . ILE A 1 152 ? 10.023  7.531   -3.569  1.00 36.93 ? 152 ILE A C   1 
ATOM   1133 O O   . ILE A 1 152 ? 10.387  7.945   -2.461  1.00 33.85 ? 152 ILE A O   1 
ATOM   1134 C CB  . ILE A 1 152 ? 8.774   9.074   -5.141  1.00 31.42 ? 152 ILE A CB  1 
ATOM   1135 C CG1 . ILE A 1 152 ? 8.904   9.963   -6.378  1.00 39.22 ? 152 ILE A CG1 1 
ATOM   1136 C CG2 . ILE A 1 152 ? 8.255   9.874   -3.953  1.00 23.40 ? 152 ILE A CG2 1 
ATOM   1137 C CD1 . ILE A 1 152 ? 7.590   10.560  -6.838  1.00 31.43 ? 152 ILE A CD1 1 
ATOM   1138 N N   . ILE A 1 153 ? 9.536   6.299   -3.737  1.00 33.76 ? 153 ILE A N   1 
ATOM   1139 C CA  . ILE A 1 153 ? 9.346   5.406   -2.598  1.00 26.85 ? 153 ILE A CA  1 
ATOM   1140 C C   . ILE A 1 153 ? 10.691  4.989   -2.014  1.00 34.46 ? 153 ILE A C   1 
ATOM   1141 O O   . ILE A 1 153 ? 10.888  5.011   -0.793  1.00 33.82 ? 153 ILE A O   1 
ATOM   1142 C CB  . ILE A 1 153 ? 8.506   4.184   -3.013  1.00 26.46 ? 153 ILE A CB  1 
ATOM   1143 C CG1 . ILE A 1 153 ? 7.128   4.630   -3.499  1.00 27.68 ? 153 ILE A CG1 1 
ATOM   1144 C CG2 . ILE A 1 153 ? 8.376   3.207   -1.854  1.00 36.84 ? 153 ILE A CG2 1 
ATOM   1145 C CD1 . ILE A 1 153 ? 6.266   3.501   -4.012  1.00 37.36 ? 153 ILE A CD1 1 
ATOM   1146 N N   . LYS A 1 154 ? 11.635  4.602   -2.876  1.00 34.00 ? 154 LYS A N   1 
ATOM   1147 C CA  . LYS A 1 154 ? 12.946  4.189   -2.386  1.00 48.67 ? 154 LYS A CA  1 
ATOM   1148 C C   . LYS A 1 154 ? 13.716  5.357   -1.784  1.00 41.81 ? 154 LYS A C   1 
ATOM   1149 O O   . LYS A 1 154 ? 14.558  5.152   -0.904  1.00 45.38 ? 154 LYS A O   1 
ATOM   1150 C CB  . LYS A 1 154 ? 13.753  3.540   -3.510  1.00 56.02 ? 154 LYS A CB  1 
ATOM   1151 C CG  . LYS A 1 154 ? 13.215  2.189   -3.960  1.00 48.12 ? 154 LYS A CG  1 
ATOM   1152 C CD  . LYS A 1 154 ? 14.274  1.385   -4.701  1.00 47.33 ? 154 LYS A CD  1 
ATOM   1153 C CE  . LYS A 1 154 ? 14.664  2.042   -6.015  1.00 56.61 ? 154 LYS A CE  1 
ATOM   1154 N NZ  . LYS A 1 154 ? 13.528  2.068   -6.977  1.00 58.78 ? 154 LYS A NZ  1 
ATOM   1155 N N   . LEU A 1 155 ? 13.443  6.583   -2.238  1.00 37.00 ? 155 LEU A N   1 
ATOM   1156 C CA  . LEU A 1 155 ? 14.100  7.745   -1.650  1.00 50.10 ? 155 LEU A CA  1 
ATOM   1157 C C   . LEU A 1 155 ? 13.598  7.998   -0.234  1.00 54.03 ? 155 LEU A C   1 
ATOM   1158 O O   . LEU A 1 155 ? 14.383  8.342   0.658   1.00 44.21 ? 155 LEU A O   1 
ATOM   1159 C CB  . LEU A 1 155 ? 13.880  8.974   -2.535  1.00 41.23 ? 155 LEU A CB  1 
ATOM   1160 C CG  . LEU A 1 155 ? 14.989  10.029  -2.593  1.00 52.70 ? 155 LEU A CG  1 
ATOM   1161 C CD1 . LEU A 1 155 ? 14.818  10.904  -3.825  1.00 51.56 ? 155 LEU A CD1 1 
ATOM   1162 C CD2 . LEU A 1 155 ? 15.013  10.886  -1.336  1.00 48.63 ? 155 LEU A CD2 1 
ATOM   1163 N N   . VAL A 1 156 ? 12.294  7.828   -0.007  1.00 43.27 ? 156 VAL A N   1 
ATOM   1164 C CA  . VAL A 1 156 ? 11.752  7.969   1.340   1.00 42.04 ? 156 VAL A CA  1 
ATOM   1165 C C   . VAL A 1 156 ? 12.195  6.806   2.217   1.00 35.04 ? 156 VAL A C   1 
ATOM   1166 O O   . VAL A 1 156 ? 12.523  6.987   3.395   1.00 37.52 ? 156 VAL A O   1 
ATOM   1167 C CB  . VAL A 1 156 ? 10.217  8.087   1.287   1.00 42.74 ? 156 VAL A CB  1 
ATOM   1168 C CG1 . VAL A 1 156 ? 9.638   8.159   2.693   1.00 45.25 ? 156 VAL A CG1 1 
ATOM   1169 C CG2 . VAL A 1 156 ? 9.807   9.304   0.476   1.00 35.42 ? 156 VAL A CG2 1 
ATOM   1170 N N   . LEU A 1 157 ? 12.220  5.593   1.657   1.00 42.05 ? 157 LEU A N   1 
ATOM   1171 C CA  . LEU A 1 157 ? 12.612  4.426   2.439   1.00 35.45 ? 157 LEU A CA  1 
ATOM   1172 C C   . LEU A 1 157 ? 14.093  4.457   2.795   1.00 46.64 ? 157 LEU A C   1 
ATOM   1173 O O   . LEU A 1 157 ? 14.482  3.958   3.858   1.00 45.87 ? 157 LEU A O   1 
ATOM   1174 C CB  . LEU A 1 157 ? 12.274  3.146   1.675   1.00 33.66 ? 157 LEU A CB  1 
ATOM   1175 C CG  . LEU A 1 157 ? 12.350  1.843   2.469   1.00 44.46 ? 157 LEU A CG  1 
ATOM   1176 C CD1 . LEU A 1 157 ? 11.391  1.883   3.649   1.00 39.61 ? 157 LEU A CD1 1 
ATOM   1177 C CD2 . LEU A 1 157 ? 12.053  0.648   1.576   1.00 37.84 ? 157 LEU A CD2 1 
ATOM   1178 N N   . GLU A 1 158 ? 14.930  5.033   1.929   1.00 49.04 ? 158 GLU A N   1 
ATOM   1179 C CA  . GLU A 1 158 ? 16.353  5.137   2.234   1.00 49.50 ? 158 GLU A CA  1 
ATOM   1180 C C   . GLU A 1 158 ? 16.594  6.091   3.398   1.00 43.36 ? 158 GLU A C   1 
ATOM   1181 O O   . GLU A 1 158 ? 17.327  5.766   4.340   1.00 55.96 ? 158 GLU A O   1 
ATOM   1182 C CB  . GLU A 1 158 ? 17.126  5.588   0.994   1.00 43.02 ? 158 GLU A CB  1 
ATOM   1183 N N   . ASN A 1 159 ? 15.987  7.271   3.351   1.00 50.22 ? 159 ASN A N   1 
ATOM   1184 C CA  . ASN A 1 159 ? 16.062  8.246   4.441   1.00 48.44 ? 159 ASN A CA  1 
ATOM   1185 C C   . ASN A 1 159 ? 14.850  8.141   5.357   1.00 52.48 ? 159 ASN A C   1 
ATOM   1186 O O   . ASN A 1 159 ? 14.226  9.139   5.716   1.00 52.20 ? 159 ASN A O   1 
ATOM   1187 C CB  . ASN A 1 159 ? 16.200  9.656   3.879   1.00 53.23 ? 159 ASN A CB  1 
ATOM   1188 C CG  . ASN A 1 159 ? 17.643  10.114  3.800   1.00 59.03 ? 159 ASN A CG  1 
ATOM   1189 O OD1 . ASN A 1 159 ? 18.467  9.758   4.642   1.00 64.11 ? 159 ASN A OD1 1 
ATOM   1190 N ND2 . ASN A 1 159 ? 17.956  10.912  2.786   1.00 50.48 ? 159 ASN A ND2 1 
ATOM   1191 N N   . LEU A 1 160 ? 14.503  6.919   5.744   1.00 45.57 ? 160 LEU A N   1 
ATOM   1192 C CA  . LEU A 1 160 ? 13.340  6.699   6.592   1.00 42.28 ? 160 LEU A CA  1 
ATOM   1193 C C   . LEU A 1 160 ? 13.708  6.951   8.051   1.00 44.23 ? 160 LEU A C   1 
ATOM   1194 O O   . LEU A 1 160 ? 14.639  6.319   8.559   1.00 46.93 ? 160 LEU A O   1 
ATOM   1195 C CB  . LEU A 1 160 ? 12.816  5.279   6.421   1.00 46.39 ? 160 LEU A CB  1 
ATOM   1196 C CG  . LEU A 1 160 ? 11.438  5.004   7.023   1.00 41.67 ? 160 LEU A CG  1 
ATOM   1197 C CD1 . LEU A 1 160 ? 10.367  5.771   6.263   1.00 37.41 ? 160 LEU A CD1 1 
ATOM   1198 C CD2 . LEU A 1 160 ? 11.137  3.514   7.034   1.00 43.67 ? 160 LEU A CD2 1 
ATOM   1199 N N   . PRO A 1 161 ? 13.020  7.851   8.744   1.00 41.48 ? 161 PRO A N   1 
ATOM   1200 C CA  . PRO A 1 161 ? 13.329  8.094   10.156  1.00 33.99 ? 161 PRO A CA  1 
ATOM   1201 C C   . PRO A 1 161 ? 12.802  6.967   11.036  1.00 40.59 ? 161 PRO A C   1 
ATOM   1202 O O   . PRO A 1 161 ? 12.055  6.091   10.600  1.00 43.24 ? 161 PRO A O   1 
ATOM   1203 C CB  . PRO A 1 161 ? 12.607  9.410   10.452  1.00 32.55 ? 161 PRO A CB  1 
ATOM   1204 C CG  . PRO A 1 161 ? 11.446  9.397   9.517   1.00 49.84 ? 161 PRO A CG  1 
ATOM   1205 C CD  . PRO A 1 161 ? 11.931  8.717   8.260   1.00 40.48 ? 161 PRO A CD  1 
ATOM   1206 N N   . GLU A 1 162 ? 13.215  7.006   12.300  1.00 33.07 ? 162 GLU A N   1 
ATOM   1207 C CA  . GLU A 1 162 ? 12.732  6.033   13.264  1.00 30.36 ? 162 GLU A CA  1 
ATOM   1208 C C   . GLU A 1 162 ? 11.229  6.215   13.476  1.00 35.17 ? 162 GLU A C   1 
ATOM   1209 O O   . GLU A 1 162 ? 10.711  7.331   13.368  1.00 27.92 ? 162 GLU A O   1 
ATOM   1210 C CB  . GLU A 1 162 ? 13.474  6.182   14.591  1.00 32.08 ? 162 GLU A CB  1 
ATOM   1211 N N   . PRO A 1 163 ? 10.502  5.133   13.758  1.00 42.04 ? 163 PRO A N   1 
ATOM   1212 C CA  . PRO A 1 163 ? 9.054   5.259   13.962  1.00 28.36 ? 163 PRO A CA  1 
ATOM   1213 C C   . PRO A 1 163 ? 8.741   6.093   15.194  1.00 29.54 ? 163 PRO A C   1 
ATOM   1214 O O   . PRO A 1 163 ? 9.462   6.065   16.194  1.00 29.94 ? 163 PRO A O   1 
ATOM   1215 C CB  . PRO A 1 163 ? 8.590   3.808   14.130  1.00 28.27 ? 163 PRO A CB  1 
ATOM   1216 C CG  . PRO A 1 163 ? 9.808   3.077   14.597  1.00 45.44 ? 163 PRO A CG  1 
ATOM   1217 C CD  . PRO A 1 163 ? 10.962  3.741   13.905  1.00 32.99 ? 163 PRO A CD  1 
ATOM   1218 N N   . SER A 1 164 ? 7.653   6.853   15.106  1.00 26.49 ? 164 SER A N   1 
ATOM   1219 C CA  . SER A 1 164 ? 7.241   7.704   16.209  1.00 21.85 ? 164 SER A CA  1 
ATOM   1220 C C   . SER A 1 164 ? 6.465   6.895   17.247  1.00 24.77 ? 164 SER A C   1 
ATOM   1221 O O   . SER A 1 164 ? 6.080   5.744   17.023  1.00 24.47 ? 164 SER A O   1 
ATOM   1222 C CB  . SER A 1 164 ? 6.397   8.870   15.699  1.00 23.87 ? 164 SER A CB  1 
ATOM   1223 O OG  . SER A 1 164 ? 5.179   8.413   15.138  1.00 28.47 ? 164 SER A OG  1 
ATOM   1224 N N   . GLU A 1 165 ? 6.235   7.521   18.405  1.00 27.36 ? 165 GLU A N   1 
ATOM   1225 C CA  . GLU A 1 165 ? 5.507   6.849   19.476  1.00 29.47 ? 165 GLU A CA  1 
ATOM   1226 C C   . GLU A 1 165 ? 4.072   6.545   19.063  1.00 24.01 ? 165 GLU A C   1 
ATOM   1227 O O   . GLU A 1 165 ? 3.529   5.490   19.412  1.00 24.54 ? 165 GLU A O   1 
ATOM   1228 C CB  . GLU A 1 165 ? 5.533   7.702   20.745  1.00 34.06 ? 165 GLU A CB  1 
ATOM   1229 C CG  . GLU A 1 165 ? 6.932   8.027   21.250  1.00 30.61 ? 165 GLU A CG  1 
ATOM   1230 C CD  . GLU A 1 165 ? 7.683   6.801   21.737  1.00 41.45 ? 165 GLU A CD  1 
ATOM   1231 O OE1 . GLU A 1 165 ? 7.029   5.801   22.102  1.00 38.90 ? 165 GLU A OE1 1 
ATOM   1232 O OE2 . GLU A 1 165 ? 8.933   6.837   21.752  1.00 40.37 ? 165 GLU A OE2 1 
ATOM   1233 N N   . LEU A 1 166 ? 3.444   7.453   18.313  1.00 23.75 ? 166 LEU A N   1 
ATOM   1234 C CA  . LEU A 1 166 ? 2.092   7.200   17.827  1.00 23.34 ? 166 LEU A CA  1 
ATOM   1235 C C   . LEU A 1 166 ? 2.078   6.094   16.779  1.00 26.22 ? 166 LEU A C   1 
ATOM   1236 O O   . LEU A 1 166 ? 1.147   5.280   16.740  1.00 24.35 ? 166 LEU A O   1 
ATOM   1237 C CB  . LEU A 1 166 ? 1.486   8.482   17.259  1.00 25.35 ? 166 LEU A CB  1 
ATOM   1238 C CG  . LEU A 1 166 ? 0.643   9.325   18.216  1.00 37.57 ? 166 LEU A CG  1 
ATOM   1239 C CD1 . LEU A 1 166 ? 0.227   10.630  17.555  1.00 50.22 ? 166 LEU A CD1 1 
ATOM   1240 C CD2 . LEU A 1 166 ? -0.579  8.543   18.672  1.00 34.29 ? 166 LEU A CD2 1 
ATOM   1241 N N   . GLU A 1 167 ? 3.100   6.047   15.920  1.00 22.09 ? 167 GLU A N   1 
ATOM   1242 C CA  . GLU A 1 167 ? 3.163   5.001   14.904  1.00 26.21 ? 167 GLU A CA  1 
ATOM   1243 C C   . GLU A 1 167 ? 3.378   3.631   15.532  1.00 20.96 ? 167 GLU A C   1 
ATOM   1244 O O   . GLU A 1 167 ? 2.740   2.651   15.129  1.00 24.72 ? 167 GLU A O   1 
ATOM   1245 C CB  . GLU A 1 167 ? 4.268   5.313   13.895  1.00 28.17 ? 167 GLU A CB  1 
ATOM   1246 C CG  . GLU A 1 167 ? 3.936   6.461   12.960  1.00 35.41 ? 167 GLU A CG  1 
ATOM   1247 C CD  . GLU A 1 167 ? 5.130   6.916   12.144  1.00 33.72 ? 167 GLU A CD  1 
ATOM   1248 O OE1 . GLU A 1 167 ? 6.241   6.396   12.373  1.00 32.84 ? 167 GLU A OE1 1 
ATOM   1249 O OE2 . GLU A 1 167 ? 4.956   7.794   11.274  1.00 31.77 ? 167 GLU A OE2 1 
ATOM   1250 N N   . LYS A 1 168 ? 4.276   3.539   16.516  1.00 26.64 ? 168 LYS A N   1 
ATOM   1251 C CA  . LYS A 1 168 ? 4.470   2.274   17.219  1.00 26.08 ? 168 LYS A CA  1 
ATOM   1252 C C   . LYS A 1 168 ? 3.214   1.874   17.979  1.00 26.79 ? 168 LYS A C   1 
ATOM   1253 O O   . LYS A 1 168 ? 2.869   0.688   18.047  1.00 30.56 ? 168 LYS A O   1 
ATOM   1254 C CB  . LYS A 1 168 ? 5.663   2.379   18.170  1.00 28.32 ? 168 LYS A CB  1 
ATOM   1255 C CG  . LYS A 1 168 ? 7.000   2.534   17.466  1.00 24.89 ? 168 LYS A CG  1 
ATOM   1256 C CD  . LYS A 1 168 ? 8.134   2.754   18.458  1.00 36.48 ? 168 LYS A CD  1 
ATOM   1257 C CE  . LYS A 1 168 ? 8.000   4.092   19.167  1.00 43.90 ? 168 LYS A CE  1 
ATOM   1258 N NZ  . LYS A 1 168 ? 9.151   4.362   20.075  1.00 42.10 ? 168 LYS A NZ  1 
ATOM   1259 N N   . GLU A 1 169 ? 2.514   2.853   18.555  1.00 30.23 ? 169 GLU A N   1 
ATOM   1260 C CA  . GLU A 1 169 ? 1.260   2.574   19.245  1.00 20.82 ? 169 GLU A CA  1 
ATOM   1261 C C   . GLU A 1 169 ? 0.191   2.092   18.271  1.00 33.45 ? 169 GLU A C   1 
ATOM   1262 O O   . GLU A 1 169 ? -0.495  1.096   18.528  1.00 24.96 ? 169 GLU A O   1 
ATOM   1263 C CB  . GLU A 1 169 ? 0.792   3.825   19.991  1.00 26.91 ? 169 GLU A CB  1 
ATOM   1264 C CG  . GLU A 1 169 ? -0.678  3.831   20.366  1.00 28.34 ? 169 GLU A CG  1 
ATOM   1265 C CD  . GLU A 1 169 ? -1.113  5.156   20.960  1.00 35.02 ? 169 GLU A CD  1 
ATOM   1266 O OE1 . GLU A 1 169 ? -0.356  5.718   21.781  1.00 30.51 ? 169 GLU A OE1 1 
ATOM   1267 O OE2 . GLU A 1 169 ? -2.204  5.643   20.599  1.00 48.63 ? 169 GLU A OE2 1 
ATOM   1268 N N   . ALA A 1 170 ? 0.041   2.786   17.139  1.00 25.20 ? 170 ALA A N   1 
ATOM   1269 C CA  . ALA A 1 170 ? -0.965  2.394   16.158  1.00 25.92 ? 170 ALA A CA  1 
ATOM   1270 C C   . ALA A 1 170 ? -0.619  1.070   15.492  1.00 22.68 ? 170 ALA A C   1 
ATOM   1271 O O   . ALA A 1 170 ? -1.524  0.317   15.109  1.00 22.17 ? 170 ALA A O   1 
ATOM   1272 C CB  . ALA A 1 170 ? -1.127  3.488   15.104  1.00 19.70 ? 170 ALA A CB  1 
ATOM   1273 N N   . THR A 1 171 ? 0.673   0.769   15.340  1.00 23.30 ? 171 THR A N   1 
ATOM   1274 C CA  . THR A 1 171 ? 1.077   -0.493  14.728  1.00 28.63 ? 171 THR A CA  1 
ATOM   1275 C C   . THR A 1 171 ? 0.599   -1.679  15.557  1.00 25.87 ? 171 THR A C   1 
ATOM   1276 O O   . THR A 1 171 ? 0.046   -2.645  15.018  1.00 26.38 ? 171 THR A O   1 
ATOM   1277 C CB  . THR A 1 171 ? 2.598   -0.531  14.553  1.00 20.94 ? 171 THR A CB  1 
ATOM   1278 O OG1 . THR A 1 171 ? 2.995   0.455   13.592  1.00 28.06 ? 171 THR A OG1 1 
ATOM   1279 C CG2 . THR A 1 171 ? 3.052   -1.903  14.076  1.00 29.32 ? 171 THR A CG2 1 
ATOM   1280 N N   . LYS A 1 172 ? 0.795   -1.618  16.877  1.00 22.63 ? 172 LYS A N   1 
ATOM   1281 C CA  . LYS A 1 172 ? 0.309   -2.684  17.745  1.00 27.41 ? 172 LYS A CA  1 
ATOM   1282 C C   . LYS A 1 172 ? -1.209  -2.801  17.694  1.00 28.97 ? 172 LYS A C   1 
ATOM   1283 O O   . LYS A 1 172 ? -1.752  -3.906  17.810  1.00 26.32 ? 172 LYS A O   1 
ATOM   1284 C CB  . LYS A 1 172 ? 0.768   -2.444  19.183  1.00 33.59 ? 172 LYS A CB  1 
ATOM   1285 C CG  . LYS A 1 172 ? 2.269   -2.546  19.393  1.00 25.13 ? 172 LYS A CG  1 
ATOM   1286 C CD  . LYS A 1 172 ? 2.628   -2.317  20.853  1.00 41.60 ? 172 LYS A CD  1 
ATOM   1287 C CE  . LYS A 1 172 ? 4.084   -2.653  21.127  1.00 57.71 ? 172 LYS A CE  1 
ATOM   1288 N NZ  . LYS A 1 172 ? 5.013   -1.825  20.312  1.00 57.29 ? 172 LYS A NZ  1 
ATOM   1289 N N   . GLU A 1 173 ? -1.909  -1.678  17.514  1.00 25.61 ? 173 GLU A N   1 
ATOM   1290 C CA  . GLU A 1 173 ? -3.367  -1.699  17.525  1.00 31.63 ? 173 GLU A CA  1 
ATOM   1291 C C   . GLU A 1 173 ? -3.931  -2.318  16.251  1.00 35.09 ? 173 GLU A C   1 
ATOM   1292 O O   . GLU A 1 173 ? -4.941  -3.031  16.297  1.00 34.21 ? 173 GLU A O   1 
ATOM   1293 C CB  . GLU A 1 173 ? -3.904  -0.278  17.716  1.00 24.24 ? 173 GLU A CB  1 
ATOM   1294 C CG  . GLU A 1 173 ? -5.404  -0.125  17.498  1.00 28.67 ? 173 GLU A CG  1 
ATOM   1295 C CD  . GLU A 1 173 ? -6.231  -0.668  18.647  1.00 42.43 ? 173 GLU A CD  1 
ATOM   1296 O OE1 . GLU A 1 173 ? -5.648  -0.996  19.702  1.00 39.67 ? 173 GLU A OE1 1 
ATOM   1297 O OE2 . GLU A 1 173 ? -7.468  -0.765  18.496  1.00 48.57 ? 173 GLU A OE2 1 
ATOM   1298 N N   . VAL A 1 174 ? -3.287  -2.075  15.110  1.00 26.01 ? 174 VAL A N   1 
ATOM   1299 C CA  . VAL A 1 174 ? -3.880  -2.414  13.821  1.00 26.00 ? 174 VAL A CA  1 
ATOM   1300 C C   . VAL A 1 174 ? -3.278  -3.660  13.172  1.00 26.99 ? 174 VAL A C   1 
ATOM   1301 O O   . VAL A 1 174 ? -3.902  -4.228  12.261  1.00 25.72 ? 174 VAL A O   1 
ATOM   1302 C CB  . VAL A 1 174 ? -3.781  -1.214  12.855  1.00 27.85 ? 174 VAL A CB  1 
ATOM   1303 C CG1 . VAL A 1 174 ? -2.427  -1.193  12.159  1.00 25.57 ? 174 VAL A CG1 1 
ATOM   1304 C CG2 . VAL A 1 174 ? -4.914  -1.240  11.850  1.00 43.66 ? 174 VAL A CG2 1 
ATOM   1305 N N   . GLU A 1 175 ? -2.096  -4.105  13.606  1.00 31.45 ? 175 GLU A N   1 
ATOM   1306 C CA  . GLU A 1 175 ? -1.484  -5.284  12.991  1.00 23.22 ? 175 GLU A CA  1 
ATOM   1307 C C   . GLU A 1 175 ? -2.355  -6.531  13.092  1.00 32.61 ? 175 GLU A C   1 
ATOM   1308 O O   . GLU A 1 175 ? -2.493  -7.238  12.079  1.00 27.48 ? 175 GLU A O   1 
ATOM   1309 C CB  . GLU A 1 175 ? -0.094  -5.527  13.590  1.00 41.84 ? 175 GLU A CB  1 
ATOM   1310 C CG  . GLU A 1 175 ? 1.039   -4.788  12.891  1.00 39.16 ? 175 GLU A CG  1 
ATOM   1311 C CD  . GLU A 1 175 ? 1.181   -5.167  11.425  1.00 51.09 ? 175 GLU A CD  1 
ATOM   1312 O OE1 . GLU A 1 175 ? 0.767   -4.367  10.558  1.00 35.13 ? 175 GLU A OE1 1 
ATOM   1313 O OE2 . GLU A 1 175 ? 1.705   -6.265  11.136  1.00 41.74 ? 175 GLU A OE2 1 
ATOM   1314 N N   . PRO A 1 176 ? -2.950  -6.876  14.243  1.00 23.52 ? 176 PRO A N   1 
ATOM   1315 C CA  . PRO A 1 176 ? -3.860  -8.033  14.253  1.00 29.92 ? 176 PRO A CA  1 
ATOM   1316 C C   . PRO A 1 176 ? -5.057  -7.853  13.341  1.00 30.01 ? 176 PRO A C   1 
ATOM   1317 O O   . PRO A 1 176 ? -5.545  -8.835  12.765  1.00 24.07 ? 176 PRO A O   1 
ATOM   1318 C CB  . PRO A 1 176 ? -4.287  -8.135  15.725  1.00 42.45 ? 176 PRO A CB  1 
ATOM   1319 C CG  . PRO A 1 176 ? -3.234  -7.423  16.482  1.00 38.56 ? 176 PRO A CG  1 
ATOM   1320 C CD  . PRO A 1 176 ? -2.783  -6.311  15.595  1.00 26.00 ? 176 PRO A CD  1 
ATOM   1321 N N   . ILE A 1 177 ? -5.541  -6.620  13.188  1.00 24.81 ? 177 ILE A N   1 
ATOM   1322 C CA  . ILE A 1 177 ? -6.681  -6.362  12.316  1.00 26.26 ? 177 ILE A CA  1 
ATOM   1323 C C   . ILE A 1 177 ? -6.288  -6.561  10.857  1.00 28.17 ? 177 ILE A C   1 
ATOM   1324 O O   . ILE A 1 177 ? -7.022  -7.174  10.074  1.00 23.20 ? 177 ILE A O   1 
ATOM   1325 C CB  . ILE A 1 177 ? -7.230  -4.946  12.564  1.00 31.29 ? 177 ILE A CB  1 
ATOM   1326 C CG1 . ILE A 1 177 ? -7.585  -4.762  14.042  1.00 34.38 ? 177 ILE A CG1 1 
ATOM   1327 C CG2 . ILE A 1 177 ? -8.435  -4.682  11.687  1.00 32.71 ? 177 ILE A CG2 1 
ATOM   1328 C CD1 . ILE A 1 177 ? -8.101  -3.380  14.377  1.00 27.81 ? 177 ILE A CD1 1 
ATOM   1329 N N   . ASN A 1 178 ? -5.117  -6.044  10.472  1.00 24.83 ? 178 ASN A N   1 
ATOM   1330 C CA  . ASN A 1 178 ? -4.682  -6.145  9.082   1.00 25.47 ? 178 ASN A CA  1 
ATOM   1331 C C   . ASN A 1 178 ? -4.354  -7.583  8.700   1.00 29.46 ? 178 ASN A C   1 
ATOM   1332 O O   . ASN A 1 178 ? -4.611  -8.001  7.565   1.00 21.93 ? 178 ASN A O   1 
ATOM   1333 C CB  . ASN A 1 178 ? -3.472  -5.242  8.843   1.00 25.61 ? 178 ASN A CB  1 
ATOM   1334 C CG  . ASN A 1 178 ? -3.824  -3.766  8.886   1.00 24.36 ? 178 ASN A CG  1 
ATOM   1335 O OD1 . ASN A 1 178 ? -4.981  -3.387  8.698   1.00 25.44 ? 178 ASN A OD1 1 
ATOM   1336 N ND2 . ASN A 1 178 ? -2.824  -2.925  9.126   1.00 24.72 ? 178 ASN A ND2 1 
ATOM   1337 N N   . LYS A 1 179 ? -3.778  -8.354  9.628   1.00 22.48 ? 179 LYS A N   1 
ATOM   1338 C CA  . LYS A 1 179 ? -3.428  -9.736  9.319   1.00 30.91 ? 179 LYS A CA  1 
ATOM   1339 C C   . LYS A 1 179 ? -4.672  -10.583 9.075   1.00 29.25 ? 179 LYS A C   1 
ATOM   1340 O O   . LYS A 1 179 ? -4.673  -11.454 8.196   1.00 26.73 ? 179 LYS A O   1 
ATOM   1341 C CB  . LYS A 1 179 ? -2.583  -10.328 10.446  1.00 27.47 ? 179 LYS A CB  1 
ATOM   1342 C CG  . LYS A 1 179 ? -1.192  -9.726  10.548  1.00 31.92 ? 179 LYS A CG  1 
ATOM   1343 C CD  . LYS A 1 179 ? -0.434  -10.276 11.744  1.00 38.06 ? 179 LYS A CD  1 
ATOM   1344 C CE  . LYS A 1 179 ? 0.932   -9.623  11.875  1.00 31.31 ? 179 LYS A CE  1 
ATOM   1345 N NZ  . LYS A 1 179 ? 1.664   -10.103 13.079  1.00 29.94 ? 179 LYS A NZ  1 
ATOM   1346 N N   . LYS A 1 180 ? -5.737  -10.344 9.843   1.00 19.46 ? 180 LYS A N   1 
ATOM   1347 C CA  . LYS A 1 180 ? -6.995  -11.037 9.589   1.00 26.55 ? 180 LYS A CA  1 
ATOM   1348 C C   . LYS A 1 180 ? -7.597  -10.620 8.254   1.00 24.62 ? 180 LYS A C   1 
ATOM   1349 O O   . LYS A 1 180 ? -8.276  -11.422 7.602   1.00 23.35 ? 180 LYS A O   1 
ATOM   1350 C CB  . LYS A 1 180 ? -7.979  -10.768 10.729  1.00 27.11 ? 180 LYS A CB  1 
ATOM   1351 C CG  . LYS A 1 180 ? -9.277  -11.559 10.646  1.00 36.29 ? 180 LYS A CG  1 
ATOM   1352 C CD  . LYS A 1 180 ? -10.139 -11.325 11.876  1.00 41.69 ? 180 LYS A CD  1 
ATOM   1353 C CE  . LYS A 1 180 ? -11.384 -12.200 11.860  1.00 50.24 ? 180 LYS A CE  1 
ATOM   1354 N NZ  . LYS A 1 180 ? -12.287 -11.870 10.722  1.00 52.18 ? 180 LYS A NZ  1 
ATOM   1355 N N   . MET A 1 181 ? -7.345  -9.380  7.826   1.00 22.78 ? 181 MET A N   1 
ATOM   1356 C CA  . MET A 1 181 ? -7.866  -8.912  6.546   1.00 28.32 ? 181 MET A CA  1 
ATOM   1357 C C   . MET A 1 181 ? -7.250  -9.668  5.376   1.00 27.61 ? 181 MET A C   1 
ATOM   1358 O O   . MET A 1 181 ? -7.893  -9.826  4.332   1.00 32.63 ? 181 MET A O   1 
ATOM   1359 C CB  . MET A 1 181 ? -7.615  -7.411  6.398   1.00 28.44 ? 181 MET A CB  1 
ATOM   1360 C CG  . MET A 1 181 ? -8.860  -6.601  6.085   1.00 33.12 ? 181 MET A CG  1 
ATOM   1361 S SD  . MET A 1 181 ? -8.507  -4.884  5.655   1.00 50.50 ? 181 MET A SD  1 
ATOM   1362 C CE  . MET A 1 181 ? -7.769  -4.282  7.172   1.00 33.94 ? 181 MET A CE  1 
ATOM   1363 N N   . GLY A 1 182 ? -6.015  -10.143 5.526   1.00 26.23 ? 182 GLY A N   1 
ATOM   1364 C CA  . GLY A 1 182 ? -5.338  -10.827 4.443   1.00 28.09 ? 182 GLY A CA  1 
ATOM   1365 C C   . GLY A 1 182 ? -5.452  -12.337 4.502   1.00 26.67 ? 182 GLY A C   1 
ATOM   1366 O O   . GLY A 1 182 ? -4.658  -13.049 3.880   1.00 33.26 ? 182 GLY A O   1 
ATOM   1367 N N   . GLU A 1 183 ? -6.439  -12.840 5.240   1.00 20.85 ? 183 GLU A N   1 
ATOM   1368 C CA  . GLU A 1 183 ? -6.614  -14.274 5.419   1.00 28.15 ? 183 GLU A CA  1 
ATOM   1369 C C   . GLU A 1 183 ? -7.769  -14.850 4.609   1.00 28.40 ? 183 GLU A C   1 
ATOM   1370 O O   . GLU A 1 183 ? -7.904  -16.077 4.546   1.00 28.97 ? 183 GLU A O   1 
ATOM   1371 C CB  . GLU A 1 183 ? -6.826  -14.598 6.905   1.00 23.53 ? 183 GLU A CB  1 
ATOM   1372 N N   . TYR A 1 184 ? -8.594  -14.008 3.986   1.00 22.02 ? 184 TYR A N   1 
ATOM   1373 C CA  . TYR A 1 184 ? -9.774  -14.476 3.266   1.00 28.15 ? 184 TYR A CA  1 
ATOM   1374 C C   . TYR A 1 184 ? -9.454  -14.917 1.840   1.00 24.80 ? 184 TYR A C   1 
ATOM   1375 O O   . TYR A 1 184 ? -9.890  -15.988 1.409   1.00 28.26 ? 184 TYR A O   1 
ATOM   1376 C CB  . TYR A 1 184 ? -10.845 -13.379 3.240   1.00 23.45 ? 184 TYR A CB  1 
ATOM   1377 C CG  . TYR A 1 184 ? -11.198 -12.822 4.600   1.00 27.62 ? 184 TYR A CG  1 
ATOM   1378 C CD1 . TYR A 1 184 ? -11.819 -13.615 5.555   1.00 28.44 ? 184 TYR A CD1 1 
ATOM   1379 C CD2 . TYR A 1 184 ? -10.920 -11.501 4.924   1.00 22.34 ? 184 TYR A CD2 1 
ATOM   1380 C CE1 . TYR A 1 184 ? -12.144 -13.110 6.799   1.00 28.95 ? 184 TYR A CE1 1 
ATOM   1381 C CE2 . TYR A 1 184 ? -11.242 -10.987 6.164   1.00 26.16 ? 184 TYR A CE2 1 
ATOM   1382 C CZ  . TYR A 1 184 ? -11.855 -11.797 7.097   1.00 30.05 ? 184 TYR A CZ  1 
ATOM   1383 O OH  . TYR A 1 184 ? -12.178 -11.293 8.334   1.00 24.79 ? 184 TYR A OH  1 
ATOM   1384 N N   . LEU A 1 185 ? -8.705  -14.108 1.098   1.00 24.44 ? 185 LEU A N   1 
ATOM   1385 C CA  . LEU A 1 185 ? -8.459  -14.349 -0.319  1.00 23.38 ? 185 LEU A CA  1 
ATOM   1386 C C   . LEU A 1 185 ? -7.103  -15.019 -0.504  1.00 23.30 ? 185 LEU A C   1 
ATOM   1387 O O   . LEU A 1 185 ? -6.066  -14.448 -0.150  1.00 25.13 ? 185 LEU A O   1 
ATOM   1388 C CB  . LEU A 1 185 ? -8.526  -13.043 -1.108  1.00 22.13 ? 185 LEU A CB  1 
ATOM   1389 C CG  . LEU A 1 185 ? -9.889  -12.348 -1.111  1.00 24.81 ? 185 LEU A CG  1 
ATOM   1390 C CD1 . LEU A 1 185 ? -9.809  -10.999 -1.812  1.00 24.69 ? 185 LEU A CD1 1 
ATOM   1391 C CD2 . LEU A 1 185 ? -10.937 -13.234 -1.766  1.00 30.16 ? 185 LEU A CD2 1 
ATOM   1392 N N   . SER A 1 186 ? -7.117  -16.224 -1.067  1.00 22.81 ? 186 SER A N   1 
ATOM   1393 C CA  . SER A 1 186 ? -5.889  -16.933 -1.384  1.00 15.28 ? 186 SER A CA  1 
ATOM   1394 C C   . SER A 1 186 ? -5.146  -16.231 -2.518  1.00 23.81 ? 186 SER A C   1 
ATOM   1395 O O   . SER A 1 186 ? -5.688  -15.376 -3.222  1.00 20.00 ? 186 SER A O   1 
ATOM   1396 C CB  . SER A 1 186 ? -6.199  -18.370 -1.786  1.00 21.79 ? 186 SER A CB  1 
ATOM   1397 O OG  . SER A 1 186 ? -6.907  -18.381 -3.015  1.00 23.49 ? 186 SER A OG  1 
ATOM   1398 N N   . PHE A 1 187 ? -3.882  -16.622 -2.703  1.00 18.43 ? 187 PHE A N   1 
ATOM   1399 C CA  . PHE A 1 187 ? -3.098  -16.066 -3.798  1.00 19.79 ? 187 PHE A CA  1 
ATOM   1400 C C   . PHE A 1 187 ? -3.686  -16.437 -5.151  1.00 23.03 ? 187 PHE A C   1 
ATOM   1401 O O   . PHE A 1 187 ? -3.556  -15.670 -6.112  1.00 23.85 ? 187 PHE A O   1 
ATOM   1402 C CB  . PHE A 1 187 ? -1.645  -16.533 -3.698  1.00 19.31 ? 187 PHE A CB  1 
ATOM   1403 C CG  . PHE A 1 187 ? -0.778  -15.633 -2.861  1.00 16.30 ? 187 PHE A CG  1 
ATOM   1404 C CD1 . PHE A 1 187 ? -0.869  -14.257 -2.983  1.00 23.72 ? 187 PHE A CD1 1 
ATOM   1405 C CD2 . PHE A 1 187 ? 0.120   -16.162 -1.948  1.00 18.05 ? 187 PHE A CD2 1 
ATOM   1406 C CE1 . PHE A 1 187 ? -0.075  -13.423 -2.216  1.00 22.47 ? 187 PHE A CE1 1 
ATOM   1407 C CE2 . PHE A 1 187 ? 0.916   -15.334 -1.177  1.00 23.56 ? 187 PHE A CE2 1 
ATOM   1408 C CZ  . PHE A 1 187 ? 0.819   -13.963 -1.311  1.00 22.23 ? 187 PHE A CZ  1 
ATOM   1409 N N   . GLU A 1 188 ? -4.338  -17.597 -5.250  1.00 18.45 ? 188 GLU A N   1 
ATOM   1410 C CA  . GLU A 1 188 ? -5.009  -17.961 -6.494  1.00 26.68 ? 188 GLU A CA  1 
ATOM   1411 C C   . GLU A 1 188 ? -6.178  -17.025 -6.780  1.00 21.01 ? 188 GLU A C   1 
ATOM   1412 O O   . GLU A 1 188 ? -6.354  -16.573 -7.918  1.00 20.15 ? 188 GLU A O   1 
ATOM   1413 C CB  . GLU A 1 188 ? -5.483  -19.414 -6.433  1.00 22.76 ? 188 GLU A CB  1 
ATOM   1414 C CG  . GLU A 1 188 ? -6.439  -19.816 -7.549  1.00 16.69 ? 188 GLU A CG  1 
ATOM   1415 C CD  . GLU A 1 188 ? -5.872  -19.565 -8.934  1.00 21.61 ? 188 GLU A CD  1 
ATOM   1416 O OE1 . GLU A 1 188 ? -6.638  -19.143 -9.826  1.00 24.16 ? 188 GLU A OE1 1 
ATOM   1417 O OE2 . GLU A 1 188 ? -4.659  -19.789 -9.134  1.00 35.93 ? 188 GLU A OE2 1 
ATOM   1418 N N   . GLU A 1 189 ? -6.982  -16.717 -5.759  1.00 16.43 ? 189 GLU A N   1 
ATOM   1419 C CA  . GLU A 1 189 ? -8.071  -15.762 -5.936  1.00 20.34 ? 189 GLU A CA  1 
ATOM   1420 C C   . GLU A 1 189 ? -7.537  -14.367 -6.236  1.00 20.52 ? 189 GLU A C   1 
ATOM   1421 O O   . GLU A 1 189 ? -8.102  -13.643 -7.065  1.00 21.28 ? 189 GLU A O   1 
ATOM   1422 C CB  . GLU A 1 189 ? -8.952  -15.739 -4.688  1.00 23.02 ? 189 GLU A CB  1 
ATOM   1423 C CG  . GLU A 1 189 ? -9.790  -16.989 -4.489  1.00 29.60 ? 189 GLU A CG  1 
ATOM   1424 C CD  . GLU A 1 189 ? -10.397 -17.059 -3.103  1.00 29.54 ? 189 GLU A CD  1 
ATOM   1425 O OE1 . GLU A 1 189 ? -9.637  -17.255 -2.132  1.00 34.98 ? 189 GLU A OE1 1 
ATOM   1426 O OE2 . GLU A 1 189 ? -11.631 -16.907 -2.984  1.00 33.20 ? 189 GLU A OE2 1 
ATOM   1427 N N   . LEU A 1 190 ? -6.452  -13.973 -5.567  1.00 21.83 ? 190 LEU A N   1 
ATOM   1428 C CA  . LEU A 1 190 ? -5.846  -12.674 -5.841  1.00 23.39 ? 190 LEU A CA  1 
ATOM   1429 C C   . LEU A 1 190 ? -5.286  -12.617 -7.258  1.00 23.76 ? 190 LEU A C   1 
ATOM   1430 O O   . LEU A 1 190 ? -5.333  -11.566 -7.909  1.00 22.56 ? 190 LEU A O   1 
ATOM   1431 C CB  . LEU A 1 190 ? -4.753  -12.378 -4.813  1.00 19.60 ? 190 LEU A CB  1 
ATOM   1432 C CG  . LEU A 1 190 ? -5.215  -12.267 -3.358  1.00 18.60 ? 190 LEU A CG  1 
ATOM   1433 C CD1 . LEU A 1 190 ? -4.024  -12.237 -2.411  1.00 15.44 ? 190 LEU A CD1 1 
ATOM   1434 C CD2 . LEU A 1 190 ? -6.092  -11.042 -3.155  1.00 12.64 ? 190 LEU A CD2 1 
ATOM   1435 N N   . LYS A 1 191 ? -4.749  -13.739 -7.751  1.00 20.84 ? 191 LYS A N   1 
ATOM   1436 C CA  . LYS A 1 191 ? -4.314  -13.798 -9.143  1.00 26.74 ? 191 LYS A CA  1 
ATOM   1437 C C   . LYS A 1 191 ? -5.479  -13.549 -10.091 1.00 18.93 ? 191 LYS A C   1 
ATOM   1438 O O   . LYS A 1 191 ? -5.335  -12.837 -11.092 1.00 17.77 ? 191 LYS A O   1 
ATOM   1439 C CB  . LYS A 1 191 ? -3.674  -15.154 -9.444  1.00 26.65 ? 191 LYS A CB  1 
ATOM   1440 C CG  . LYS A 1 191 ? -2.257  -15.329 -8.923  1.00 34.14 ? 191 LYS A CG  1 
ATOM   1441 C CD  . LYS A 1 191 ? -1.762  -16.743 -9.199  1.00 34.26 ? 191 LYS A CD  1 
ATOM   1442 C CE  . LYS A 1 191 ? -0.428  -17.014 -8.525  1.00 52.50 ? 191 LYS A CE  1 
ATOM   1443 N NZ  . LYS A 1 191 ? 0.016   -18.422 -8.721  1.00 34.11 ? 191 LYS A NZ  1 
ATOM   1444 N N   . GLU A 1 192 ? -6.641  -14.137 -9.797  1.00 19.73 ? 192 GLU A N   1 
ATOM   1445 C CA  . GLU A 1 192 ? -7.803  -13.959 -10.661 1.00 25.57 ? 192 GLU A CA  1 
ATOM   1446 C C   . GLU A 1 192 ? -8.288  -12.515 -10.645 1.00 19.21 ? 192 GLU A C   1 
ATOM   1447 O O   . GLU A 1 192 ? -8.724  -11.989 -11.674 1.00 19.42 ? 192 GLU A O   1 
ATOM   1448 C CB  . GLU A 1 192 ? -8.925  -14.906 -10.231 1.00 26.06 ? 192 GLU A CB  1 
ATOM   1449 C CG  . GLU A 1 192 ? -8.537  -16.375 -10.234 1.00 26.32 ? 192 GLU A CG  1 
ATOM   1450 C CD  . GLU A 1 192 ? -9.623  -17.266 -9.664  1.00 30.38 ? 192 GLU A CD  1 
ATOM   1451 O OE1 . GLU A 1 192 ? -10.792 -16.827 -9.616  1.00 31.74 ? 192 GLU A OE1 1 
ATOM   1452 O OE2 . GLU A 1 192 ? -9.308  -18.403 -9.257  1.00 31.54 ? 192 GLU A OE2 1 
ATOM   1453 N N   . VAL A 1 193 ? -8.217  -11.859 -9.485  1.00 22.19 ? 193 VAL A N   1 
ATOM   1454 C CA  . VAL A 1 193 ? -8.669  -10.475 -9.385  1.00 22.67 ? 193 VAL A CA  1 
ATOM   1455 C C   . VAL A 1 193 ? -7.755  -9.556  -10.186 1.00 23.01 ? 193 VAL A C   1 
ATOM   1456 O O   . VAL A 1 193 ? -8.221  -8.737  -10.988 1.00 22.28 ? 193 VAL A O   1 
ATOM   1457 C CB  . VAL A 1 193 ? -8.753  -10.042 -7.910  1.00 22.92 ? 193 VAL A CB  1 
ATOM   1458 C CG1 . VAL A 1 193 ? -9.048  -8.555  -7.813  1.00 20.69 ? 193 VAL A CG1 1 
ATOM   1459 C CG2 . VAL A 1 193 ? -9.817  -10.845 -7.183  1.00 19.23 ? 193 VAL A CG2 1 
ATOM   1460 N N   . VAL A 1 194 ? -6.441  -9.676  -9.982  1.00 22.80 ? 194 VAL A N   1 
ATOM   1461 C CA  . VAL A 1 194 ? -5.498  -8.810  -10.685 1.00 18.10 ? 194 VAL A CA  1 
ATOM   1462 C C   . VAL A 1 194 ? -5.540  -9.079  -12.185 1.00 24.02 ? 194 VAL A C   1 
ATOM   1463 O O   . VAL A 1 194 ? -5.449  -8.151  -12.997 1.00 29.21 ? 194 VAL A O   1 
ATOM   1464 C CB  . VAL A 1 194 ? -4.082  -8.990  -10.110 1.00 24.64 ? 194 VAL A CB  1 
ATOM   1465 C CG1 . VAL A 1 194 ? -3.082  -8.139  -10.876 1.00 18.87 ? 194 VAL A CG1 1 
ATOM   1466 C CG2 . VAL A 1 194 ? -4.067  -8.624  -8.634  1.00 19.32 ? 194 VAL A CG2 1 
ATOM   1467 N N   . GLU A 1 195 ? -5.682  -10.347 -12.579 1.00 24.12 ? 195 GLU A N   1 
ATOM   1468 C CA  . GLU A 1 195 ? -5.873  -10.653 -13.992 1.00 22.49 ? 195 GLU A CA  1 
ATOM   1469 C C   . GLU A 1 195 ? -7.212  -10.123 -14.489 1.00 30.84 ? 195 GLU A C   1 
ATOM   1470 O O   . GLU A 1 195 ? -7.322  -9.674  -15.636 1.00 32.77 ? 195 GLU A O   1 
ATOM   1471 C CB  . GLU A 1 195 ? -5.765  -12.161 -14.226 1.00 26.87 ? 195 GLU A CB  1 
ATOM   1472 C CG  . GLU A 1 195 ? -6.042  -12.598 -15.661 1.00 33.12 ? 195 GLU A CG  1 
ATOM   1473 C CD  . GLU A 1 195 ? -5.034  -12.048 -16.655 1.00 36.97 ? 195 GLU A CD  1 
ATOM   1474 O OE1 . GLU A 1 195 ? -3.912  -11.693 -16.237 1.00 37.60 ? 195 GLU A OE1 1 
ATOM   1475 O OE2 . GLU A 1 195 ? -5.365  -11.968 -17.856 1.00 36.22 ? 195 GLU A OE2 1 
ATOM   1476 N N   . GLY A 1 196 ? -8.238  -10.156 -13.637 1.00 25.74 ? 196 GLY A N   1 
ATOM   1477 C CA  . GLY A 1 196 ? -9.525  -9.601  -14.024 1.00 22.09 ? 196 GLY A CA  1 
ATOM   1478 C C   . GLY A 1 196 ? -9.482  -8.094  -14.202 1.00 33.25 ? 196 GLY A C   1 
ATOM   1479 O O   . GLY A 1 196 ? -10.159 -7.542  -15.073 1.00 32.24 ? 196 GLY A O   1 
ATOM   1480 N N   . VAL A 1 197 ? -8.690  -7.407  -13.378 1.00 27.73 ? 197 VAL A N   1 
ATOM   1481 C CA  . VAL A 1 197 ? -8.546  -5.963  -13.532 1.00 21.91 ? 197 VAL A CA  1 
ATOM   1482 C C   . VAL A 1 197 ? -7.775  -5.638  -14.805 1.00 33.73 ? 197 VAL A C   1 
ATOM   1483 O O   . VAL A 1 197 ? -8.069  -4.651  -15.492 1.00 26.75 ? 197 VAL A O   1 
ATOM   1484 C CB  . VAL A 1 197 ? -7.871  -5.361  -12.285 1.00 27.65 ? 197 VAL A CB  1 
ATOM   1485 C CG1 . VAL A 1 197 ? -7.579  -3.883  -12.492 1.00 32.29 ? 197 VAL A CG1 1 
ATOM   1486 C CG2 . VAL A 1 197 ? -8.750  -5.560  -11.058 1.00 15.49 ? 197 VAL A CG2 1 
ATOM   1487 N N   . ALA A 1 198 ? -6.792  -6.471  -15.154 1.00 38.40 ? 198 ALA A N   1 
ATOM   1488 C CA  . ALA A 1 198 ? -5.951  -6.189  -16.311 1.00 30.60 ? 198 ALA A CA  1 
ATOM   1489 C C   . ALA A 1 198 ? -6.668  -6.478  -17.627 1.00 34.73 ? 198 ALA A C   1 
ATOM   1490 O O   . ALA A 1 198 ? -6.532  -5.712  -18.587 1.00 42.51 ? 198 ALA A O   1 
ATOM   1491 C CB  . ALA A 1 198 ? -4.655  -6.995  -16.225 1.00 32.48 ? 198 ALA A CB  1 
ATOM   1492 N N   . ASN A 1 199 ? -7.433  -7.573  -17.697 1.00 37.11 ? 199 ASN A N   1 
ATOM   1493 C CA  . ASN A 1 199 ? -8.038  -7.972  -18.962 1.00 42.66 ? 199 ASN A CA  1 
ATOM   1494 C C   . ASN A 1 199 ? -9.447  -8.540  -18.825 1.00 38.36 ? 199 ASN A C   1 
ATOM   1495 O O   . ASN A 1 199 ? -10.007 -8.997  -19.829 1.00 48.37 ? 199 ASN A O   1 
ATOM   1496 C CB  . ASN A 1 199 ? -7.147  -8.998  -19.675 1.00 32.76 ? 199 ASN A CB  1 
ATOM   1497 C CG  . ASN A 1 199 ? -6.213  -8.357  -20.678 1.00 35.48 ? 199 ASN A CG  1 
ATOM   1498 O OD1 . ASN A 1 199 ? -6.604  -7.455  -21.418 1.00 51.53 ? 199 ASN A OD1 1 
ATOM   1499 N ND2 . ASN A 1 199 ? -4.968  -8.819  -20.707 1.00 56.68 ? 199 ASN A ND2 1 
ATOM   1500 N N   . GLY A 1 200 ? -10.040 -8.527  -17.637 1.00 43.62 ? 200 GLY A N   1 
ATOM   1501 C CA  . GLY A 1 200 ? -11.378 -9.063  -17.461 1.00 40.20 ? 200 GLY A CA  1 
ATOM   1502 C C   . GLY A 1 200 ? -12.473 -8.036  -17.679 1.00 48.14 ? 200 GLY A C   1 
ATOM   1503 O O   . GLY A 1 200 ? -12.203 -6.896  -18.056 1.00 44.57 ? 200 GLY A O   1 
HETATM 1504 O O   . HOH B 2 .   ? -18.746 -6.117  5.093   1.00 40.02 ? 301 HOH A O   1 
HETATM 1505 O O   . HOH B 2 .   ? 10.751  -11.408 4.433   1.00 46.39 ? 302 HOH A O   1 
HETATM 1506 O O   . HOH B 2 .   ? 3.019   9.001   11.286  1.00 38.29 ? 303 HOH A O   1 
HETATM 1507 O O   . HOH B 2 .   ? -5.397  -0.388  -17.263 1.00 51.48 ? 304 HOH A O   1 
HETATM 1508 O O   . HOH B 2 .   ? -18.018 0.273   -6.404  1.00 29.51 ? 305 HOH A O   1 
HETATM 1509 O O   . HOH B 2 .   ? -2.611  -20.593 -8.159  1.00 32.60 ? 306 HOH A O   1 
HETATM 1510 O O   . HOH B 2 .   ? 3.075   -7.341  13.026  1.00 43.31 ? 307 HOH A O   1 
HETATM 1511 O O   . HOH B 2 .   ? 4.944   -14.760 -9.180  1.00 30.09 ? 308 HOH A O   1 
HETATM 1512 O O   . HOH B 2 .   ? 3.091   -0.233  10.920  1.00 35.23 ? 309 HOH A O   1 
HETATM 1513 O O   . HOH B 2 .   ? -14.709 3.920   -3.047  1.00 25.19 ? 310 HOH A O   1 
HETATM 1514 O O   . HOH B 2 .   ? -11.508 -8.534  8.411   1.00 31.29 ? 311 HOH A O   1 
HETATM 1515 O O   . HOH B 2 .   ? -11.557 6.449   -8.608  1.00 32.38 ? 312 HOH A O   1 
HETATM 1516 O O   . HOH B 2 .   ? -1.431  0.227   20.741  1.00 26.33 ? 313 HOH A O   1 
HETATM 1517 O O   . HOH B 2 .   ? -3.105  11.005  13.901  1.00 30.52 ? 314 HOH A O   1 
HETATM 1518 O O   . HOH B 2 .   ? 4.214   -7.856  -12.304 1.00 22.58 ? 315 HOH A O   1 
HETATM 1519 O O   . HOH B 2 .   ? 11.032  9.536   15.104  1.00 31.74 ? 316 HOH A O   1 
HETATM 1520 O O   . HOH B 2 .   ? 7.708   -1.266  -5.754  1.00 25.55 ? 317 HOH A O   1 
HETATM 1521 O O   . HOH B 2 .   ? -8.198  -11.695 2.206   1.00 24.83 ? 318 HOH A O   1 
HETATM 1522 O O   . HOH B 2 .   ? 5.835   12.694  -14.753 1.00 39.48 ? 319 HOH A O   1 
HETATM 1523 O O   . HOH B 2 .   ? -0.020  -9.105  14.997  1.00 36.85 ? 320 HOH A O   1 
HETATM 1524 O O   . HOH B 2 .   ? 2.284   3.883   -16.784 1.00 42.97 ? 321 HOH A O   1 
HETATM 1525 O O   . HOH B 2 .   ? -6.037  -11.899 0.916   1.00 22.51 ? 322 HOH A O   1 
HETATM 1526 O O   . HOH B 2 .   ? 8.178   -11.233 -7.055  1.00 21.52 ? 323 HOH A O   1 
HETATM 1527 O O   . HOH B 2 .   ? 8.224   -15.743 1.248   1.00 33.14 ? 324 HOH A O   1 
HETATM 1528 O O   . HOH B 2 .   ? -9.827  -7.868  10.400  1.00 25.73 ? 325 HOH A O   1 
HETATM 1529 O O   . HOH B 2 .   ? 4.984   -1.214  17.196  1.00 30.02 ? 326 HOH A O   1 
HETATM 1530 O O   . HOH B 2 .   ? 21.306  -9.340  2.697   1.00 41.31 ? 327 HOH A O   1 
HETATM 1531 O O   . HOH B 2 .   ? 0.518   -1.030  10.530  1.00 34.61 ? 328 HOH A O   1 
HETATM 1532 O O   . HOH B 2 .   ? -8.494  7.243   15.157  1.00 44.98 ? 329 HOH A O   1 
HETATM 1533 O O   . HOH B 2 .   ? -4.511  0.229   1.339   1.00 33.81 ? 330 HOH A O   1 
HETATM 1534 O O   . HOH B 2 .   ? -21.821 -14.705 -4.792  1.00 51.96 ? 331 HOH A O   1 
HETATM 1535 O O   . HOH B 2 .   ? -1.866  -1.996  20.951  1.00 52.50 ? 332 HOH A O   1 
HETATM 1536 O O   . HOH B 2 .   ? -1.760  -19.889 -5.710  1.00 22.94 ? 333 HOH A O   1 
HETATM 1537 O O   . HOH B 2 .   ? 7.112   2.274   22.705  1.00 43.42 ? 334 HOH A O   1 
HETATM 1538 O O   . HOH B 2 .   ? 12.628  16.859  -11.486 1.00 52.24 ? 335 HOH A O   1 
HETATM 1539 O O   . HOH B 2 .   ? 15.551  13.024  6.491   1.00 53.41 ? 336 HOH A O   1 
HETATM 1540 O O   . HOH B 2 .   ? -0.646  -14.406 -11.930 1.00 41.07 ? 337 HOH A O   1 
HETATM 1541 O O   . HOH B 2 .   ? -4.290  7.295   17.152  1.00 47.83 ? 338 HOH A O   1 
HETATM 1542 O O   . HOH B 2 .   ? -4.518  3.995   4.039   1.00 44.45 ? 339 HOH A O   1 
# 
